data_9ND2
# 
_entry.id   9ND2 
# 
_audit_conform.dict_name       mmcif_pdbx.dic 
_audit_conform.dict_version    5.403 
_audit_conform.dict_location   http://mmcif.pdb.org/dictionaries/ascii/mmcif_pdbx.dic 
# 
loop_
_database_2.database_id 
_database_2.database_code 
_database_2.pdbx_database_accession 
_database_2.pdbx_DOI 
PDB   9ND2         pdb_00009nd2 10.2210/pdb9nd2/pdb 
WWPDB D_1000293100 ?            ?                   
# 
_pdbx_audit_revision_history.ordinal             1 
_pdbx_audit_revision_history.data_content_type   'Structure model' 
_pdbx_audit_revision_history.major_revision      1 
_pdbx_audit_revision_history.minor_revision      0 
_pdbx_audit_revision_history.revision_date       2025-04-09 
_pdbx_audit_revision_history.part_number         ? 
# 
_pdbx_audit_revision_details.ordinal             1 
_pdbx_audit_revision_details.revision_ordinal    1 
_pdbx_audit_revision_details.data_content_type   'Structure model' 
_pdbx_audit_revision_details.provider            repository 
_pdbx_audit_revision_details.type                'Initial release' 
_pdbx_audit_revision_details.description         ? 
_pdbx_audit_revision_details.details             ? 
# 
_pdbx_database_status.status_code                     REL 
_pdbx_database_status.status_code_sf                  REL 
_pdbx_database_status.status_code_mr                  ? 
_pdbx_database_status.entry_id                        9ND2 
_pdbx_database_status.recvd_initial_deposition_date   2025-02-17 
_pdbx_database_status.SG_entry                        N 
_pdbx_database_status.deposit_site                    RCSB 
_pdbx_database_status.process_site                    RCSB 
_pdbx_database_status.status_code_cs                  ? 
_pdbx_database_status.status_code_nmr_data            ? 
_pdbx_database_status.methods_development_category    ? 
_pdbx_database_status.pdb_format_compatible           Y 
# 
_pdbx_contact_author.id                 2 
_pdbx_contact_author.email              rs17@nyu.edu 
_pdbx_contact_author.name_first         Ruojie 
_pdbx_contact_author.name_last          Sha 
_pdbx_contact_author.name_mi            ? 
_pdbx_contact_author.role               'principal investigator/group leader' 
_pdbx_contact_author.identifier_ORCID   0000-0002-0807-734X 
# 
loop_
_audit_author.name 
_audit_author.pdbx_ordinal 
_audit_author.identifier_ORCID 
'Horvath, A.'   1 0009-0008-5770-8014 
'Vecchioni, S.' 2 0000-0001-8243-650X 
'Woloszyn, K.'  3 0000-0003-1200-583X 
'Ohayon, Y.P.'  4 0000-0001-7500-4282 
'Sha, R.'       5 0000-0002-0807-734X 
# 
_citation.abstract                  ? 
_citation.abstract_id_CAS           ? 
_citation.book_id_ISBN              ? 
_citation.book_publisher            ? 
_citation.book_publisher_city       ? 
_citation.book_title                ? 
_citation.coordinate_linkage        ? 
_citation.country                   ? 
_citation.database_id_Medline       ? 
_citation.details                   ? 
_citation.id                        primary 
_citation.journal_abbrev            'To Be Published' 
_citation.journal_id_ASTM           ? 
_citation.journal_id_CSD            0353 
_citation.journal_id_ISSN           ? 
_citation.journal_full              ? 
_citation.journal_issue             ? 
_citation.journal_volume            ? 
_citation.language                  ? 
_citation.page_first                ? 
_citation.page_last                 ? 
_citation.title                     'Shifted tensegrity triangles' 
_citation.year                      ? 
_citation.database_id_CSD           ? 
_citation.pdbx_database_id_DOI      ? 
_citation.pdbx_database_id_PubMed   ? 
_citation.pdbx_database_id_patent   ? 
_citation.unpublished_flag          ? 
# 
loop_
_citation_author.citation_id 
_citation_author.name 
_citation_author.ordinal 
_citation_author.identifier_ORCID 
primary 'Horvath, A.'   1 0009-0008-5770-8014 
primary 'Vecchioni, S.' 2 0000-0001-8243-650X 
primary 'Woloszyn, K.'  3 0000-0003-1200-583X 
primary 'Ohayon, Y.P.'  4 0000-0001-7500-4282 
primary 'Sha, R.'       5 0000-0002-0807-734X 
# 
loop_
_entity.id 
_entity.type 
_entity.src_method 
_entity.pdbx_description 
_entity.formula_weight 
_entity.pdbx_number_of_molecules 
_entity.pdbx_ec 
_entity.pdbx_mutation 
_entity.pdbx_fragment 
_entity.details 
1 polymer syn 
;DNA (5'-D(P*AP*CP*GP*GP*AP*CP*AP*GP*AP*GP*TP*GP*CP*A)-3')
;
4338.843 1 ? ? ? ? 
2 polymer syn 
;DNA (5'-D(P*CP*AP*CP*AP*CP*CP*GP*T)-3')
;
2371.582 1 ? ? ? ? 
3 polymer syn 
;DNA (5'-D(*AP*GP*TP*G*CP*AP*CP*TP*CP*TP*GP*TP*G)-3')
;
3982.596 1 ? ? ? ? 
4 polymer syn 
;DNA (5'-D(*TP*CP*CP*TP*GP*TP*G)-3')
;
2104.396 1 ? ? ? ? 
# 
loop_
_entity_poly.entity_id 
_entity_poly.type 
_entity_poly.nstd_linkage 
_entity_poly.nstd_monomer 
_entity_poly.pdbx_seq_one_letter_code 
_entity_poly.pdbx_seq_one_letter_code_can 
_entity_poly.pdbx_strand_id 
_entity_poly.pdbx_target_identifier 
1 polydeoxyribonucleotide no no '(DA)(DC)(DG)(DG)(DA)(DC)(DA)(DG)(DA)(DG)(DT)(DG)(DC)(DA)' ACGGACAGAGTGCA A ? 
2 polydeoxyribonucleotide no no '(DC)(DA)(DC)(DA)(DC)(DC)(DG)(DT)'                         CACACCGT       B ? 
3 polydeoxyribonucleotide no no '(DA)(DG)(DT)(DG)(DC)(DA)(DC)(DT)(DC)(DT)(DG)(DT)(DG)'     AGTGCACTCTGTG  D ? 
4 polydeoxyribonucleotide no no '(DT)(DC)(DC)(DT)(DG)(DT)(DG)'                             TCCTGTG        X ? 
# 
loop_
_entity_poly_seq.entity_id 
_entity_poly_seq.num 
_entity_poly_seq.mon_id 
_entity_poly_seq.hetero 
1 1  DA n 
1 2  DC n 
1 3  DG n 
1 4  DG n 
1 5  DA n 
1 6  DC n 
1 7  DA n 
1 8  DG n 
1 9  DA n 
1 10 DG n 
1 11 DT n 
1 12 DG n 
1 13 DC n 
1 14 DA n 
2 1  DC n 
2 2  DA n 
2 3  DC n 
2 4  DA n 
2 5  DC n 
2 6  DC n 
2 7  DG n 
2 8  DT n 
3 1  DA n 
3 2  DG n 
3 3  DT n 
3 4  DG n 
3 5  DC n 
3 6  DA n 
3 7  DC n 
3 8  DT n 
3 9  DC n 
3 10 DT n 
3 11 DG n 
3 12 DT n 
3 13 DG n 
4 1  DT n 
4 2  DC n 
4 3  DC n 
4 4  DT n 
4 5  DG n 
4 6  DT n 
4 7  DG n 
# 
loop_
_pdbx_entity_src_syn.entity_id 
_pdbx_entity_src_syn.pdbx_src_id 
_pdbx_entity_src_syn.pdbx_alt_source_flag 
_pdbx_entity_src_syn.pdbx_beg_seq_num 
_pdbx_entity_src_syn.pdbx_end_seq_num 
_pdbx_entity_src_syn.organism_scientific 
_pdbx_entity_src_syn.organism_common_name 
_pdbx_entity_src_syn.ncbi_taxonomy_id 
_pdbx_entity_src_syn.details 
1 1 sample 1 14 'synthetic construct' ? 32630 ? 
2 1 sample 1 8  'synthetic construct' ? 32630 ? 
3 1 sample 1 13 'synthetic construct' ? 32630 ? 
4 1 sample 1 7  'synthetic construct' ? 32630 ? 
# 
loop_
_chem_comp.id 
_chem_comp.type 
_chem_comp.mon_nstd_flag 
_chem_comp.name 
_chem_comp.pdbx_synonyms 
_chem_comp.formula 
_chem_comp.formula_weight 
DA 'DNA linking' y "2'-DEOXYADENOSINE-5'-MONOPHOSPHATE" ? 'C10 H14 N5 O6 P' 331.222 
DC 'DNA linking' y "2'-DEOXYCYTIDINE-5'-MONOPHOSPHATE"  ? 'C9 H14 N3 O7 P'  307.197 
DG 'DNA linking' y "2'-DEOXYGUANOSINE-5'-MONOPHOSPHATE" ? 'C10 H14 N5 O7 P' 347.221 
DT 'DNA linking' y "THYMIDINE-5'-MONOPHOSPHATE"         ? 'C10 H15 N2 O8 P' 322.208 
# 
loop_
_pdbx_poly_seq_scheme.asym_id 
_pdbx_poly_seq_scheme.entity_id 
_pdbx_poly_seq_scheme.seq_id 
_pdbx_poly_seq_scheme.mon_id 
_pdbx_poly_seq_scheme.ndb_seq_num 
_pdbx_poly_seq_scheme.pdb_seq_num 
_pdbx_poly_seq_scheme.auth_seq_num 
_pdbx_poly_seq_scheme.pdb_mon_id 
_pdbx_poly_seq_scheme.auth_mon_id 
_pdbx_poly_seq_scheme.pdb_strand_id 
_pdbx_poly_seq_scheme.pdb_ins_code 
_pdbx_poly_seq_scheme.hetero 
A 1 1  DA 1  112 112 DA DA A . n 
A 1 2  DC 2  113 113 DC DC A . n 
A 1 3  DG 3  114 114 DG DG A . n 
A 1 4  DG 4  115 115 DG DG A . n 
A 1 5  DA 5  116 116 DA DA A . n 
A 1 6  DC 6  117 117 DC DC A . n 
A 1 7  DA 7  118 118 DA DA A . n 
A 1 8  DG 8  119 119 DG DG A . n 
A 1 9  DA 9  120 120 DA DA A . n 
A 1 10 DG 10 121 121 DG DG A . n 
A 1 11 DT 11 122 122 DT DT A . n 
A 1 12 DG 12 123 123 DG DG A . n 
A 1 13 DC 13 124 124 DC DC A . n 
A 1 14 DA 14 125 125 DA DA A . n 
B 2 1  DC 1  131 131 DC DC B . n 
B 2 2  DA 2  132 132 DA DA B . n 
B 2 3  DC 3  133 133 DC DC B . n 
B 2 4  DA 4  134 134 DA DA B . n 
B 2 5  DC 5  135 135 DC DC B . n 
B 2 6  DC 6  136 136 DC DC B . n 
B 2 7  DG 7  137 137 DG DG B . n 
B 2 8  DT 8  138 138 DT DT B . n 
C 3 1  DA 1  197 197 DA DA D . n 
C 3 2  DG 2  198 198 DG DG D . n 
C 3 3  DT 3  199 199 DT DT D . n 
C 3 4  DG 4  200 200 DG DG D . n 
C 3 5  DC 5  201 201 DC DC D . n 
C 3 6  DA 6  202 202 DA DA D . n 
C 3 7  DC 7  203 203 DC DC D . n 
C 3 8  DT 8  204 204 DT DT D . n 
C 3 9  DC 9  205 205 DC DC D . n 
C 3 10 DT 10 206 206 DT DT D . n 
C 3 11 DG 11 207 207 DG DG D . n 
C 3 12 DT 12 208 208 DT DT D . n 
C 3 13 DG 13 209 209 DG DG D . n 
D 4 1  DT 1  105 105 DT DT X . n 
D 4 2  DC 2  106 106 DC DC X . n 
D 4 3  DC 3  107 107 DC DC X . n 
D 4 4  DT 4  108 108 DT DT X . n 
D 4 5  DG 5  109 109 DG DG X . n 
D 4 6  DT 6  110 110 DT DT X . n 
D 4 7  DG 7  111 111 DG DG X . n 
# 
loop_
_software.citation_id 
_software.classification 
_software.compiler_name 
_software.compiler_version 
_software.contact_author 
_software.contact_author_email 
_software.date 
_software.description 
_software.dependencies 
_software.hardware 
_software.language 
_software.location 
_software.mods 
_software.name 
_software.os 
_software.os_version 
_software.type 
_software.version 
_software.pdbx_ordinal 
? refinement       ? ? ? ? ? ? ? ? ? ? ? PHENIX    ? ? ? 1.20.1_4487 1 
? 'data reduction' ? ? ? ? ? ? ? ? ? ? ? autoPROC  ? ? ? .           2 
? 'data scaling'   ? ? ? ? ? ? ? ? ? ? ? STARANISO ? ? ? .           3 
? phasing          ? ? ? ? ? ? ? ? ? ? ? PHASER    ? ? ? .           4 
# 
_cell.angle_alpha                  90.000 
_cell.angle_alpha_esd              ? 
_cell.angle_beta                   90.000 
_cell.angle_beta_esd               ? 
_cell.angle_gamma                  120.000 
_cell.angle_gamma_esd              ? 
_cell.entry_id                     9ND2 
_cell.details                      ? 
_cell.formula_units_Z              ? 
_cell.length_a                     133.130 
_cell.length_a_esd                 ? 
_cell.length_b                     133.130 
_cell.length_b_esd                 ? 
_cell.length_c                     49.937 
_cell.length_c_esd                 ? 
_cell.volume                       766487.266 
_cell.volume_esd                   ? 
_cell.Z_PDB                        6 
_cell.reciprocal_angle_alpha       ? 
_cell.reciprocal_angle_beta        ? 
_cell.reciprocal_angle_gamma       ? 
_cell.reciprocal_angle_alpha_esd   ? 
_cell.reciprocal_angle_beta_esd    ? 
_cell.reciprocal_angle_gamma_esd   ? 
_cell.reciprocal_length_a          ? 
_cell.reciprocal_length_b          ? 
_cell.reciprocal_length_c          ? 
_cell.reciprocal_length_a_esd      ? 
_cell.reciprocal_length_b_esd      ? 
_cell.reciprocal_length_c_esd      ? 
_cell.pdbx_unique_axis             ? 
_cell.pdbx_esd_method              ? 
# 
_symmetry.entry_id                         9ND2 
_symmetry.cell_setting                     ? 
_symmetry.Int_Tables_number                173 
_symmetry.space_group_name_Hall            'P 6c' 
_symmetry.space_group_name_H-M             'P 63' 
_symmetry.pdbx_full_space_group_name_H-M   ? 
# 
_exptl.absorpt_coefficient_mu     ? 
_exptl.absorpt_correction_T_max   ? 
_exptl.absorpt_correction_T_min   ? 
_exptl.absorpt_correction_type    ? 
_exptl.absorpt_process_details    ? 
_exptl.entry_id                   9ND2 
_exptl.crystals_number            1 
_exptl.details                    ? 
_exptl.method                     'X-RAY DIFFRACTION' 
_exptl.method_details             ? 
# 
_exptl_crystal.colour                       ? 
_exptl_crystal.density_diffrn               ? 
_exptl_crystal.density_Matthews             ? 
_exptl_crystal.density_method               ? 
_exptl_crystal.density_percent_sol          ? 
_exptl_crystal.description                  ? 
_exptl_crystal.F_000                        ? 
_exptl_crystal.id                           1 
_exptl_crystal.preparation                  ? 
_exptl_crystal.size_max                     ? 
_exptl_crystal.size_mid                     ? 
_exptl_crystal.size_min                     ? 
_exptl_crystal.size_rad                     ? 
_exptl_crystal.colour_lustre                ? 
_exptl_crystal.colour_modifier              ? 
_exptl_crystal.colour_primary               ? 
_exptl_crystal.density_meas                 ? 
_exptl_crystal.density_meas_esd             ? 
_exptl_crystal.density_meas_gt              ? 
_exptl_crystal.density_meas_lt              ? 
_exptl_crystal.density_meas_temp            ? 
_exptl_crystal.density_meas_temp_esd        ? 
_exptl_crystal.density_meas_temp_gt         ? 
_exptl_crystal.density_meas_temp_lt         ? 
_exptl_crystal.pdbx_crystal_image_url       ? 
_exptl_crystal.pdbx_crystal_image_format    ? 
_exptl_crystal.pdbx_mosaicity               ? 
_exptl_crystal.pdbx_mosaicity_esd           ? 
_exptl_crystal.pdbx_mosaic_method           ? 
_exptl_crystal.pdbx_mosaic_block_size       ? 
_exptl_crystal.pdbx_mosaic_block_size_esd   ? 
# 
_exptl_crystal_grow.apparatus       ? 
_exptl_crystal_grow.atmosphere      ? 
_exptl_crystal_grow.crystal_id      1 
_exptl_crystal_grow.details         ? 
_exptl_crystal_grow.method          'VAPOR DIFFUSION, HANGING DROP' 
_exptl_crystal_grow.method_ref      ? 
_exptl_crystal_grow.pH              ? 
_exptl_crystal_grow.pressure        ? 
_exptl_crystal_grow.pressure_esd    ? 
_exptl_crystal_grow.seeding         ? 
_exptl_crystal_grow.seeding_ref     ? 
_exptl_crystal_grow.temp_details    '338-293 at 0.4/hr' 
_exptl_crystal_grow.temp_esd        ? 
_exptl_crystal_grow.time            ? 
_exptl_crystal_grow.pdbx_details    '100 mM MOPS, 1.25 M magnesium sulfate' 
_exptl_crystal_grow.pdbx_pH_range   ? 
_exptl_crystal_grow.temp            293 
# 
_diffrn.ambient_environment              ? 
_diffrn.ambient_temp                     100 
_diffrn.ambient_temp_details             ? 
_diffrn.ambient_temp_esd                 ? 
_diffrn.crystal_id                       1 
_diffrn.crystal_support                  ? 
_diffrn.crystal_treatment                ? 
_diffrn.details                          ? 
_diffrn.id                               1 
_diffrn.ambient_pressure                 ? 
_diffrn.ambient_pressure_esd             ? 
_diffrn.ambient_pressure_gt              ? 
_diffrn.ambient_pressure_lt              ? 
_diffrn.ambient_temp_gt                  ? 
_diffrn.ambient_temp_lt                  ? 
_diffrn.pdbx_serial_crystal_experiment   N 
# 
_diffrn_detector.details                      ? 
_diffrn_detector.detector                     PIXEL 
_diffrn_detector.diffrn_id                    1 
_diffrn_detector.type                         'DECTRIS EIGER X 9M' 
_diffrn_detector.area_resol_mean              ? 
_diffrn_detector.dtime                        ? 
_diffrn_detector.pdbx_frames_total            ? 
_diffrn_detector.pdbx_collection_time_total   ? 
_diffrn_detector.pdbx_collection_date         2022-10-16 
_diffrn_detector.pdbx_frequency               ? 
_diffrn_detector.id                           ? 
_diffrn_detector.number_of_axes               ? 
# 
_diffrn_radiation.collimation                      ? 
_diffrn_radiation.diffrn_id                        1 
_diffrn_radiation.filter_edge                      ? 
_diffrn_radiation.inhomogeneity                    ? 
_diffrn_radiation.monochromator                    ? 
_diffrn_radiation.polarisn_norm                    ? 
_diffrn_radiation.polarisn_ratio                   ? 
_diffrn_radiation.probe                            ? 
_diffrn_radiation.type                             ? 
_diffrn_radiation.xray_symbol                      ? 
_diffrn_radiation.wavelength_id                    1 
_diffrn_radiation.pdbx_monochromatic_or_laue_m_l   M 
_diffrn_radiation.pdbx_wavelength_list             ? 
_diffrn_radiation.pdbx_wavelength                  ? 
_diffrn_radiation.pdbx_diffrn_protocol             'SINGLE WAVELENGTH' 
_diffrn_radiation.pdbx_analyzer                    ? 
_diffrn_radiation.pdbx_scattering_type             x-ray 
# 
_diffrn_radiation_wavelength.id           1 
_diffrn_radiation_wavelength.wavelength   1.000010 
_diffrn_radiation_wavelength.wt           1.0 
# 
_diffrn_source.current                     ? 
_diffrn_source.details                     ? 
_diffrn_source.diffrn_id                   1 
_diffrn_source.power                       ? 
_diffrn_source.size                        ? 
_diffrn_source.source                      SYNCHROTRON 
_diffrn_source.target                      ? 
_diffrn_source.type                        'APS BEAMLINE 17-ID' 
_diffrn_source.voltage                     ? 
_diffrn_source.take-off_angle              ? 
_diffrn_source.pdbx_wavelength_list        1.000010 
_diffrn_source.pdbx_wavelength             ? 
_diffrn_source.pdbx_synchrotron_beamline   17-ID 
_diffrn_source.pdbx_synchrotron_site       APS 
# 
_reflns.B_iso_Wilson_estimate                          357.46 
_reflns.entry_id                                       9ND2 
_reflns.data_reduction_details                         ? 
_reflns.data_reduction_method                          ? 
_reflns.d_resolution_high                              6.587 
_reflns.d_resolution_low                               66.565 
_reflns.details                                        ? 
_reflns.limit_h_max                                    ? 
_reflns.limit_h_min                                    ? 
_reflns.limit_k_max                                    ? 
_reflns.limit_k_min                                    ? 
_reflns.limit_l_max                                    ? 
_reflns.limit_l_min                                    ? 
_reflns.number_all                                     ? 
_reflns.number_obs                                     841 
_reflns.observed_criterion                             ? 
_reflns.observed_criterion_F_max                       ? 
_reflns.observed_criterion_F_min                       ? 
_reflns.observed_criterion_I_max                       ? 
_reflns.observed_criterion_I_min                       ? 
_reflns.observed_criterion_sigma_F                     ? 
_reflns.observed_criterion_sigma_I                     ? 
_reflns.percent_possible_obs                           88.2 
_reflns.R_free_details                                 ? 
_reflns.Rmerge_F_all                                   ? 
_reflns.Rmerge_F_obs                                   ? 
_reflns.Friedel_coverage                               ? 
_reflns.number_gt                                      ? 
_reflns.threshold_expression                           ? 
_reflns.pdbx_redundancy                                19.0 
_reflns.pdbx_netI_over_av_sigmaI                       ? 
_reflns.pdbx_netI_over_sigmaI                          9.9 
_reflns.pdbx_res_netI_over_av_sigmaI_2                 ? 
_reflns.pdbx_res_netI_over_sigmaI_2                    ? 
_reflns.pdbx_chi_squared                               ? 
_reflns.pdbx_scaling_rejects                           ? 
_reflns.pdbx_d_res_high_opt                            ? 
_reflns.pdbx_d_res_low_opt                             ? 
_reflns.pdbx_d_res_opt_method                          ? 
_reflns.phase_calculation_details                      ? 
_reflns.pdbx_Rrim_I_all                                ? 
_reflns.pdbx_Rpim_I_all                                ? 
_reflns.pdbx_d_opt                                     ? 
_reflns.pdbx_number_measured_all                       ? 
_reflns.pdbx_diffrn_id                                 1 
_reflns.pdbx_ordinal                                   1 
_reflns.pdbx_CC_half                                   0.998 
_reflns.pdbx_CC_star                                   ? 
_reflns.pdbx_R_split                                   ? 
_reflns.pdbx_Rmerge_I_obs                              ? 
_reflns.pdbx_Rmerge_I_all                              ? 
_reflns.pdbx_Rsym_value                                ? 
_reflns.pdbx_CC_split_method                           ? 
_reflns.pdbx_aniso_diffraction_limit_axis_1_ortho[1]   ? 
_reflns.pdbx_aniso_diffraction_limit_axis_1_ortho[2]   ? 
_reflns.pdbx_aniso_diffraction_limit_axis_1_ortho[3]   ? 
_reflns.pdbx_aniso_diffraction_limit_axis_2_ortho[1]   ? 
_reflns.pdbx_aniso_diffraction_limit_axis_2_ortho[2]   ? 
_reflns.pdbx_aniso_diffraction_limit_axis_2_ortho[3]   ? 
_reflns.pdbx_aniso_diffraction_limit_axis_3_ortho[1]   ? 
_reflns.pdbx_aniso_diffraction_limit_axis_3_ortho[2]   ? 
_reflns.pdbx_aniso_diffraction_limit_axis_3_ortho[3]   ? 
_reflns.pdbx_aniso_diffraction_limit_1                 ? 
_reflns.pdbx_aniso_diffraction_limit_2                 ? 
_reflns.pdbx_aniso_diffraction_limit_3                 ? 
_reflns.pdbx_aniso_B_tensor_eigenvector_1_ortho[1]     ? 
_reflns.pdbx_aniso_B_tensor_eigenvector_1_ortho[2]     ? 
_reflns.pdbx_aniso_B_tensor_eigenvector_1_ortho[3]     ? 
_reflns.pdbx_aniso_B_tensor_eigenvector_2_ortho[1]     ? 
_reflns.pdbx_aniso_B_tensor_eigenvector_2_ortho[2]     ? 
_reflns.pdbx_aniso_B_tensor_eigenvector_2_ortho[3]     ? 
_reflns.pdbx_aniso_B_tensor_eigenvector_3_ortho[1]     ? 
_reflns.pdbx_aniso_B_tensor_eigenvector_3_ortho[2]     ? 
_reflns.pdbx_aniso_B_tensor_eigenvector_3_ortho[3]     ? 
_reflns.pdbx_aniso_B_tensor_eigenvalue_1               ? 
_reflns.pdbx_aniso_B_tensor_eigenvalue_2               ? 
_reflns.pdbx_aniso_B_tensor_eigenvalue_3               ? 
_reflns.pdbx_orthogonalization_convention              ? 
_reflns.pdbx_percent_possible_ellipsoidal              ? 
_reflns.pdbx_percent_possible_spherical                ? 
_reflns.pdbx_percent_possible_ellipsoidal_anomalous    ? 
_reflns.pdbx_percent_possible_spherical_anomalous      ? 
_reflns.pdbx_redundancy_anomalous                      ? 
_reflns.pdbx_CC_half_anomalous                         ? 
_reflns.pdbx_absDiff_over_sigma_anomalous              ? 
_reflns.pdbx_percent_possible_anomalous                ? 
_reflns.pdbx_observed_signal_threshold                 ? 
_reflns.pdbx_signal_type                               ? 
_reflns.pdbx_signal_details                            ? 
_reflns.pdbx_signal_software_id                        ? 
# 
loop_
_reflns_shell.d_res_high 
_reflns_shell.d_res_low 
_reflns_shell.meanI_over_sigI_all 
_reflns_shell.meanI_over_sigI_obs 
_reflns_shell.number_measured_all 
_reflns_shell.number_measured_obs 
_reflns_shell.number_possible 
_reflns_shell.number_unique_all 
_reflns_shell.number_unique_obs 
_reflns_shell.percent_possible_obs 
_reflns_shell.Rmerge_F_all 
_reflns_shell.Rmerge_F_obs 
_reflns_shell.meanI_over_sigI_gt 
_reflns_shell.meanI_over_uI_all 
_reflns_shell.meanI_over_uI_gt 
_reflns_shell.number_measured_gt 
_reflns_shell.number_unique_gt 
_reflns_shell.percent_possible_gt 
_reflns_shell.Rmerge_F_gt 
_reflns_shell.Rmerge_I_gt 
_reflns_shell.pdbx_redundancy 
_reflns_shell.pdbx_chi_squared 
_reflns_shell.pdbx_netI_over_sigmaI_all 
_reflns_shell.pdbx_netI_over_sigmaI_obs 
_reflns_shell.pdbx_Rrim_I_all 
_reflns_shell.pdbx_Rpim_I_all 
_reflns_shell.pdbx_rejects 
_reflns_shell.pdbx_ordinal 
_reflns_shell.pdbx_diffrn_id 
_reflns_shell.pdbx_CC_half 
_reflns_shell.pdbx_CC_star 
_reflns_shell.pdbx_R_split 
_reflns_shell.percent_possible_all 
_reflns_shell.Rmerge_I_all 
_reflns_shell.Rmerge_I_obs 
_reflns_shell.pdbx_Rsym_value 
_reflns_shell.pdbx_percent_possible_ellipsoidal 
_reflns_shell.pdbx_percent_possible_spherical 
_reflns_shell.pdbx_percent_possible_ellipsoidal_anomalous 
_reflns_shell.pdbx_percent_possible_spherical_anomalous 
_reflns_shell.pdbx_redundancy_anomalous 
_reflns_shell.pdbx_CC_half_anomalous 
_reflns_shell.pdbx_absDiff_over_sigma_anomalous 
_reflns_shell.pdbx_percent_possible_anomalous 
6.587  7.732  ? ? ? ? ? ? 209 ? ? ? ? ? ? ? ? ? ? ? ? ? ? ? ? ? ? 1 1 0.325 ? ? ? ? ? ? ? ? ? ? ? ? ? ? 
11.511 66.565 ? ? ? ? ? ? 209 ? ? ? ? ? ? ? ? ? ? ? ? ? ? ? ? ? ? 2 1 0.998 ? ? ? ? ? ? ? ? ? ? ? ? ? ? 
# 
_refine.aniso_B[1][1]                            ? 
_refine.aniso_B[1][2]                            ? 
_refine.aniso_B[1][3]                            ? 
_refine.aniso_B[2][2]                            ? 
_refine.aniso_B[2][3]                            ? 
_refine.aniso_B[3][3]                            ? 
_refine.B_iso_max                                ? 
_refine.B_iso_mean                               592.66 
_refine.B_iso_min                                ? 
_refine.correlation_coeff_Fo_to_Fc               ? 
_refine.correlation_coeff_Fo_to_Fc_free          ? 
_refine.details                                  ? 
_refine.diff_density_max                         ? 
_refine.diff_density_max_esd                     ? 
_refine.diff_density_min                         ? 
_refine.diff_density_min_esd                     ? 
_refine.diff_density_rms                         ? 
_refine.diff_density_rms_esd                     ? 
_refine.entry_id                                 9ND2 
_refine.pdbx_refine_id                           'X-RAY DIFFRACTION' 
_refine.ls_abs_structure_details                 ? 
_refine.ls_abs_structure_Flack                   ? 
_refine.ls_abs_structure_Flack_esd               ? 
_refine.ls_abs_structure_Rogers                  ? 
_refine.ls_abs_structure_Rogers_esd              ? 
_refine.ls_d_res_high                            6.61 
_refine.ls_d_res_low                             57.65 
_refine.ls_extinction_coef                       ? 
_refine.ls_extinction_coef_esd                   ? 
_refine.ls_extinction_expression                 ? 
_refine.ls_extinction_method                     ? 
_refine.ls_goodness_of_fit_all                   ? 
_refine.ls_goodness_of_fit_all_esd               ? 
_refine.ls_goodness_of_fit_obs                   ? 
_refine.ls_goodness_of_fit_obs_esd               ? 
_refine.ls_hydrogen_treatment                    ? 
_refine.ls_matrix_type                           ? 
_refine.ls_number_constraints                    ? 
_refine.ls_number_parameters                     ? 
_refine.ls_number_reflns_all                     ? 
_refine.ls_number_reflns_obs                     794 
_refine.ls_number_reflns_R_free                  29 
_refine.ls_number_reflns_R_work                  765 
_refine.ls_number_restraints                     ? 
_refine.ls_percent_reflns_obs                    77.31 
_refine.ls_percent_reflns_R_free                 3.65 
_refine.ls_R_factor_all                          ? 
_refine.ls_R_factor_obs                          0.2366 
_refine.ls_R_factor_R_free                       0.2627 
_refine.ls_R_factor_R_free_error                 ? 
_refine.ls_R_factor_R_free_error_details         ? 
_refine.ls_R_factor_R_work                       0.2354 
_refine.ls_R_Fsqd_factor_obs                     ? 
_refine.ls_R_I_factor_obs                        ? 
_refine.ls_redundancy_reflns_all                 ? 
_refine.ls_redundancy_reflns_obs                 ? 
_refine.ls_restrained_S_all                      ? 
_refine.ls_restrained_S_obs                      ? 
_refine.ls_shift_over_esd_max                    ? 
_refine.ls_shift_over_esd_mean                   ? 
_refine.ls_structure_factor_coef                 ? 
_refine.ls_weighting_details                     ? 
_refine.ls_weighting_scheme                      ? 
_refine.ls_wR_factor_all                         ? 
_refine.ls_wR_factor_obs                         ? 
_refine.ls_wR_factor_R_free                      ? 
_refine.ls_wR_factor_R_work                      ? 
_refine.occupancy_max                            ? 
_refine.occupancy_min                            ? 
_refine.solvent_model_details                    'FLAT BULK SOLVENT MODEL' 
_refine.solvent_model_param_bsol                 ? 
_refine.solvent_model_param_ksol                 ? 
_refine.correlation_coeff_I_to_Fcsqd_work        ? 
_refine.correlation_coeff_I_to_Fcsqd_free        ? 
_refine.pdbx_R_complete                          ? 
_refine.ls_R_factor_gt                           ? 
_refine.ls_goodness_of_fit_gt                    ? 
_refine.ls_goodness_of_fit_ref                   ? 
_refine.ls_shift_over_su_max                     ? 
_refine.ls_shift_over_su_max_lt                  ? 
_refine.ls_shift_over_su_mean                    ? 
_refine.ls_shift_over_su_mean_lt                 ? 
_refine.pdbx_ls_sigma_I                          ? 
_refine.pdbx_ls_sigma_F                          1.34 
_refine.pdbx_ls_sigma_Fsqd                       ? 
_refine.pdbx_data_cutoff_high_absF               ? 
_refine.pdbx_data_cutoff_high_rms_absF           ? 
_refine.pdbx_data_cutoff_low_absF                ? 
_refine.pdbx_isotropic_thermal_model             ? 
_refine.pdbx_ls_cross_valid_method               'FREE R-VALUE' 
_refine.pdbx_method_to_determine_struct          'MOLECULAR REPLACEMENT' 
_refine.pdbx_starting_model                      ? 
_refine.pdbx_stereochemistry_target_values       'GeoStd + Monomer Library + CDL v1.2' 
_refine.pdbx_R_Free_selection_details            ? 
_refine.pdbx_stereochem_target_val_spec_case     ? 
_refine.pdbx_overall_ESU_R                       ? 
_refine.pdbx_overall_ESU_R_Free                  ? 
_refine.pdbx_solvent_vdw_probe_radii             1.1000 
_refine.pdbx_solvent_ion_probe_radii             ? 
_refine.pdbx_solvent_shrinkage_radii             0.9000 
_refine.pdbx_real_space_R                        ? 
_refine.pdbx_density_correlation                 ? 
_refine.pdbx_pd_number_of_powder_patterns        ? 
_refine.pdbx_pd_number_of_points                 ? 
_refine.pdbx_pd_meas_number_of_points            ? 
_refine.pdbx_pd_proc_ls_prof_R_factor            ? 
_refine.pdbx_pd_proc_ls_prof_wR_factor           ? 
_refine.pdbx_pd_Marquardt_correlation_coeff      ? 
_refine.pdbx_pd_Fsqrd_R_factor                   ? 
_refine.pdbx_pd_ls_matrix_band_width             ? 
_refine.pdbx_overall_phase_error                 38.1469 
_refine.pdbx_overall_SU_R_free_Cruickshank_DPI   ? 
_refine.pdbx_overall_SU_R_free_Blow_DPI          ? 
_refine.pdbx_overall_SU_R_Blow_DPI               ? 
_refine.pdbx_TLS_residual_ADP_flag               ? 
_refine.pdbx_diffrn_id                           1 
_refine.overall_SU_B                             ? 
_refine.overall_SU_ML                            0.9171 
_refine.overall_SU_R_Cruickshank_DPI             ? 
_refine.overall_SU_R_free                        ? 
_refine.overall_FOM_free_R_set                   ? 
_refine.overall_FOM_work_R_set                   ? 
_refine.pdbx_average_fsc_overall                 ? 
_refine.pdbx_average_fsc_work                    ? 
_refine.pdbx_average_fsc_free                    ? 
# 
_refine_hist.pdbx_refine_id                   'X-RAY DIFFRACTION' 
_refine_hist.cycle_id                         LAST 
_refine_hist.details                          ? 
_refine_hist.d_res_high                       6.61 
_refine_hist.d_res_low                        57.65 
_refine_hist.number_atoms_solvent             0 
_refine_hist.number_atoms_total               855 
_refine_hist.number_reflns_all                ? 
_refine_hist.number_reflns_obs                ? 
_refine_hist.number_reflns_R_free             ? 
_refine_hist.number_reflns_R_work             ? 
_refine_hist.R_factor_all                     ? 
_refine_hist.R_factor_obs                     ? 
_refine_hist.R_factor_R_free                  ? 
_refine_hist.R_factor_R_work                  ? 
_refine_hist.pdbx_number_residues_total       ? 
_refine_hist.pdbx_B_iso_mean_ligand           ? 
_refine_hist.pdbx_B_iso_mean_solvent          ? 
_refine_hist.pdbx_number_atoms_protein        0 
_refine_hist.pdbx_number_atoms_nucleic_acid   855 
_refine_hist.pdbx_number_atoms_ligand         0 
_refine_hist.pdbx_number_atoms_lipid          ? 
_refine_hist.pdbx_number_atoms_carb           ? 
_refine_hist.pdbx_pseudo_atom_details         ? 
# 
loop_
_refine_ls_restr.pdbx_refine_id 
_refine_ls_restr.criterion 
_refine_ls_restr.dev_ideal 
_refine_ls_restr.dev_ideal_target 
_refine_ls_restr.number 
_refine_ls_restr.rejects 
_refine_ls_restr.type 
_refine_ls_restr.weight 
_refine_ls_restr.pdbx_restraint_function 
'X-RAY DIFFRACTION' ? 0.0066  ? 956  ? f_bond_d           ? ? 
'X-RAY DIFFRACTION' ? 0.8998  ? 1467 ? f_angle_d          ? ? 
'X-RAY DIFFRACTION' ? 0.0489  ? 166  ? f_chiral_restr     ? ? 
'X-RAY DIFFRACTION' ? 0.0061  ? 42   ? f_plane_restr      ? ? 
'X-RAY DIFFRACTION' ? 40.5091 ? 406  ? f_dihedral_angle_d ? ? 
# 
_refine_ls_shell.pdbx_refine_id                      'X-RAY DIFFRACTION' 
_refine_ls_shell.d_res_high                          6.61 
_refine_ls_shell.d_res_low                           57.65 
_refine_ls_shell.number_reflns_all                   ? 
_refine_ls_shell.number_reflns_obs                   ? 
_refine_ls_shell.number_reflns_R_free                29 
_refine_ls_shell.number_reflns_R_work                765 
_refine_ls_shell.percent_reflns_obs                  77.31 
_refine_ls_shell.percent_reflns_R_free               ? 
_refine_ls_shell.R_factor_all                        ? 
_refine_ls_shell.R_factor_obs                        ? 
_refine_ls_shell.R_factor_R_free_error               ? 
_refine_ls_shell.R_factor_R_work                     0.2354 
_refine_ls_shell.redundancy_reflns_all               ? 
_refine_ls_shell.redundancy_reflns_obs               ? 
_refine_ls_shell.wR_factor_all                       ? 
_refine_ls_shell.wR_factor_obs                       ? 
_refine_ls_shell.wR_factor_R_free                    ? 
_refine_ls_shell.wR_factor_R_work                    ? 
_refine_ls_shell.pdbx_R_complete                     ? 
_refine_ls_shell.correlation_coeff_Fo_to_Fc          ? 
_refine_ls_shell.correlation_coeff_Fo_to_Fc_free     ? 
_refine_ls_shell.correlation_coeff_I_to_Fcsqd_work   ? 
_refine_ls_shell.correlation_coeff_I_to_Fcsqd_free   ? 
_refine_ls_shell.pdbx_total_number_of_bins_used      ? 
_refine_ls_shell.pdbx_phase_error                    ? 
_refine_ls_shell.pdbx_fsc_work                       ? 
_refine_ls_shell.pdbx_fsc_free                       ? 
_refine_ls_shell.R_factor_R_free                     0.2627 
# 
_struct.entry_id                     9ND2 
_struct.title                        
'[1,8,10-2] Shifted tensegrity triangle with an (arm,center,arm) distribution of (1,8,10) base pairs and 2 nt sticky ends' 
_struct.pdbx_model_details           ? 
_struct.pdbx_formula_weight          ? 
_struct.pdbx_formula_weight_method   ? 
_struct.pdbx_model_type_details      ? 
_struct.pdbx_CASP_flag               N 
# 
_struct_keywords.entry_id        9ND2 
_struct_keywords.text            'tensegrity triangle, DNA' 
_struct_keywords.pdbx_keywords   DNA 
# 
loop_
_struct_asym.id 
_struct_asym.pdbx_blank_PDB_chainid_flag 
_struct_asym.pdbx_modified 
_struct_asym.entity_id 
_struct_asym.details 
A N N 1 ? 
B N N 2 ? 
C N N 3 ? 
D N N 4 ? 
# 
loop_
_struct_ref.id 
_struct_ref.db_name 
_struct_ref.db_code 
_struct_ref.pdbx_db_accession 
_struct_ref.pdbx_db_isoform 
_struct_ref.entity_id 
_struct_ref.pdbx_seq_one_letter_code 
_struct_ref.pdbx_align_begin 
1 PDB 9ND2 9ND2 ? 1 ? 1 
2 PDB 9ND2 9ND2 ? 2 ? 1 
3 PDB 9ND2 9ND2 ? 3 ? 1 
4 PDB 9ND2 9ND2 ? 4 ? 1 
# 
loop_
_struct_ref_seq.align_id 
_struct_ref_seq.ref_id 
_struct_ref_seq.pdbx_PDB_id_code 
_struct_ref_seq.pdbx_strand_id 
_struct_ref_seq.seq_align_beg 
_struct_ref_seq.pdbx_seq_align_beg_ins_code 
_struct_ref_seq.seq_align_end 
_struct_ref_seq.pdbx_seq_align_end_ins_code 
_struct_ref_seq.pdbx_db_accession 
_struct_ref_seq.db_align_beg 
_struct_ref_seq.pdbx_db_align_beg_ins_code 
_struct_ref_seq.db_align_end 
_struct_ref_seq.pdbx_db_align_end_ins_code 
_struct_ref_seq.pdbx_auth_seq_align_beg 
_struct_ref_seq.pdbx_auth_seq_align_end 
1 1 9ND2 A 1 ? 14 ? 9ND2 112 ? 125 ? 112 125 
2 2 9ND2 B 1 ? 8  ? 9ND2 131 ? 138 ? 131 138 
3 3 9ND2 D 1 ? 13 ? 9ND2 197 ? 209 ? 197 209 
4 4 9ND2 X 1 ? 7  ? 9ND2 105 ? 111 ? 105 111 
# 
_pdbx_struct_assembly.id                   1 
_pdbx_struct_assembly.details              author_defined_assembly 
_pdbx_struct_assembly.method_details       ? 
_pdbx_struct_assembly.oligomeric_details   dodecameric 
_pdbx_struct_assembly.oligomeric_count     12 
# 
loop_
_pdbx_struct_assembly_gen.assembly_id 
_pdbx_struct_assembly_gen.oper_expression 
_pdbx_struct_assembly_gen.asym_id_list 
1 1 A,B,C,D 
1 2 A,B,C,D 
1 3 A,B,C,D 
# 
_pdbx_struct_assembly_auth_evidence.id                     1 
_pdbx_struct_assembly_auth_evidence.assembly_id            1 
_pdbx_struct_assembly_auth_evidence.experimental_support   'native gel electrophoresis' 
_pdbx_struct_assembly_auth_evidence.details                ? 
# 
loop_
_pdbx_struct_oper_list.id 
_pdbx_struct_oper_list.type 
_pdbx_struct_oper_list.name 
_pdbx_struct_oper_list.symmetry_operation 
_pdbx_struct_oper_list.matrix[1][1] 
_pdbx_struct_oper_list.matrix[1][2] 
_pdbx_struct_oper_list.matrix[1][3] 
_pdbx_struct_oper_list.vector[1] 
_pdbx_struct_oper_list.matrix[2][1] 
_pdbx_struct_oper_list.matrix[2][2] 
_pdbx_struct_oper_list.matrix[2][3] 
_pdbx_struct_oper_list.vector[2] 
_pdbx_struct_oper_list.matrix[3][1] 
_pdbx_struct_oper_list.matrix[3][2] 
_pdbx_struct_oper_list.matrix[3][3] 
_pdbx_struct_oper_list.vector[3] 
1 'identity operation'         1_555 x,y,z       1.0000000000 0.0000000000  0.0000000000  0.0000000000  0.0000000000  1.0000000000  0.0000000000  0.0000000000  0.0000000000  0.0000000000  1.0000000000 0.0000000000  
2 'crystal symmetry operation' 2_545 -y,x-y-1,z  0.0310038586 -0.8281207870 -0.5596916320 32.4573283299 0.5345356560  -0.4594201493 0.7093692684  16.6321483542 -0.8445770499 -0.3211683181 0.4284162908 21.0693167846 
3 'crystal symmetry operation' 3_655 -x+y+1,-x,z 0.0310038586 0.5345356560  -0.8445770499 7.8978826667  -0.8281207870 -0.4594201493 -0.3211683181 41.2865293942 -0.5596916320 0.7093692684  0.4284162908 -2.6586783918 
# 
loop_
_struct_conn.id 
_struct_conn.conn_type_id 
_struct_conn.pdbx_leaving_atom_flag 
_struct_conn.pdbx_PDB_id 
_struct_conn.ptnr1_label_asym_id 
_struct_conn.ptnr1_label_comp_id 
_struct_conn.ptnr1_label_seq_id 
_struct_conn.ptnr1_label_atom_id 
_struct_conn.pdbx_ptnr1_label_alt_id 
_struct_conn.pdbx_ptnr1_PDB_ins_code 
_struct_conn.pdbx_ptnr1_standard_comp_id 
_struct_conn.ptnr1_symmetry 
_struct_conn.ptnr2_label_asym_id 
_struct_conn.ptnr2_label_comp_id 
_struct_conn.ptnr2_label_seq_id 
_struct_conn.ptnr2_label_atom_id 
_struct_conn.pdbx_ptnr2_label_alt_id 
_struct_conn.pdbx_ptnr2_PDB_ins_code 
_struct_conn.ptnr1_auth_asym_id 
_struct_conn.ptnr1_auth_comp_id 
_struct_conn.ptnr1_auth_seq_id 
_struct_conn.ptnr2_auth_asym_id 
_struct_conn.ptnr2_auth_comp_id 
_struct_conn.ptnr2_auth_seq_id 
_struct_conn.ptnr2_symmetry 
_struct_conn.pdbx_ptnr3_label_atom_id 
_struct_conn.pdbx_ptnr3_label_seq_id 
_struct_conn.pdbx_ptnr3_label_comp_id 
_struct_conn.pdbx_ptnr3_label_asym_id 
_struct_conn.pdbx_ptnr3_label_alt_id 
_struct_conn.pdbx_ptnr3_PDB_ins_code 
_struct_conn.details 
_struct_conn.pdbx_dist_value 
_struct_conn.pdbx_value_order 
_struct_conn.pdbx_role 
hydrog1  hydrog ? ? A DA 1  N1 ? ? ? 1_555 B DT 8  N3 ? ? A DA 112 B DT 138 1_555 ? ? ? ? ? ? WATSON-CRICK    ? ? ? 
hydrog2  hydrog ? ? A DA 1  N6 ? ? ? 1_555 B DT 8  O4 ? ? A DA 112 B DT 138 1_555 ? ? ? ? ? ? WATSON-CRICK    ? ? ? 
hydrog3  hydrog ? ? A DC 2  N3 ? ? ? 1_555 B DG 7  N1 ? ? A DC 113 B DG 137 1_555 ? ? ? ? ? ? WATSON-CRICK    ? ? ? 
hydrog4  hydrog ? ? A DC 2  N4 ? ? ? 1_555 B DG 7  O6 ? ? A DC 113 B DG 137 1_555 ? ? ? ? ? ? WATSON-CRICK    ? ? ? 
hydrog5  hydrog ? ? A DC 2  O2 ? ? ? 1_555 B DG 7  N2 ? ? A DC 113 B DG 137 1_555 ? ? ? ? ? ? WATSON-CRICK    ? ? ? 
hydrog6  hydrog ? ? A DG 4  N1 ? ? ? 1_555 B DC 6  N3 ? ? A DG 115 B DC 136 1_555 ? ? ? ? ? ? WATSON-CRICK    ? ? ? 
hydrog7  hydrog ? ? A DG 4  N2 ? ? ? 1_555 B DC 6  O2 ? ? A DG 115 B DC 136 1_555 ? ? ? ? ? ? WATSON-CRICK    ? ? ? 
hydrog8  hydrog ? ? A DG 4  O6 ? ? ? 1_555 B DC 6  N4 ? ? A DG 115 B DC 136 1_555 ? ? ? ? ? ? WATSON-CRICK    ? ? ? 
hydrog9  hydrog ? ? A DA 5  N6 ? ? ? 1_555 B DC 5  N3 ? ? A DA 116 B DC 135 1_555 ? ? ? ? ? ? 'DA-DC MISPAIR' ? ? ? 
hydrog10 hydrog ? ? A DA 5  N6 ? ? ? 1_555 C DT 12 O4 ? ? A DA 116 D DT 208 1_555 ? ? ? ? ? ? 'DA-DT PAIR'    ? ? ? 
hydrog11 hydrog ? ? A DC 6  N3 ? ? ? 1_555 C DG 11 N1 ? ? A DC 117 D DG 207 1_555 ? ? ? ? ? ? WATSON-CRICK    ? ? ? 
hydrog12 hydrog ? ? A DC 6  N4 ? ? ? 1_555 C DG 11 O6 ? ? A DC 117 D DG 207 1_555 ? ? ? ? ? ? WATSON-CRICK    ? ? ? 
hydrog13 hydrog ? ? A DC 6  O2 ? ? ? 1_555 C DG 11 N2 ? ? A DC 117 D DG 207 1_555 ? ? ? ? ? ? WATSON-CRICK    ? ? ? 
hydrog14 hydrog ? ? A DA 7  N1 ? ? ? 1_555 C DT 10 N3 ? ? A DA 118 D DT 206 1_555 ? ? ? ? ? ? WATSON-CRICK    ? ? ? 
hydrog15 hydrog ? ? A DA 7  N6 ? ? ? 1_555 C DT 10 O4 ? ? A DA 118 D DT 206 1_555 ? ? ? ? ? ? WATSON-CRICK    ? ? ? 
hydrog16 hydrog ? ? A DG 8  N1 ? ? ? 1_555 C DC 9  N3 ? ? A DG 119 D DC 205 1_555 ? ? ? ? ? ? WATSON-CRICK    ? ? ? 
hydrog17 hydrog ? ? A DG 8  N2 ? ? ? 1_555 C DC 9  O2 ? ? A DG 119 D DC 205 1_555 ? ? ? ? ? ? WATSON-CRICK    ? ? ? 
hydrog18 hydrog ? ? A DG 8  O6 ? ? ? 1_555 C DC 9  N4 ? ? A DG 119 D DC 205 1_555 ? ? ? ? ? ? WATSON-CRICK    ? ? ? 
hydrog19 hydrog ? ? A DA 9  N1 ? ? ? 1_555 C DT 8  N3 ? ? A DA 120 D DT 204 1_555 ? ? ? ? ? ? WATSON-CRICK    ? ? ? 
hydrog20 hydrog ? ? A DA 9  N6 ? ? ? 1_555 C DT 8  O4 ? ? A DA 120 D DT 204 1_555 ? ? ? ? ? ? WATSON-CRICK    ? ? ? 
hydrog21 hydrog ? ? A DG 10 N1 ? ? ? 1_555 C DC 7  N3 ? ? A DG 121 D DC 203 1_555 ? ? ? ? ? ? WATSON-CRICK    ? ? ? 
hydrog22 hydrog ? ? A DG 10 N2 ? ? ? 1_555 C DC 7  O2 ? ? A DG 121 D DC 203 1_555 ? ? ? ? ? ? WATSON-CRICK    ? ? ? 
hydrog23 hydrog ? ? A DG 10 O6 ? ? ? 1_555 C DC 7  N4 ? ? A DG 121 D DC 203 1_555 ? ? ? ? ? ? WATSON-CRICK    ? ? ? 
hydrog24 hydrog ? ? A DT 11 N3 ? ? ? 1_555 C DA 6  N1 ? ? A DT 122 D DA 202 1_555 ? ? ? ? ? ? WATSON-CRICK    ? ? ? 
hydrog25 hydrog ? ? A DT 11 O4 ? ? ? 1_555 C DA 6  N6 ? ? A DT 122 D DA 202 1_555 ? ? ? ? ? ? WATSON-CRICK    ? ? ? 
hydrog26 hydrog ? ? A DG 12 N1 ? ? ? 1_555 C DC 5  N3 ? ? A DG 123 D DC 201 1_555 ? ? ? ? ? ? WATSON-CRICK    ? ? ? 
hydrog27 hydrog ? ? A DG 12 N2 ? ? ? 1_555 C DC 5  O2 ? ? A DG 123 D DC 201 1_555 ? ? ? ? ? ? WATSON-CRICK    ? ? ? 
hydrog28 hydrog ? ? A DG 12 O6 ? ? ? 1_555 C DC 5  N4 ? ? A DG 123 D DC 201 1_555 ? ? ? ? ? ? WATSON-CRICK    ? ? ? 
hydrog29 hydrog ? ? A DC 13 O2 ? ? ? 1_555 C DG 4  N1 ? ? A DC 124 D DG 200 1_555 ? ? ? ? ? ? 'DC-DG PAIR'    ? ? ? 
hydrog30 hydrog ? ? A DA 14 N1 ? ? ? 1_555 C DT 3  N3 ? ? A DA 125 D DT 199 1_555 ? ? ? ? ? ? WATSON-CRICK    ? ? ? 
hydrog31 hydrog ? ? A DA 14 N6 ? ? ? 1_555 C DT 3  O4 ? ? A DA 125 D DT 199 1_555 ? ? ? ? ? ? WATSON-CRICK    ? ? ? 
hydrog32 hydrog ? ? A DA 14 N1 ? ? ? 1_555 C DG 4  N1 ? ? A DA 125 D DG 200 1_555 ? ? ? ? ? ? TYPE_8_PAIR     ? ? ? 
hydrog33 hydrog ? ? A DA 14 N6 ? ? ? 1_555 C DG 4  O6 ? ? A DA 125 D DG 200 1_555 ? ? ? ? ? ? TYPE_8_PAIR     ? ? ? 
hydrog34 hydrog ? ? B DC 1  N3 ? ? ? 1_555 D DG 7  N1 ? ? B DC 131 X DG 111 1_555 ? ? ? ? ? ? WATSON-CRICK    ? ? ? 
hydrog35 hydrog ? ? B DC 1  N4 ? ? ? 1_555 D DG 7  O6 ? ? B DC 131 X DG 111 1_555 ? ? ? ? ? ? WATSON-CRICK    ? ? ? 
hydrog36 hydrog ? ? B DC 1  O2 ? ? ? 1_555 D DG 7  N2 ? ? B DC 131 X DG 111 1_555 ? ? ? ? ? ? WATSON-CRICK    ? ? ? 
hydrog37 hydrog ? ? B DA 2  N1 ? ? ? 1_555 D DT 6  N3 ? ? B DA 132 X DT 110 1_555 ? ? ? ? ? ? WATSON-CRICK    ? ? ? 
hydrog38 hydrog ? ? B DA 2  N6 ? ? ? 1_555 D DT 6  O4 ? ? B DA 132 X DT 110 1_555 ? ? ? ? ? ? WATSON-CRICK    ? ? ? 
hydrog39 hydrog ? ? B DC 3  N3 ? ? ? 1_555 D DG 5  N1 ? ? B DC 133 X DG 109 1_555 ? ? ? ? ? ? WATSON-CRICK    ? ? ? 
hydrog40 hydrog ? ? B DC 3  N4 ? ? ? 1_555 D DG 5  O6 ? ? B DC 133 X DG 109 1_555 ? ? ? ? ? ? WATSON-CRICK    ? ? ? 
hydrog41 hydrog ? ? B DC 3  O2 ? ? ? 1_555 D DG 5  N2 ? ? B DC 133 X DG 109 1_555 ? ? ? ? ? ? WATSON-CRICK    ? ? ? 
hydrog42 hydrog ? ? B DA 4  N1 ? ? ? 1_555 D DT 4  N3 ? ? B DA 134 X DT 108 1_555 ? ? ? ? ? ? WATSON-CRICK    ? ? ? 
hydrog43 hydrog ? ? B DA 4  N6 ? ? ? 1_555 D DT 4  O4 ? ? B DA 134 X DT 108 1_555 ? ? ? ? ? ? WATSON-CRICK    ? ? ? 
hydrog44 hydrog ? ? C DG 13 N1 ? ? ? 1_555 D DC 3  N3 ? ? D DG 209 X DC 107 1_555 ? ? ? ? ? ? WATSON-CRICK    ? ? ? 
hydrog45 hydrog ? ? C DG 13 N2 ? ? ? 1_555 D DC 3  O2 ? ? D DG 209 X DC 107 1_555 ? ? ? ? ? ? WATSON-CRICK    ? ? ? 
hydrog46 hydrog ? ? C DG 13 O6 ? ? ? 1_555 D DC 3  N4 ? ? D DG 209 X DC 107 1_555 ? ? ? ? ? ? WATSON-CRICK    ? ? ? 
# 
_struct_conn_type.id          hydrog 
_struct_conn_type.criteria    ? 
_struct_conn_type.reference   ? 
# 
_pdbx_entry_details.entry_id                   9ND2 
_pdbx_entry_details.compound_details           ? 
_pdbx_entry_details.source_details             ? 
_pdbx_entry_details.nonpolymer_details         ? 
_pdbx_entry_details.sequence_details           ? 
_pdbx_entry_details.has_ligand_of_interest     ? 
_pdbx_entry_details.has_protein_modification   N 
# 
_pdbx_validate_rmsd_angle.id                         1 
_pdbx_validate_rmsd_angle.PDB_model_num              1 
_pdbx_validate_rmsd_angle.auth_atom_id_1             "O4'" 
_pdbx_validate_rmsd_angle.auth_asym_id_1             A 
_pdbx_validate_rmsd_angle.auth_comp_id_1             DG 
_pdbx_validate_rmsd_angle.auth_seq_id_1              115 
_pdbx_validate_rmsd_angle.PDB_ins_code_1             ? 
_pdbx_validate_rmsd_angle.label_alt_id_1             ? 
_pdbx_validate_rmsd_angle.auth_atom_id_2             "C1'" 
_pdbx_validate_rmsd_angle.auth_asym_id_2             A 
_pdbx_validate_rmsd_angle.auth_comp_id_2             DG 
_pdbx_validate_rmsd_angle.auth_seq_id_2              115 
_pdbx_validate_rmsd_angle.PDB_ins_code_2             ? 
_pdbx_validate_rmsd_angle.label_alt_id_2             ? 
_pdbx_validate_rmsd_angle.auth_atom_id_3             N9 
_pdbx_validate_rmsd_angle.auth_asym_id_3             A 
_pdbx_validate_rmsd_angle.auth_comp_id_3             DG 
_pdbx_validate_rmsd_angle.auth_seq_id_3              115 
_pdbx_validate_rmsd_angle.PDB_ins_code_3             ? 
_pdbx_validate_rmsd_angle.label_alt_id_3             ? 
_pdbx_validate_rmsd_angle.angle_value                111.48 
_pdbx_validate_rmsd_angle.angle_target_value         108.30 
_pdbx_validate_rmsd_angle.angle_deviation            3.18 
_pdbx_validate_rmsd_angle.angle_standard_deviation   0.30 
_pdbx_validate_rmsd_angle.linker_flag                N 
# 
loop_
_space_group_symop.id 
_space_group_symop.operation_xyz 
1 x,y,z        
2 x-y,x,z+1/2  
3 y,-x+y,z+1/2 
4 -y,x-y,z     
5 -x+y,-x,z    
6 -x,-y,z+1/2  
# 
loop_
_pdbx_refine_tls.id 
_pdbx_refine_tls.pdbx_refine_id 
_pdbx_refine_tls.details 
_pdbx_refine_tls.method 
_pdbx_refine_tls.origin_x 
_pdbx_refine_tls.origin_y 
_pdbx_refine_tls.origin_z 
_pdbx_refine_tls.T[1][1] 
_pdbx_refine_tls.T[1][1]_esd 
_pdbx_refine_tls.T[1][2] 
_pdbx_refine_tls.T[1][2]_esd 
_pdbx_refine_tls.T[1][3] 
_pdbx_refine_tls.T[1][3]_esd 
_pdbx_refine_tls.T[2][2] 
_pdbx_refine_tls.T[2][2]_esd 
_pdbx_refine_tls.T[2][3] 
_pdbx_refine_tls.T[2][3]_esd 
_pdbx_refine_tls.T[3][3] 
_pdbx_refine_tls.T[3][3]_esd 
_pdbx_refine_tls.L[1][1] 
_pdbx_refine_tls.L[1][1]_esd 
_pdbx_refine_tls.L[1][2] 
_pdbx_refine_tls.L[1][2]_esd 
_pdbx_refine_tls.L[1][3] 
_pdbx_refine_tls.L[1][3]_esd 
_pdbx_refine_tls.L[2][2] 
_pdbx_refine_tls.L[2][2]_esd 
_pdbx_refine_tls.L[2][3] 
_pdbx_refine_tls.L[2][3]_esd 
_pdbx_refine_tls.L[3][3] 
_pdbx_refine_tls.L[3][3]_esd 
_pdbx_refine_tls.S[1][1] 
_pdbx_refine_tls.S[1][1]_esd 
_pdbx_refine_tls.S[1][2] 
_pdbx_refine_tls.S[1][2]_esd 
_pdbx_refine_tls.S[1][3] 
_pdbx_refine_tls.S[1][3]_esd 
_pdbx_refine_tls.S[2][1] 
_pdbx_refine_tls.S[2][1]_esd 
_pdbx_refine_tls.S[2][2] 
_pdbx_refine_tls.S[2][2]_esd 
_pdbx_refine_tls.S[2][3] 
_pdbx_refine_tls.S[2][3]_esd 
_pdbx_refine_tls.S[3][1] 
_pdbx_refine_tls.S[3][1]_esd 
_pdbx_refine_tls.S[3][2] 
_pdbx_refine_tls.S[3][2]_esd 
_pdbx_refine_tls.S[3][3] 
_pdbx_refine_tls.S[3][3]_esd 
1 'X-RAY DIFFRACTION' ? refined -5.5920909073 1.5957083527  0.6218546029   4.270565970152 ? -2.85090240784 ? -1.653604831897 ? 1.03692382384 ? -0.012479106391 ? 7.70110559269 ? 12.10104052087 ? -5.20468209937 ? -0.12613643671 ? 2.68634223950  ? -0.21137071253 ? -1.46808339632 ? -3.113793356330 ? -3.42180459989 ? -8.95148268084 ? 6.90503879719   ? 4.79244032039  ? -0.17401494307 ? -0.46434575991  ? 4.020981979029 ? 2.10089057533  ? 
2 'X-RAY DIFFRACTION' ? refined 7.5644439689  7.9448176892  -1.75823302755 3.08540740020  ? 1.75988155369  ? -3.22393965455  ? 1.4669300934  ? 3.572539320042  ? 7.08861994220 ? 10.16486620403 ? 1.97314324770  ? 1.26576786595  ? 0.677960319927 ? 0.55383006966  ? 1.16547895767  ? 0.285251626201  ? -0.3856435696  ? -3.25784867564 ? 3.78333535081   ? -1.63302550329 ? 2.01039331072  ? -0.782143417327 ? -0.54437476892 ? -0.42739173581 ? 
3 'X-RAY DIFFRACTION' ? refined -8.4293990914 -5.9365719349 0.8113783683   10.0984734441  ? -1.59892933011 ? -2.11831681788  ? 5.72219522309 ? -0.81031169738  ? 7.6316493124  ? 3.29566222641  ? 6.49037476969  ? -0.30616817637 ? 2.92775647214  ? -3.62345545131 ? 3.21922023866  ? -5.34614555587  ? 11.37602444551 ? 6.9995614840   ? -1.12599416142  ? 3.42955931775  ? 9.31208968204  ? -3.30697112024  ? -4.94155927354 ? -6.6607411804  ? 
4 'X-RAY DIFFRACTION' ? refined 19.2889738607 -1.0846603628 -0.76705039941 4.46771444411  ? 0.399438547833 ? 0.412734570629  ? 5.80142797267 ? -0.246138101175 ? 4.5843284034  ? 5.99202626481  ? -2.83934168587 ? -0.62970233740 ? 5.60198604295  ? -1.48398947737 ? 2.82903356437  ? -3.11658216794  ? 8.3816699726   ? -4.15845242821 ? -1.341220346225 ? 5.459627041056 ? -0.65139438625 ? 3.15295923425   ? 0.84429607290  ? -1.47687488019 ? 
# 
loop_
_pdbx_refine_tls_group.id 
_pdbx_refine_tls_group.pdbx_refine_id 
_pdbx_refine_tls_group.refine_tls_id 
_pdbx_refine_tls_group.beg_label_asym_id 
_pdbx_refine_tls_group.beg_label_seq_id 
_pdbx_refine_tls_group.beg_auth_asym_id 
_pdbx_refine_tls_group.beg_auth_seq_id 
_pdbx_refine_tls_group.beg_PDB_ins_code 
_pdbx_refine_tls_group.end_label_asym_id 
_pdbx_refine_tls_group.end_label_seq_id 
_pdbx_refine_tls_group.end_auth_asym_id 
_pdbx_refine_tls_group.end_auth_seq_id 
_pdbx_refine_tls_group.end_PDB_ins_code 
_pdbx_refine_tls_group.selection 
_pdbx_refine_tls_group.selection_details 
1 'X-RAY DIFFRACTION' 1 A ? A 112 ? A ? A 125 ? ? 
;chain 'A' and (resid 112 through 125 )
;
2 'X-RAY DIFFRACTION' 2 B ? B 131 ? B ? B 138 ? ? 
;chain 'B' and (resid 131 through 138 )
;
3 'X-RAY DIFFRACTION' 3 C ? D 197 ? C ? D 209 ? ? 
;chain 'D' and (resid 197 through 209 )
;
4 'X-RAY DIFFRACTION' 4 D ? X 105 ? D ? X 111 ? ? 
;chain 'X' and (resid 105 through 111 )
;
# 
loop_
_chem_comp_atom.comp_id 
_chem_comp_atom.atom_id 
_chem_comp_atom.type_symbol 
_chem_comp_atom.pdbx_aromatic_flag 
_chem_comp_atom.pdbx_stereo_config 
_chem_comp_atom.pdbx_ordinal 
DA OP3    O N N 1   
DA P      P N N 2   
DA OP1    O N N 3   
DA OP2    O N N 4   
DA "O5'"  O N N 5   
DA "C5'"  C N N 6   
DA "C4'"  C N R 7   
DA "O4'"  O N N 8   
DA "C3'"  C N S 9   
DA "O3'"  O N N 10  
DA "C2'"  C N N 11  
DA "C1'"  C N R 12  
DA N9     N Y N 13  
DA C8     C Y N 14  
DA N7     N Y N 15  
DA C5     C Y N 16  
DA C6     C Y N 17  
DA N6     N N N 18  
DA N1     N Y N 19  
DA C2     C Y N 20  
DA N3     N Y N 21  
DA C4     C Y N 22  
DA HOP3   H N N 23  
DA HOP2   H N N 24  
DA "H5'"  H N N 25  
DA "H5''" H N N 26  
DA "H4'"  H N N 27  
DA "H3'"  H N N 28  
DA "HO3'" H N N 29  
DA "H2'"  H N N 30  
DA "H2''" H N N 31  
DA "H1'"  H N N 32  
DA H8     H N N 33  
DA H61    H N N 34  
DA H62    H N N 35  
DA H2     H N N 36  
DC OP3    O N N 37  
DC P      P N N 38  
DC OP1    O N N 39  
DC OP2    O N N 40  
DC "O5'"  O N N 41  
DC "C5'"  C N N 42  
DC "C4'"  C N R 43  
DC "O4'"  O N N 44  
DC "C3'"  C N S 45  
DC "O3'"  O N N 46  
DC "C2'"  C N N 47  
DC "C1'"  C N R 48  
DC N1     N N N 49  
DC C2     C N N 50  
DC O2     O N N 51  
DC N3     N N N 52  
DC C4     C N N 53  
DC N4     N N N 54  
DC C5     C N N 55  
DC C6     C N N 56  
DC HOP3   H N N 57  
DC HOP2   H N N 58  
DC "H5'"  H N N 59  
DC "H5''" H N N 60  
DC "H4'"  H N N 61  
DC "H3'"  H N N 62  
DC "HO3'" H N N 63  
DC "H2'"  H N N 64  
DC "H2''" H N N 65  
DC "H1'"  H N N 66  
DC H41    H N N 67  
DC H42    H N N 68  
DC H5     H N N 69  
DC H6     H N N 70  
DG OP3    O N N 71  
DG P      P N N 72  
DG OP1    O N N 73  
DG OP2    O N N 74  
DG "O5'"  O N N 75  
DG "C5'"  C N N 76  
DG "C4'"  C N R 77  
DG "O4'"  O N N 78  
DG "C3'"  C N S 79  
DG "O3'"  O N N 80  
DG "C2'"  C N N 81  
DG "C1'"  C N R 82  
DG N9     N Y N 83  
DG C8     C Y N 84  
DG N7     N Y N 85  
DG C5     C Y N 86  
DG C6     C N N 87  
DG O6     O N N 88  
DG N1     N N N 89  
DG C2     C N N 90  
DG N2     N N N 91  
DG N3     N N N 92  
DG C4     C Y N 93  
DG HOP3   H N N 94  
DG HOP2   H N N 95  
DG "H5'"  H N N 96  
DG "H5''" H N N 97  
DG "H4'"  H N N 98  
DG "H3'"  H N N 99  
DG "HO3'" H N N 100 
DG "H2'"  H N N 101 
DG "H2''" H N N 102 
DG "H1'"  H N N 103 
DG H8     H N N 104 
DG H1     H N N 105 
DG H21    H N N 106 
DG H22    H N N 107 
DT OP3    O N N 108 
DT P      P N N 109 
DT OP1    O N N 110 
DT OP2    O N N 111 
DT "O5'"  O N N 112 
DT "C5'"  C N N 113 
DT "C4'"  C N R 114 
DT "O4'"  O N N 115 
DT "C3'"  C N S 116 
DT "O3'"  O N N 117 
DT "C2'"  C N N 118 
DT "C1'"  C N R 119 
DT N1     N N N 120 
DT C2     C N N 121 
DT O2     O N N 122 
DT N3     N N N 123 
DT C4     C N N 124 
DT O4     O N N 125 
DT C5     C N N 126 
DT C7     C N N 127 
DT C6     C N N 128 
DT HOP3   H N N 129 
DT HOP2   H N N 130 
DT "H5'"  H N N 131 
DT "H5''" H N N 132 
DT "H4'"  H N N 133 
DT "H3'"  H N N 134 
DT "HO3'" H N N 135 
DT "H2'"  H N N 136 
DT "H2''" H N N 137 
DT "H1'"  H N N 138 
DT H3     H N N 139 
DT H71    H N N 140 
DT H72    H N N 141 
DT H73    H N N 142 
DT H6     H N N 143 
# 
loop_
_chem_comp_bond.comp_id 
_chem_comp_bond.atom_id_1 
_chem_comp_bond.atom_id_2 
_chem_comp_bond.value_order 
_chem_comp_bond.pdbx_aromatic_flag 
_chem_comp_bond.pdbx_stereo_config 
_chem_comp_bond.pdbx_ordinal 
DA OP3   P      sing N N 1   
DA OP3   HOP3   sing N N 2   
DA P     OP1    doub N N 3   
DA P     OP2    sing N N 4   
DA P     "O5'"  sing N N 5   
DA OP2   HOP2   sing N N 6   
DA "O5'" "C5'"  sing N N 7   
DA "C5'" "C4'"  sing N N 8   
DA "C5'" "H5'"  sing N N 9   
DA "C5'" "H5''" sing N N 10  
DA "C4'" "O4'"  sing N N 11  
DA "C4'" "C3'"  sing N N 12  
DA "C4'" "H4'"  sing N N 13  
DA "O4'" "C1'"  sing N N 14  
DA "C3'" "O3'"  sing N N 15  
DA "C3'" "C2'"  sing N N 16  
DA "C3'" "H3'"  sing N N 17  
DA "O3'" "HO3'" sing N N 18  
DA "C2'" "C1'"  sing N N 19  
DA "C2'" "H2'"  sing N N 20  
DA "C2'" "H2''" sing N N 21  
DA "C1'" N9     sing N N 22  
DA "C1'" "H1'"  sing N N 23  
DA N9    C8     sing Y N 24  
DA N9    C4     sing Y N 25  
DA C8    N7     doub Y N 26  
DA C8    H8     sing N N 27  
DA N7    C5     sing Y N 28  
DA C5    C6     sing Y N 29  
DA C5    C4     doub Y N 30  
DA C6    N6     sing N N 31  
DA C6    N1     doub Y N 32  
DA N6    H61    sing N N 33  
DA N6    H62    sing N N 34  
DA N1    C2     sing Y N 35  
DA C2    N3     doub Y N 36  
DA C2    H2     sing N N 37  
DA N3    C4     sing Y N 38  
DC OP3   P      sing N N 39  
DC OP3   HOP3   sing N N 40  
DC P     OP1    doub N N 41  
DC P     OP2    sing N N 42  
DC P     "O5'"  sing N N 43  
DC OP2   HOP2   sing N N 44  
DC "O5'" "C5'"  sing N N 45  
DC "C5'" "C4'"  sing N N 46  
DC "C5'" "H5'"  sing N N 47  
DC "C5'" "H5''" sing N N 48  
DC "C4'" "O4'"  sing N N 49  
DC "C4'" "C3'"  sing N N 50  
DC "C4'" "H4'"  sing N N 51  
DC "O4'" "C1'"  sing N N 52  
DC "C3'" "O3'"  sing N N 53  
DC "C3'" "C2'"  sing N N 54  
DC "C3'" "H3'"  sing N N 55  
DC "O3'" "HO3'" sing N N 56  
DC "C2'" "C1'"  sing N N 57  
DC "C2'" "H2'"  sing N N 58  
DC "C2'" "H2''" sing N N 59  
DC "C1'" N1     sing N N 60  
DC "C1'" "H1'"  sing N N 61  
DC N1    C2     sing N N 62  
DC N1    C6     sing N N 63  
DC C2    O2     doub N N 64  
DC C2    N3     sing N N 65  
DC N3    C4     doub N N 66  
DC C4    N4     sing N N 67  
DC C4    C5     sing N N 68  
DC N4    H41    sing N N 69  
DC N4    H42    sing N N 70  
DC C5    C6     doub N N 71  
DC C5    H5     sing N N 72  
DC C6    H6     sing N N 73  
DG OP3   P      sing N N 74  
DG OP3   HOP3   sing N N 75  
DG P     OP1    doub N N 76  
DG P     OP2    sing N N 77  
DG P     "O5'"  sing N N 78  
DG OP2   HOP2   sing N N 79  
DG "O5'" "C5'"  sing N N 80  
DG "C5'" "C4'"  sing N N 81  
DG "C5'" "H5'"  sing N N 82  
DG "C5'" "H5''" sing N N 83  
DG "C4'" "O4'"  sing N N 84  
DG "C4'" "C3'"  sing N N 85  
DG "C4'" "H4'"  sing N N 86  
DG "O4'" "C1'"  sing N N 87  
DG "C3'" "O3'"  sing N N 88  
DG "C3'" "C2'"  sing N N 89  
DG "C3'" "H3'"  sing N N 90  
DG "O3'" "HO3'" sing N N 91  
DG "C2'" "C1'"  sing N N 92  
DG "C2'" "H2'"  sing N N 93  
DG "C2'" "H2''" sing N N 94  
DG "C1'" N9     sing N N 95  
DG "C1'" "H1'"  sing N N 96  
DG N9    C8     sing Y N 97  
DG N9    C4     sing Y N 98  
DG C8    N7     doub Y N 99  
DG C8    H8     sing N N 100 
DG N7    C5     sing Y N 101 
DG C5    C6     sing N N 102 
DG C5    C4     doub Y N 103 
DG C6    O6     doub N N 104 
DG C6    N1     sing N N 105 
DG N1    C2     sing N N 106 
DG N1    H1     sing N N 107 
DG C2    N2     sing N N 108 
DG C2    N3     doub N N 109 
DG N2    H21    sing N N 110 
DG N2    H22    sing N N 111 
DG N3    C4     sing N N 112 
DT OP3   P      sing N N 113 
DT OP3   HOP3   sing N N 114 
DT P     OP1    doub N N 115 
DT P     OP2    sing N N 116 
DT P     "O5'"  sing N N 117 
DT OP2   HOP2   sing N N 118 
DT "O5'" "C5'"  sing N N 119 
DT "C5'" "C4'"  sing N N 120 
DT "C5'" "H5'"  sing N N 121 
DT "C5'" "H5''" sing N N 122 
DT "C4'" "O4'"  sing N N 123 
DT "C4'" "C3'"  sing N N 124 
DT "C4'" "H4'"  sing N N 125 
DT "O4'" "C1'"  sing N N 126 
DT "C3'" "O3'"  sing N N 127 
DT "C3'" "C2'"  sing N N 128 
DT "C3'" "H3'"  sing N N 129 
DT "O3'" "HO3'" sing N N 130 
DT "C2'" "C1'"  sing N N 131 
DT "C2'" "H2'"  sing N N 132 
DT "C2'" "H2''" sing N N 133 
DT "C1'" N1     sing N N 134 
DT "C1'" "H1'"  sing N N 135 
DT N1    C2     sing N N 136 
DT N1    C6     sing N N 137 
DT C2    O2     doub N N 138 
DT C2    N3     sing N N 139 
DT N3    C4     sing N N 140 
DT N3    H3     sing N N 141 
DT C4    O4     doub N N 142 
DT C4    C5     sing N N 143 
DT C5    C7     sing N N 144 
DT C5    C6     doub N N 145 
DT C7    H71    sing N N 146 
DT C7    H72    sing N N 147 
DT C7    H73    sing N N 148 
DT C6    H6     sing N N 149 
# 
loop_
_ndb_struct_conf_na.entry_id 
_ndb_struct_conf_na.feature 
9ND2 'double helix'        
9ND2 'b-form double helix' 
# 
loop_
_ndb_struct_na_base_pair.model_number 
_ndb_struct_na_base_pair.i_label_asym_id 
_ndb_struct_na_base_pair.i_label_comp_id 
_ndb_struct_na_base_pair.i_label_seq_id 
_ndb_struct_na_base_pair.i_symmetry 
_ndb_struct_na_base_pair.j_label_asym_id 
_ndb_struct_na_base_pair.j_label_comp_id 
_ndb_struct_na_base_pair.j_label_seq_id 
_ndb_struct_na_base_pair.j_symmetry 
_ndb_struct_na_base_pair.shear 
_ndb_struct_na_base_pair.stretch 
_ndb_struct_na_base_pair.stagger 
_ndb_struct_na_base_pair.buckle 
_ndb_struct_na_base_pair.propeller 
_ndb_struct_na_base_pair.opening 
_ndb_struct_na_base_pair.pair_number 
_ndb_struct_na_base_pair.pair_name 
_ndb_struct_na_base_pair.i_auth_asym_id 
_ndb_struct_na_base_pair.i_auth_seq_id 
_ndb_struct_na_base_pair.i_PDB_ins_code 
_ndb_struct_na_base_pair.j_auth_asym_id 
_ndb_struct_na_base_pair.j_auth_seq_id 
_ndb_struct_na_base_pair.j_PDB_ins_code 
_ndb_struct_na_base_pair.hbond_type_28 
_ndb_struct_na_base_pair.hbond_type_12 
1 A DA 1  1_555 B DT 8  1_555 0.152  -0.359 -1.488 -12.315 -5.559  2.236  1  A_DA112:DT138_B A 112 ? B 138 ? 20 1 
1 A DC 2  1_555 B DG 7  1_555 0.161  -0.358 -0.890 -1.606  -4.033  -2.664 2  A_DC113:DG137_B A 113 ? B 137 ? 19 1 
1 A DG 4  1_555 B DC 6  1_555 -0.294 -0.086 -0.500 -20.838 -21.437 5.589  3  A_DG115:DC136_B A 115 ? B 136 ? 19 1 
1 A DA 5  1_555 B DC 5  1_555 -1.094 -0.489 0.662  -35.103 -18.865 2.972  4  A_DA116:DC135_B A 116 ? B 135 ? ?  1 
1 A DC 6  1_555 C DG 11 1_555 0.217  -0.046 0.168  -1.829  -15.694 1.438  5  A_DC117:DG207_D A 117 ? D 207 ? 19 1 
1 A DA 7  1_555 C DT 10 1_555 0.145  0.009  -0.172 -8.619  -7.692  -4.366 6  A_DA118:DT206_D A 118 ? D 206 ? 20 1 
1 A DG 8  1_555 C DC 9  1_555 -0.201 -0.211 -0.909 -8.261  -4.501  4.134  7  A_DG119:DC205_D A 119 ? D 205 ? 19 1 
1 A DA 9  1_555 C DT 8  1_555 0.104  -0.102 -0.591 -5.964  -8.425  -1.011 8  A_DA120:DT204_D A 120 ? D 204 ? 20 1 
1 A DG 10 1_555 C DC 7  1_555 -0.114 -0.296 -0.347 -3.859  -5.741  -0.531 9  A_DG121:DC203_D A 121 ? D 203 ? 19 1 
1 A DT 11 1_555 C DA 6  1_555 -0.077 -0.296 -0.124 13.206  -9.180  -4.441 10 A_DT122:DA202_D A 122 ? D 202 ? 20 1 
1 A DG 12 1_555 C DC 5  1_555 -1.269 -0.620 -0.550 0.024   -7.464  1.035  11 A_DG123:DC201_D A 123 ? D 201 ? 19 1 
1 A DC 13 1_555 C DG 4  1_555 2.324  -0.643 -0.989 1.484   -6.468  18.088 12 A_DC124:DG200_D A 124 ? D 200 ? ?  1 
1 A DA 14 1_555 C DT 3  1_555 -0.760 -0.328 -0.098 26.009  -7.923  -0.659 13 A_DA125:DT199_D A 125 ? D 199 ? 20 1 
1 B DC 1  1_555 D DG 7  1_555 0.203  -0.170 -0.291 -13.059 -6.512  1.471  14 B_DC131:DG111_X B 131 ? X 111 ? 19 1 
1 B DA 2  1_555 D DT 6  1_555 0.013  -0.252 -0.595 -15.308 1.772   -4.355 15 B_DA132:DT110_X B 132 ? X 110 ? 20 1 
1 B DC 3  1_555 D DG 5  1_555 0.241  -0.430 -1.012 1.047   -2.054  1.466  16 B_DC133:DG109_X B 133 ? X 109 ? 19 1 
1 B DA 4  1_555 D DT 4  1_555 0.238  -0.196 -0.096 -6.801  -3.973  -0.197 17 B_DA134:DT108_X B 134 ? X 108 ? 20 1 
1 C DG 13 1_555 D DC 3  1_555 -0.087 -0.298 0.618  -1.223  0.726   0.047  18 D_DG209:DC107_X D 209 ? X 107 ? 19 1 
# 
loop_
_ndb_struct_na_base_pair_step.model_number 
_ndb_struct_na_base_pair_step.i_label_asym_id_1 
_ndb_struct_na_base_pair_step.i_label_comp_id_1 
_ndb_struct_na_base_pair_step.i_label_seq_id_1 
_ndb_struct_na_base_pair_step.i_symmetry_1 
_ndb_struct_na_base_pair_step.j_label_asym_id_1 
_ndb_struct_na_base_pair_step.j_label_comp_id_1 
_ndb_struct_na_base_pair_step.j_label_seq_id_1 
_ndb_struct_na_base_pair_step.j_symmetry_1 
_ndb_struct_na_base_pair_step.i_label_asym_id_2 
_ndb_struct_na_base_pair_step.i_label_comp_id_2 
_ndb_struct_na_base_pair_step.i_label_seq_id_2 
_ndb_struct_na_base_pair_step.i_symmetry_2 
_ndb_struct_na_base_pair_step.j_label_asym_id_2 
_ndb_struct_na_base_pair_step.j_label_comp_id_2 
_ndb_struct_na_base_pair_step.j_label_seq_id_2 
_ndb_struct_na_base_pair_step.j_symmetry_2 
_ndb_struct_na_base_pair_step.shift 
_ndb_struct_na_base_pair_step.slide 
_ndb_struct_na_base_pair_step.rise 
_ndb_struct_na_base_pair_step.tilt 
_ndb_struct_na_base_pair_step.roll 
_ndb_struct_na_base_pair_step.twist 
_ndb_struct_na_base_pair_step.x_displacement 
_ndb_struct_na_base_pair_step.y_displacement 
_ndb_struct_na_base_pair_step.helical_rise 
_ndb_struct_na_base_pair_step.inclination 
_ndb_struct_na_base_pair_step.tip 
_ndb_struct_na_base_pair_step.helical_twist 
_ndb_struct_na_base_pair_step.step_number 
_ndb_struct_na_base_pair_step.step_name 
_ndb_struct_na_base_pair_step.i_auth_asym_id_1 
_ndb_struct_na_base_pair_step.i_auth_seq_id_1 
_ndb_struct_na_base_pair_step.i_PDB_ins_code_1 
_ndb_struct_na_base_pair_step.j_auth_asym_id_1 
_ndb_struct_na_base_pair_step.j_auth_seq_id_1 
_ndb_struct_na_base_pair_step.j_PDB_ins_code_1 
_ndb_struct_na_base_pair_step.i_auth_asym_id_2 
_ndb_struct_na_base_pair_step.i_auth_seq_id_2 
_ndb_struct_na_base_pair_step.i_PDB_ins_code_2 
_ndb_struct_na_base_pair_step.j_auth_asym_id_2 
_ndb_struct_na_base_pair_step.j_auth_seq_id_2 
_ndb_struct_na_base_pair_step.j_PDB_ins_code_2 
1 A DA 1  1_555 B DT 8  1_555 A DC 2  1_555 B DG 7  1_555 -0.500 0.160  2.903 -5.710  2.488  34.311 -0.074 0.052  2.949 4.175  
9.580   34.855 1  AA_DA112DC113:DG137DT138_BB A 112 ? B 138 ? A 113 ? B 137 ? 
1 A DC 2  1_555 B DG 7  1_555 A DG 4  1_555 B DC 6  1_555 -0.083 2.102  4.970 15.142  13.914 49.707 0.922  1.628  5.127 15.796 
-17.190 53.542 2  AA_DC113DG115:DC136DG137_BB A 113 ? B 137 ? A 115 ? B 136 ? 
1 A DG 4  1_555 B DC 6  1_555 A DA 5  1_555 B DC 5  1_555 -0.591 -0.011 3.425 -15.477 1.558  32.030 -0.268 -1.505 3.348 2.638  
26.207  35.518 3  AA_DG115DA116:DC135DC136_BB A 115 ? B 136 ? A 116 ? B 135 ? 
1 A DA 5  1_555 B DC 5  1_555 A DC 6  1_555 C DG 11 1_555 1.262  -0.562 3.635 -23.495 11.642 40.230 -1.632 -3.450 2.363 15.143 
30.560  47.722 4  AA_DA116DC117:DG207DC135_DB A 116 ? B 135 ? A 117 ? D 207 ? 
1 A DC 6  1_555 C DG 11 1_555 A DA 7  1_555 C DT 10 1_555 -1.919 -0.012 3.293 -4.010  4.140  38.707 -0.533 2.367  3.448 6.204  
6.009   39.117 5  AA_DC117DA118:DT206DG207_DD A 117 ? D 207 ? A 118 ? D 206 ? 
1 A DA 7  1_555 C DT 10 1_555 A DG 8  1_555 C DC 9  1_555 0.697  0.492  3.495 -0.661  0.999  30.352 0.725  -1.472 3.493 1.908  
1.263   30.375 6  AA_DA118DG119:DC205DT206_DD A 118 ? D 206 ? A 119 ? D 205 ? 
1 A DG 8  1_555 C DC 9  1_555 A DA 9  1_555 C DT 8  1_555 -0.197 -0.501 3.115 -7.061  4.041  28.278 -1.811 -1.051 2.977 8.063  
14.089  29.402 7  AA_DG119DA120:DT204DC205_DD A 119 ? D 205 ? A 120 ? D 204 ? 
1 A DA 9  1_555 C DT 8  1_555 A DG 10 1_555 C DC 7  1_555 0.130  -0.816 3.094 -2.771  6.102  31.653 -2.460 -0.686 2.869 11.032 
5.010   32.337 8  AA_DA120DG121:DC203DT204_DD A 120 ? D 204 ? A 121 ? D 203 ? 
1 A DG 10 1_555 C DC 7  1_555 A DT 11 1_555 C DA 6  1_555 0.105  1.297  2.699 -2.079  -1.784 35.085 2.362  -0.426 2.621 -2.955 
3.442   35.188 9  AA_DG121DT122:DA202DC203_DD A 121 ? D 203 ? A 122 ? D 202 ? 
1 A DT 11 1_555 C DA 6  1_555 A DG 12 1_555 C DC 5  1_555 -0.391 0.140  3.319 -2.080  13.159 34.452 -1.615 0.329  3.178 21.259 
3.361   36.865 10 AA_DT122DG123:DC201DA202_DD A 122 ? D 202 ? A 123 ? D 201 ? 
1 A DG 12 1_555 C DC 5  1_555 A DC 13 1_555 C DG 4  1_555 0.989  -0.614 3.216 4.370   4.242  45.358 -1.156 -0.896 3.226 5.472  
-5.637  45.744 11 AA_DG123DC124:DG200DC201_DD A 123 ? D 201 ? A 124 ? D 200 ? 
1 A DC 13 1_555 C DG 4  1_555 A DA 14 1_555 C DT 3  1_555 -0.408 1.042  2.692 -3.015  17.801 1.141  -8.329 -0.674 1.264 85.199 
14.431  18.090 12 AA_DC124DA125:DT199DG200_DD A 124 ? D 200 ? A 125 ? D 199 ? 
1 B DC 1  1_555 D DG 7  1_555 B DA 2  1_555 D DT 6  1_555 -0.259 -0.203 3.540 -3.991  2.653  30.747 -0.928 -0.345 3.515 4.966  
7.470   31.109 13 BB_DC131DA132:DT110DG111_XX B 131 ? X 111 ? B 132 ? X 110 ? 
1 B DA 2  1_555 D DT 6  1_555 B DC 3  1_555 D DG 5  1_555 -0.892 -0.647 3.473 -3.696  6.414  25.252 -3.246 0.910  3.306 14.283 
8.231   26.298 14 BB_DA132DC133:DG109DT110_XX B 132 ? X 110 ? B 133 ? X 109 ? 
1 B DC 3  1_555 D DG 5  1_555 B DA 4  1_555 D DT 4  1_555 -0.678 -0.148 3.434 -3.965  14.080 30.068 -2.730 0.484  3.121 25.340 
7.136   33.364 15 BB_DC133DA134:DT108DG109_XX B 133 ? X 109 ? B 134 ? X 108 ? 
1 B DA 4  1_555 D DT 4  1_555 C DG 13 1_555 D DC 3  1_555 0.605  -0.951 2.867 -5.294  10.752 34.238 -2.773 -1.586 2.356 17.608 
8.670   36.215 16 BD_DA134DG209:DC107DT108_XX B 134 ? X 108 ? D 209 ? X 107 ? 
# 
loop_
_pdbx_audit_support.funding_organization 
_pdbx_audit_support.country 
_pdbx_audit_support.grant_number 
_pdbx_audit_support.ordinal 
'Office of Naval Research (ONR)'                   'United States' N000141912596 1 
'Department of Energy (DOE, United States)'        'United States' DE-SC0007991  2 
'National Science Foundation (NSF, United States)' 'United States' CCF-2106790   3 
'National Science Foundation (NSF, United States)' 'United States' GCR-2317843   4 
# 
_pdbx_initial_refinement_model.id               1 
_pdbx_initial_refinement_model.entity_id_list   ? 
_pdbx_initial_refinement_model.type             'experimental model' 
_pdbx_initial_refinement_model.source_name      PDB 
_pdbx_initial_refinement_model.accession_code   8D93 
_pdbx_initial_refinement_model.details          'tensegrity triangle' 
# 
_space_group.name_H-M_alt     'P 63' 
_space_group.name_Hall        'P 6c' 
_space_group.IT_number        173 
_space_group.crystal_system   hexagonal 
_space_group.id               1 
# 
_atom_sites.entry_id                    9ND2 
_atom_sites.Cartn_transf_matrix[1][1]   ? 
_atom_sites.Cartn_transf_matrix[1][2]   ? 
_atom_sites.Cartn_transf_matrix[1][3]   ? 
_atom_sites.Cartn_transf_matrix[2][1]   ? 
_atom_sites.Cartn_transf_matrix[2][2]   ? 
_atom_sites.Cartn_transf_matrix[2][3]   ? 
_atom_sites.Cartn_transf_matrix[3][1]   ? 
_atom_sites.Cartn_transf_matrix[3][2]   ? 
_atom_sites.Cartn_transf_matrix[3][3]   ? 
_atom_sites.Cartn_transf_vector[1]      ? 
_atom_sites.Cartn_transf_vector[2]      ? 
_atom_sites.Cartn_transf_vector[3]      ? 
_atom_sites.Cartn_transform_axes        ? 
_atom_sites.fract_transf_matrix[1][1]   0.00388381 
_atom_sites.fract_transf_matrix[1][2]   0.00763835 
_atom_sites.fract_transf_matrix[1][3]   0.00134029 
_atom_sites.fract_transf_matrix[2][1]   -0.00307100 
_atom_sites.fract_transf_matrix[2][2]   0.00715600 
_atom_sites.fract_transf_matrix[2][3]   -0.00381858 
_atom_sites.fract_transf_matrix[3][1]   -0.01191450 
_atom_sites.fract_transf_matrix[3][2]   0.00329369 
_atom_sites.fract_transf_matrix[3][3]   0.01575427 
_atom_sites.fract_transf_vector[1]      0.125356 
_atom_sites.fract_transf_vector[2]      -0.406726 
_atom_sites.fract_transf_vector[3]      0.168804 
_atom_sites.solution_primary            ? 
_atom_sites.solution_secondary          ? 
_atom_sites.solution_hydrogens          ? 
_atom_sites.special_details             ? 
# 
loop_
_atom_type.symbol 
_atom_type.scat_dispersion_real 
_atom_type.scat_dispersion_imag 
_atom_type.scat_Cromer_Mann_a1 
_atom_type.scat_Cromer_Mann_a2 
_atom_type.scat_Cromer_Mann_a3 
_atom_type.scat_Cromer_Mann_a4 
_atom_type.scat_Cromer_Mann_b1 
_atom_type.scat_Cromer_Mann_b2 
_atom_type.scat_Cromer_Mann_b3 
_atom_type.scat_Cromer_Mann_b4 
_atom_type.scat_Cromer_Mann_c 
_atom_type.scat_source 
_atom_type.scat_dispersion_source 
C ? ? 5.96793  ? ? ? 14.89577 ? ? ? 0.0 
;1-Gaussian fit: Grosse-Kunstleve RW, Sauter NK, Adams PD: Newsletter of the IUCr Commission on Crystallographic Computing 2004, 3, 22-31.
;
? 
N ? ? 6.96715  ? ? ? 11.43723 ? ? ? 0.0 
;1-Gaussian fit: Grosse-Kunstleve RW, Sauter NK, Adams PD: Newsletter of the IUCr Commission on Crystallographic Computing 2004, 3, 22-31.
;
? 
O ? ? 7.96527  ? ? ? 9.05267  ? ? ? 0.0 
;1-Gaussian fit: Grosse-Kunstleve RW, Sauter NK, Adams PD: Newsletter of the IUCr Commission on Crystallographic Computing 2004, 3, 22-31.
;
? 
P ? ? 14.90797 ? ? ? 11.91318 ? ? ? 0.0 
;1-Gaussian fit: Grosse-Kunstleve RW, Sauter NK, Adams PD: Newsletter of the IUCr Commission on Crystallographic Computing 2004, 3, 22-31.
;
? 
# 
loop_
_atom_site.group_PDB 
_atom_site.id 
_atom_site.type_symbol 
_atom_site.label_atom_id 
_atom_site.label_alt_id 
_atom_site.label_comp_id 
_atom_site.label_asym_id 
_atom_site.label_entity_id 
_atom_site.label_seq_id 
_atom_site.pdbx_PDB_ins_code 
_atom_site.Cartn_x 
_atom_site.Cartn_y 
_atom_site.Cartn_z 
_atom_site.occupancy 
_atom_site.B_iso_or_equiv 
_atom_site.pdbx_formal_charge 
_atom_site.auth_seq_id 
_atom_site.auth_comp_id 
_atom_site.auth_asym_id 
_atom_site.auth_atom_id 
_atom_site.pdbx_PDB_model_num 
ATOM 1   P P     . DA A 1 1  ? 11.60068  18.49413  0.42026   1.000 509.42386 ? 112 DA A P     1 
ATOM 2   O OP1   . DA A 1 1  ? 11.64572  18.66445  1.88427   1.000 514.60172 ? 112 DA A OP1   1 
ATOM 3   O OP2   . DA A 1 1  ? 11.12914  17.21415  -0.13651  1.000 503.72665 ? 112 DA A OP2   1 
ATOM 4   O "O5'" . DA A 1 1  ? 10.68319  19.63968  -0.20423  1.000 502.12952 ? 112 DA A "O5'" 1 
ATOM 5   C "C5'" . DA A 1 1  ? 9.74021   20.31826  0.60841   1.000 498.65527 ? 112 DA A "C5'" 1 
ATOM 6   C "C4'" . DA A 1 1  ? 8.36265   19.68947  0.49249   1.000 488.25433 ? 112 DA A "C4'" 1 
ATOM 7   O "O4'" . DA A 1 1  ? 8.00673   19.55124  -0.89303  1.000 481.94958 ? 112 DA A "O4'" 1 
ATOM 8   C "C3'" . DA A 1 1  ? 8.23511   18.29118  1.09766   1.000 488.20502 ? 112 DA A "C3'" 1 
ATOM 9   O "O3'" . DA A 1 1  ? 7.47109   18.31180  2.33446   1.000 486.66675 ? 112 DA A "O3'" 1 
ATOM 10  C "C2'" . DA A 1 1  ? 7.57067   17.43646  -0.00150  1.000 480.47502 ? 112 DA A "C2'" 1 
ATOM 11  C "C1'" . DA A 1 1  ? 7.11735   18.47320  -1.02376  1.000 475.31636 ? 112 DA A "C1'" 1 
ATOM 12  N N9    . DA A 1 1  ? 7.17341   18.01908  -2.41045  1.000 472.50048 ? 112 DA A N9    1 
ATOM 13  C C8    . DA A 1 1  ? 8.20554   17.36598  -3.01991  1.000 477.78140 ? 112 DA A C8    1 
ATOM 14  N N7    . DA A 1 1  ? 7.99478   17.10880  -4.28857  1.000 474.08439 ? 112 DA A N7    1 
ATOM 15  C C5    . DA A 1 1  ? 6.73854   17.63732  -4.53183  1.000 465.80044 ? 112 DA A C5    1 
ATOM 16  C C6    . DA A 1 1  ? 5.93991   17.68831  -5.69049  1.000 459.10021 ? 112 DA A C6    1 
ATOM 17  N N6    . DA A 1 1  ? 6.31741   17.17451  -6.86610  1.000 459.95732 ? 112 DA A N6    1 
ATOM 18  N N1    . DA A 1 1  ? 4.73117   18.28722  -5.59476  1.000 451.77289 ? 112 DA A N1    1 
ATOM 19  C C2    . DA A 1 1  ? 4.36350   18.80280  -4.41464  1.000 451.23132 ? 112 DA A C2    1 
ATOM 20  N N3    . DA A 1 1  ? 5.02673   18.81311  -3.25932  1.000 457.32608 ? 112 DA A N3    1 
ATOM 21  C C4    . DA A 1 1  ? 6.21912   18.20964  -3.38681  1.000 464.54711 ? 112 DA A C4    1 
ATOM 22  P P     . DC A 1 2  ? 6.28798   19.37425  2.61960   1.000 480.17775 ? 113 DC A P     1 
ATOM 23  O OP1   . DC A 1 2  ? 6.79072   20.76258  2.70701   1.000 485.20424 ? 113 DC A OP1   1 
ATOM 24  O OP2   . DC A 1 2  ? 5.58175   18.85180  3.80519   1.000 478.67750 ? 113 DC A OP2   1 
ATOM 25  O "O5'" . DC A 1 2  ? 5.29529   19.21923  1.37630   1.000 469.71599 ? 113 DC A "O5'" 1 
ATOM 26  C "C5'" . DC A 1 2  ? 4.09178   19.98582  1.32781   1.000 461.97154 ? 113 DC A "C5'" 1 
ATOM 27  C "C4'" . DC A 1 2  ? 2.86537   19.08502  1.35510   1.000 453.68560 ? 113 DC A "C4'" 1 
ATOM 28  O "O4'" . DC A 1 2  ? 2.69386   18.47731  0.05212   1.000 449.51975 ? 113 DC A "O4'" 1 
ATOM 29  C "C3'" . DC A 1 2  ? 2.92917   17.94289  2.37047   1.000 456.38628 ? 113 DC A "C3'" 1 
ATOM 30  O "O3'" . DC A 1 2  ? 1.73474   17.86805  3.14538   1.000 450.68720 ? 113 DC A "O3'" 1 
ATOM 31  C "C2'" . DC A 1 2  ? 3.13663   16.69097  1.52691   1.000 455.64150 ? 113 DC A "C2'" 1 
ATOM 32  C "C1'" . DC A 1 2  ? 2.57097   17.08017  0.16739   1.000 449.21425 ? 113 DC A "C1'" 1 
ATOM 33  N N1    . DC A 1 2  ? 3.31887   16.45677  -0.95050  1.000 451.79637 ? 113 DC A N1    1 
ATOM 34  C C2    . DC A 1 2  ? 2.75761   16.39635  -2.23175  1.000 446.32895 ? 113 DC A C2    1 
ATOM 35  O O2    . DC A 1 2  ? 1.62252   16.85006  -2.42875  1.000 439.17568 ? 113 DC A O2    1 
ATOM 36  N N3    . DC A 1 2  ? 3.46727   15.80810  -3.22576  1.000 449.31865 ? 113 DC A N3    1 
ATOM 37  C C4    . DC A 1 2  ? 4.68011   15.31251  -2.97900  1.000 457.06554 ? 113 DC A C4    1 
ATOM 38  N N4    . DC A 1 2  ? 5.34892   14.75200  -3.98808  1.000 459.88877 ? 113 DC A N4    1 
ATOM 39  C C5    . DC A 1 2  ? 5.26614   15.37365  -1.68679  1.000 462.62446 ? 113 DC A C5    1 
ATOM 40  C C6    . DC A 1 2  ? 4.55848   15.94514  -0.71446  1.000 459.90613 ? 113 DC A C6    1 
ATOM 41  P P     . DG A 1 3  ? 1.82411   17.39049  4.67922   1.000 468.52874 ? 114 DG A P     1 
ATOM 42  O OP1   . DG A 1 3  ? 2.95437   18.12445  5.28649   1.000 478.21226 ? 114 DG A OP1   1 
ATOM 43  O OP2   . DG A 1 3  ? 1.82435   15.90927  4.71960   1.000 468.39680 ? 114 DG A OP2   1 
ATOM 44  O "O5'" . DG A 1 3  ? 0.46166   17.90648  5.33827   1.000 461.67232 ? 114 DG A "O5'" 1 
ATOM 45  C "C5'" . DG A 1 3  ? -0.54410  16.97746  5.69849   1.000 456.04398 ? 114 DG A "C5'" 1 
ATOM 46  C "C4'" . DG A 1 3  ? -1.63716  16.95014  4.65257   1.000 446.78617 ? 114 DG A "C4'" 1 
ATOM 47  O "O4'" . DG A 1 3  ? -1.04725  16.79433  3.33651   1.000 447.45585 ? 114 DG A "O4'" 1 
ATOM 48  C "C3'" . DG A 1 3  ? -2.65372  15.82221  4.80089   1.000 441.75747 ? 114 DG A "C3'" 1 
ATOM 49  O "O3'" . DG A 1 3  ? -3.97376  16.34795  4.52650   1.000 433.54224 ? 114 DG A "O3'" 1 
ATOM 50  C "C2'" . DG A 1 3  ? -2.17532  14.79143  3.76773   1.000 443.29379 ? 114 DG A "C2'" 1 
ATOM 51  C "C1'" . DG A 1 3  ? -1.63363  15.69697  2.67378   1.000 443.48078 ? 114 DG A "C1'" 1 
ATOM 52  N N9    . DG A 1 3  ? -0.61145  15.09570  1.81970   1.000 448.15985 ? 114 DG A N9    1 
ATOM 53  C C8    . DG A 1 3  ? 0.58120   14.53753  2.21299   1.000 456.00336 ? 114 DG A C8    1 
ATOM 54  N N7    . DG A 1 3  ? 1.30527   14.10722  1.21720   1.000 458.70948 ? 114 DG A N7    1 
ATOM 55  C C5    . DG A 1 3  ? 0.55262   14.41625  0.09402   1.000 452.44245 ? 114 DG A C5    1 
ATOM 56  C C6    . DG A 1 3  ? 0.82813   14.19464  -1.27192  1.000 452.23082 ? 114 DG A C6    1 
ATOM 57  O O6    . DG A 1 3  ? 1.82322   13.65972  -1.77776  1.000 457.56236 ? 114 DG A O6    1 
ATOM 58  N N1    . DG A 1 3  ? -0.20337  14.64854  -2.08335  1.000 445.14236 ? 114 DG A N1    1 
ATOM 59  C C2    . DG A 1 3  ? -1.34956  15.25381  -1.63532  1.000 438.92652 ? 114 DG A C2    1 
ATOM 60  N N2    . DG A 1 3  ? -2.23000  15.63267  -2.57485  1.000 432.76455 ? 114 DG A N2    1 
ATOM 61  N N3    . DG A 1 3  ? -1.61893  15.47255  -0.35692  1.000 438.94733 ? 114 DG A N3    1 
ATOM 62  C C4    . DG A 1 3  ? -0.62563  15.02890  0.44763   1.000 445.92705 ? 114 DG A C4    1 
ATOM 63  P P     . DG A 1 4  ? -5.15402  15.44722  3.90357   1.000 464.88465 ? 115 DG A P     1 
ATOM 64  O OP1   . DG A 1 4  ? -6.39205  16.25050  4.04246   1.000 457.95716 ? 115 DG A OP1   1 
ATOM 65  O OP2   . DG A 1 4  ? -5.11865  14.07738  4.46965   1.000 468.11314 ? 115 DG A OP2   1 
ATOM 66  O "O5'" . DG A 1 4  ? -4.78983  15.37279  2.35148   1.000 464.36612 ? 115 DG A "O5'" 1 
ATOM 67  C "C5'" . DG A 1 4  ? -5.80624  15.23162  1.39623   1.000 458.47439 ? 115 DG A "C5'" 1 
ATOM 68  C "C4'" . DG A 1 4  ? -5.43121  14.17967  0.37702   1.000 460.93423 ? 115 DG A "C4'" 1 
ATOM 69  O "O4'" . DG A 1 4  ? -4.00289  13.98126  0.36235   1.000 467.78251 ? 115 DG A "O4'" 1 
ATOM 70  C "C3'" . DG A 1 4  ? -6.00585  12.78406  0.63587   1.000 462.00102 ? 115 DG A "C3'" 1 
ATOM 71  O "O3'" . DG A 1 4  ? -7.24522  12.57009  -0.10162  1.000 456.98976 ? 115 DG A "O3'" 1 
ATOM 72  C "C2'" . DG A 1 4  ? -4.87438  11.82326  0.19892   1.000 468.55189 ? 115 DG A "C2'" 1 
ATOM 73  C "C1'" . DG A 1 4  ? -3.79991  12.78267  -0.32542  1.000 470.32509 ? 115 DG A "C1'" 1 
ATOM 74  N N9    . DG A 1 4  ? -2.42138  12.30203  -0.17256  1.000 477.75157 ? 115 DG A N9    1 
ATOM 75  C C8    . DG A 1 4  ? -1.71592  12.07620  0.98778   1.000 482.85493 ? 115 DG A C8    1 
ATOM 76  N N7    . DG A 1 4  ? -0.50459  11.61800  0.77434   1.000 489.28084 ? 115 DG A N7    1 
ATOM 77  C C5    . DG A 1 4  ? -0.41908  11.52062  -0.61254  1.000 488.26108 ? 115 DG A C5    1 
ATOM 78  C C6    . DG A 1 4  ? 0.64619   11.08945  -1.45052  1.000 493.35711 ? 115 DG A C6    1 
ATOM 79  O O6    . DG A 1 4  ? 1.77726   10.69899  -1.13633  1.000 500.00359 ? 115 DG A O6    1 
ATOM 80  N N1    . DG A 1 4  ? 0.30567   11.17575  -2.80016  1.000 490.24404 ? 115 DG A N1    1 
ATOM 81  C C2    . DG A 1 4  ? -0.90614  11.60826  -3.27953  1.000 483.21663 ? 115 DG A C2    1 
ATOM 82  N N2    . DG A 1 4  ? -1.06419  11.60820  -4.61294  1.000 481.46201 ? 115 DG A N2    1 
ATOM 83  N N3    . DG A 1 4  ? -1.89386  12.02036  -2.51238  1.000 478.43462 ? 115 DG A N3    1 
ATOM 84  C C4    . DG A 1 4  ? -1.58281  11.95351  -1.19800  1.000 481.26856 ? 115 DG A C4    1 
ATOM 85  P P     . DA A 1 5  ? -7.49017  13.18212  -1.57405  1.000 448.99090 ? 116 DA A P     1 
ATOM 86  O OP1   . DA A 1 5  ? -7.75590  14.63666  -1.48043  1.000 444.22529 ? 116 DA A OP1   1 
ATOM 87  O OP2   . DA A 1 5  ? -8.52022  12.33464  -2.20891  1.000 447.21581 ? 116 DA A OP2   1 
ATOM 88  O "O5'" . DA A 1 5  ? -6.11926  12.89827  -2.34769  1.000 454.40506 ? 116 DA A "O5'" 1 
ATOM 89  C "C5'" . DA A 1 5  ? -5.88725  13.44160  -3.63063  1.000 452.89966 ? 116 DA A "C5'" 1 
ATOM 90  C "C4'" . DA A 1 5  ? -5.62752  12.33583  -4.63299  1.000 456.16023 ? 116 DA A "C4'" 1 
ATOM 91  O "O4'" . DA A 1 5  ? -4.36962  11.67468  -4.32390  1.000 463.25182 ? 116 DA A "O4'" 1 
ATOM 92  C "C3'" . DA A 1 5  ? -6.68573  11.23426  -4.65387  1.000 455.38684 ? 116 DA A "C3'" 1 
ATOM 93  O "O3'" . DA A 1 5  ? -6.98194  10.88838  -5.99277  1.000 454.69553 ? 116 DA A "O3'" 1 
ATOM 94  C "C2'" . DA A 1 5  ? -6.00815  10.08366  -3.90725  1.000 462.02588 ? 116 DA A "C2'" 1 
ATOM 95  C "C1'" . DA A 1 5  ? -4.56516  10.28031  -4.32899  1.000 466.48137 ? 116 DA A "C1'" 1 
ATOM 96  N N9    . DA A 1 5  ? -3.59212  9.67056   -3.42876  1.000 472.66849 ? 116 DA A N9    1 
ATOM 97  C C8    . DA A 1 5  ? -3.51915  9.81444   -2.07537  1.000 473.49879 ? 116 DA A C8    1 
ATOM 98  N N7    . DA A 1 5  ? -2.51994  9.16347   -1.52553  1.000 480.15352 ? 116 DA A N7    1 
ATOM 99  C C5    . DA A 1 5  ? -1.91233  8.52904   -2.59213  1.000 483.28001 ? 116 DA A C5    1 
ATOM 100 C C6    . DA A 1 5  ? -0.80772  7.66531   -2.67566  1.000 490.24293 ? 116 DA A C6    1 
ATOM 101 N N6    . DA A 1 5  ? -0.08817  7.28576   -1.61488  1.000 495.03718 ? 116 DA A N6    1 
ATOM 102 N N1    . DA A 1 5  ? -0.47038  7.20308   -3.89496  1.000 492.28544 ? 116 DA A N1    1 
ATOM 103 C C2    . DA A 1 5  ? -1.18895  7.58677   -4.95332  1.000 487.68902 ? 116 DA A C2    1 
ATOM 104 N N3    . DA A 1 5  ? -2.24231  8.39352   -4.99962  1.000 480.97464 ? 116 DA A N3    1 
ATOM 105 C C4    . DA A 1 5  ? -2.55960  8.83135   -3.77404  1.000 479.03477 ? 116 DA A C4    1 
ATOM 106 P P     . DC A 1 6  ? -8.06812  9.75021   -6.31188  1.000 493.70717 ? 117 DC A P     1 
ATOM 107 O OP1   . DC A 1 6  ? -8.57321  9.99270   -7.68389  1.000 477.51906 ? 117 DC A OP1   1 
ATOM 108 O OP2   . DC A 1 6  ? -9.01547  9.69511   -5.17628  1.000 498.35723 ? 117 DC A OP2   1 
ATOM 109 O "O5'" . DC A 1 6  ? -7.20938  8.40025   -6.30937  1.000 506.02628 ? 117 DC A "O5'" 1 
ATOM 110 C "C5'" . DC A 1 6  ? -6.05861  8.31819   -7.12517  1.000 504.03183 ? 117 DC A "C5'" 1 
ATOM 111 C "C4'" . DC A 1 6  ? -5.25430  7.05986   -6.84360  1.000 518.15376 ? 117 DC A "C4'" 1 
ATOM 112 O "O4'" . DC A 1 6  ? -4.57774  7.15146   -5.56938  1.000 535.04784 ? 117 DC A "O4'" 1 
ATOM 113 C "C3'" . DC A 1 6  ? -6.04163  5.74149   -6.80497  1.000 519.97111 ? 117 DC A "C3'" 1 
ATOM 114 O "O3'" . DC A 1 6  ? -5.42892  4.84667   -7.70270  1.000 518.33953 ? 117 DC A "O3'" 1 
ATOM 115 C "C2'" . DC A 1 6  ? -5.86633  5.26820   -5.34812  1.000 539.95586 ? 117 DC A "C2'" 1 
ATOM 116 C "C1'" . DC A 1 6  ? -4.50197  5.85177   -5.04969  1.000 547.17492 ? 117 DC A "C1'" 1 
ATOM 117 N N1    . DC A 1 6  ? -4.10095  5.92256   -3.60198  1.000 559.11939 ? 117 DC A N1    1 
ATOM 118 C C2    . DC A 1 6  ? -3.00740  5.16360   -3.15777  1.000 568.93063 ? 117 DC A C2    1 
ATOM 119 O O2    . DC A 1 6  ? -2.42300  4.42342   -3.95416  1.000 569.98870 ? 117 DC A O2    1 
ATOM 120 N N3    . DC A 1 6  ? -2.62605  5.25056   -1.85924  1.000 574.08173 ? 117 DC A N3    1 
ATOM 121 C C4    . DC A 1 6  ? -3.27819  6.05750   -1.02634  1.000 568.81418 ? 117 DC A C4    1 
ATOM 122 N N4    . DC A 1 6  ? -2.85674  6.10788   0.24406   1.000 570.29248 ? 117 DC A N4    1 
ATOM 123 C C5    . DC A 1 6  ? -4.39498  6.84182   -1.45657  1.000 559.31050 ? 117 DC A C5    1 
ATOM 124 C C6    . DC A 1 6  ? -4.75897  6.75465   -2.74447  1.000 555.10541 ? 117 DC A C6    1 
ATOM 125 P P     . DA A 1 7  ? -6.29576  3.82649   -8.58350  1.000 540.96240 ? 118 DA A P     1 
ATOM 126 O OP1   . DA A 1 7  ? -6.68673  4.52228   -9.82924  1.000 534.05063 ? 118 DA A OP1   1 
ATOM 127 O OP2   . DA A 1 7  ? -7.33076  3.23994   -7.70560  1.000 544.78679 ? 118 DA A OP2   1 
ATOM 128 O "O5'" . DA A 1 7  ? -5.23617  2.68559   -8.93675  1.000 553.23838 ? 118 DA A "O5'" 1 
ATOM 129 C "C5'" . DA A 1 7  ? -4.14080  2.45800   -8.05696  1.000 560.00643 ? 118 DA A "C5'" 1 
ATOM 130 C "C4'" . DA A 1 7  ? -3.47831  1.12629   -8.34396  1.000 572.72227 ? 118 DA A "C4'" 1 
ATOM 131 O "O4'" . DA A 1 7  ? -2.73056  0.69648   -7.18652  1.000 581.41365 ? 118 DA A "O4'" 1 
ATOM 132 C "C3'" . DA A 1 7  ? -4.42956  -0.01277  -8.61423  1.000 580.38570 ? 118 DA A "C3'" 1 
ATOM 133 O "O3'" . DA A 1 7  ? -3.75974  -1.00532  -9.44579  1.000 588.95833 ? 118 DA A "O3'" 1 
ATOM 134 C "C2'" . DA A 1 7  ? -4.78390  -0.49533  -7.19627  1.000 588.07951 ? 118 DA A "C2'" 1 
ATOM 135 C "C1'" . DA A 1 7  ? -3.54147  -0.13086  -6.37226  1.000 589.52789 ? 118 DA A "C1'" 1 
ATOM 136 N N9    . DA A 1 7  ? -3.81226  0.59555   -5.12481  1.000 586.40105 ? 118 DA A N9    1 
ATOM 137 C C8    . DA A 1 7  ? -4.69624  1.62530   -4.93710  1.000 575.60309 ? 118 DA A C8    1 
ATOM 138 N N7    . DA A 1 7  ? -4.69409  2.11262   -3.71670  1.000 575.82313 ? 118 DA A N7    1 
ATOM 139 C C5    . DA A 1 7  ? -3.73537  1.35893   -3.05652  1.000 587.44424 ? 118 DA A C5    1 
ATOM 140 C C6    . DA A 1 7  ? -3.25565  1.38152   -1.72607  1.000 593.97876 ? 118 DA A C6    1 
ATOM 141 N N6    . DA A 1 7  ? -3.70702  2.22797   -0.79662  1.000 589.50782 ? 118 DA A N6    1 
ATOM 142 N N1    . DA A 1 7  ? -2.29201  0.49290   -1.38858  1.000 605.90504 ? 118 DA A N1    1 
ATOM 143 C C2    . DA A 1 7  ? -1.84378  -0.35568  -2.32631  1.000 610.82606 ? 118 DA A C2    1 
ATOM 144 N N3    . DA A 1 7  ? -2.21701  -0.46889  -3.60559  1.000 605.77007 ? 118 DA A N3    1 
ATOM 145 C C4    . DA A 1 7  ? -3.17457  0.42634   -3.91062  1.000 593.94934 ? 118 DA A C4    1 
ATOM 146 P P     . DG A 1 8  ? -3.68481  -2.57071  -9.07583  1.000 540.40165 ? 119 DG A P     1 
ATOM 147 O OP1   . DG A 1 8  ? -3.08049  -3.23779  -10.24868 1.000 545.73015 ? 119 DG A OP1   1 
ATOM 148 O OP2   . DG A 1 8  ? -5.00158  -3.05736  -8.60860  1.000 540.52147 ? 119 DG A OP2   1 
ATOM 149 O "O5'" . DG A 1 8  ? -2.60179  -2.63883  -7.90316  1.000 543.34493 ? 119 DG A "O5'" 1 
ATOM 150 C "C5'" . DG A 1 8  ? -1.93979  -3.85517  -7.61470  1.000 551.86446 ? 119 DG A "C5'" 1 
ATOM 151 C "C4'" . DG A 1 8  ? -2.55564  -4.51235  -6.39995  1.000 554.71481 ? 119 DG A "C4'" 1 
ATOM 152 O "O4'" . DG A 1 8  ? -2.86052  -3.50587  -5.42242  1.000 548.42448 ? 119 DG A "O4'" 1 
ATOM 153 C "C3'" . DG A 1 8  ? -3.88751  -5.20473  -6.65361  1.000 556.52035 ? 119 DG A "C3'" 1 
ATOM 154 O "O3'" . DG A 1 8  ? -3.69392  -6.59684  -7.04236  1.000 565.80789 ? 119 DG A "O3'" 1 
ATOM 155 C "C2'" . DG A 1 8  ? -4.65747  -5.03852  -5.33225  1.000 554.94389 ? 119 DG A "C2'" 1 
ATOM 156 C "C1'" . DG A 1 8  ? -3.81135  -4.03593  -4.53589  1.000 550.39554 ? 119 DG A "C1'" 1 
ATOM 157 N N9    . DG A 1 8  ? -4.58293  -2.94114  -3.93739  1.000 542.77297 ? 119 DG A N9    1 
ATOM 158 C C8    . DG A 1 8  ? -5.55339  -2.17442  -4.53418  1.000 536.00036 ? 119 DG A C8    1 
ATOM 159 N N7    . DG A 1 8  ? -6.06633  -1.27114  -3.73945  1.000 530.34312 ? 119 DG A N7    1 
ATOM 160 C C5    . DG A 1 8  ? -5.39964  -1.46140  -2.53578  1.000 533.73590 ? 119 DG A C5    1 
ATOM 161 C C6    . DG A 1 8  ? -5.52841  -0.78496  -1.29632  1.000 530.89443 ? 119 DG A C6    1 
ATOM 162 O O6    . DG A 1 8  ? -6.28297  0.15273   -0.99911  1.000 524.55357 ? 119 DG A O6    1 
ATOM 163 N N1    . DG A 1 8  ? -4.65636  -1.30059  -0.33835  1.000 536.55810 ? 119 DG A N1    1 
ATOM 164 C C2    . DG A 1 8  ? -3.77475  -2.33791  -0.55423  1.000 543.87701 ? 119 DG A C2    1 
ATOM 165 N N2    . DG A 1 8  ? -3.00878  -2.70519  0.48315   1.000 548.68060 ? 119 DG A N2    1 
ATOM 166 N N3    . DG A 1 8  ? -3.65091  -2.97372  -1.70678  1.000 546.57974 ? 119 DG A N3    1 
ATOM 167 C C4    . DG A 1 8  ? -4.48198  -2.48295  -2.64890  1.000 541.28116 ? 119 DG A C4    1 
ATOM 168 P P     . DA A 1 9  ? -3.19481  -7.72784  -6.00644  1.000 546.99013 ? 120 DA A P     1 
ATOM 169 O OP1   . DA A 1 9  ? -2.00739  -7.22828  -5.28025  1.000 545.71859 ? 120 DA A OP1   1 
ATOM 170 O OP2   . DA A 1 9  ? -3.03785  -8.96807  -6.79657  1.000 555.50117 ? 120 DA A OP2   1 
ATOM 171 O "O5'" . DA A 1 9  ? -4.45735  -7.96856  -5.04245  1.000 547.87343 ? 120 DA A "O5'" 1 
ATOM 172 C "C5'" . DA A 1 9  ? -4.33339  -8.75250  -3.86073  1.000 554.96930 ? 120 DA A "C5'" 1 
ATOM 173 C "C4'" . DA A 1 9  ? -3.46102  -8.04282  -2.84854  1.000 551.72523 ? 120 DA A "C4'" 1 
ATOM 174 O "O4'" . DA A 1 9  ? -3.91648  -6.66941  -2.69078  1.000 541.69619 ? 120 DA A "O4'" 1 
ATOM 175 C "C3'" . DA A 1 9  ? -3.48332  -8.61335  -1.44454  1.000 557.99882 ? 120 DA A "C3'" 1 
ATOM 176 O "O3'" . DA A 1 9  ? -2.27309  -8.20382  -0.79412  1.000 556.85395 ? 120 DA A "O3'" 1 
ATOM 177 C "C2'" . DA A 1 9  ? -4.69481  -7.88368  -0.88123  1.000 552.90023 ? 120 DA A "C2'" 1 
ATOM 178 C "C1'" . DA A 1 9  ? -4.34234  -6.49172  -1.35437  1.000 541.95964 ? 120 DA A "C1'" 1 
ATOM 179 N N9    . DA A 1 9  ? -5.40855  -5.48260  -1.31542  1.000 533.99918 ? 120 DA A N9    1 
ATOM 180 C C8    . DA A 1 9  ? -6.15228  -5.03572  -2.36915  1.000 528.57834 ? 120 DA A C8    1 
ATOM 181 N N7    . DA A 1 9  ? -6.99381  -4.07677  -2.06209  1.000 521.63687 ? 120 DA A N7    1 
ATOM 182 C C5    . DA A 1 9  ? -6.78358  -3.87025  -0.71078  1.000 522.68682 ? 120 DA A C5    1 
ATOM 183 C C6    . DA A 1 9  ? -7.37287  -2.98524  0.21561   1.000 517.95482 ? 120 DA A C6    1 
ATOM 184 N N6    . DA A 1 9  ? -8.33290  -2.11436  -0.11035  1.000 510.61049 ? 120 DA A N6    1 
ATOM 185 N N1    . DA A 1 9  ? -6.93878  -3.03341  1.49330   1.000 521.46764 ? 120 DA A N1    1 
ATOM 186 C C2    . DA A 1 9  ? -5.97304  -3.90659  1.81262   1.000 528.95742 ? 120 DA A C2    1 
ATOM 187 N N3    . DA A 1 9  ? -5.34580  -4.79003  1.02900   1.000 533.72456 ? 120 DA A N3    1 
ATOM 188 C C4    . DA A 1 9  ? -5.80099  -4.71925  -0.23251  1.000 530.26740 ? 120 DA A C4    1 
ATOM 189 P P     . DG A 1 10 ? -1.91981  -8.67559  0.72457   1.000 603.66345 ? 121 DG A P     1 
ATOM 190 O OP1   . DG A 1 10 ? -0.61330  -8.07752  1.09442   1.000 605.78384 ? 121 DG A OP1   1 
ATOM 191 O OP2   . DG A 1 10 ? -2.10252  -10.14974 0.82085   1.000 617.84801 ? 121 DG A OP2   1 
ATOM 192 O "O5'" . DG A 1 10 ? -3.03367  -7.95721  1.61066   1.000 602.09290 ? 121 DG A "O5'" 1 
ATOM 193 C "C5'" . DG A 1 10 ? -3.01731  -8.03489  3.04636   1.000 617.02203 ? 121 DG A "C5'" 1 
ATOM 194 C "C4'" . DG A 1 10 ? -4.37183  -8.44659  3.57996   1.000 622.07481 ? 121 DG A "C4'" 1 
ATOM 195 O "O4'" . DG A 1 10 ? -5.38813  -7.48249  3.20594   1.000 606.14411 ? 121 DG A "O4'" 1 
ATOM 196 C "C3'" . DG A 1 10 ? -4.88450  -9.80447  3.08972   1.000 628.54368 ? 121 DG A "C3'" 1 
ATOM 197 O "O3'" . DG A 1 10 ? -5.43174  -10.50410 4.20380   1.000 645.11274 ? 121 DG A "O3'" 1 
ATOM 198 C "C2'" . DG A 1 10 ? -6.02665  -9.43934  2.16232   1.000 612.46059 ? 121 DG A "C2'" 1 
ATOM 199 C "C1'" . DG A 1 10 ? -6.55272  -8.21229  2.86800   1.000 606.07038 ? 121 DG A "C1'" 1 
ATOM 200 N N9    . DG A 1 10 ? -7.41586  -7.34961  2.07173   1.000 587.36333 ? 121 DG A N9    1 
ATOM 201 C C8    . DG A 1 10 ? -7.62880  -7.40239  0.71546   1.000 582.00362 ? 121 DG A C8    1 
ATOM 202 N N7    . DG A 1 10 ? -8.47144  -6.49846  0.29343   1.000 573.59248 ? 121 DG A N7    1 
ATOM 203 C C5    . DG A 1 10 ? -8.85054  -5.81961  1.44348   1.000 571.68024 ? 121 DG A C5    1 
ATOM 204 C C6    . DG A 1 10 ? -9.74051  -4.73049  1.61552   1.000 563.71558 ? 121 DG A C6    1 
ATOM 205 O O6    . DG A 1 10 ? -10.40361 -4.13285  0.75903   1.000 556.43721 ? 121 DG A O6    1 
ATOM 206 N N1    . DG A 1 10 ? -9.83146  -4.35148  2.95085   1.000 565.42452 ? 121 DG A N1    1 
ATOM 207 C C2    . DG A 1 10 ? -9.15073  -4.94040  3.98665   1.000 578.59448 ? 121 DG A C2    1 
ATOM 208 N N2    . DG A 1 10 ? -9.37543  -4.43305  5.20671   1.000 585.90261 ? 121 DG A N2    1 
ATOM 209 N N3    . DG A 1 10 ? -8.31161  -5.95127  3.83860   1.000 589.12293 ? 121 DG A N3    1 
ATOM 210 C C4    . DG A 1 10 ? -8.20900  -6.33609  2.54889   1.000 580.05626 ? 121 DG A C4    1 
ATOM 211 P P     . DT A 1 11 ? -5.46539  -12.09788 4.22175   1.000 721.12841 ? 122 DT A P     1 
ATOM 212 O OP1   . DT A 1 11 ? -4.07610  -12.58694 4.04130   1.000 727.98107 ? 122 DT A OP1   1 
ATOM 213 O OP2   . DT A 1 11 ? -6.53170  -12.55059 3.29516   1.000 713.43866 ? 122 DT A OP2   1 
ATOM 214 O "O5'" . DT A 1 11 ? -5.92821  -12.41318 5.71335   1.000 738.69565 ? 122 DT A "O5'" 1 
ATOM 215 C "C5'" . DT A 1 11 ? -5.65513  -11.47682 6.77149   1.000 741.38126 ? 122 DT A "C5'" 1 
ATOM 216 C "C4'" . DT A 1 11 ? -6.92438  -10.78865 7.21717   1.000 735.83630 ? 122 DT A "C4'" 1 
ATOM 217 O "O4'" . DT A 1 11 ? -7.44031  -9.95573  6.14950   1.000 714.46842 ? 122 DT A "O4'" 1 
ATOM 218 C "C3'" . DT A 1 11 ? -8.06585  -11.73591 7.60694   1.000 746.58680 ? 122 DT A "C3'" 1 
ATOM 219 O "O3'" . DT A 1 11 ? -8.64997  -11.32798 8.84798   1.000 754.77074 ? 122 DT A "O3'" 1 
ATOM 220 C "C2'" . DT A 1 11 ? -9.07879  -11.55158 6.49348   1.000 729.74849 ? 122 DT A "C2'" 1 
ATOM 221 C "C1'" . DT A 1 11 ? -8.84492  -10.10443 6.12375   1.000 711.67844 ? 122 DT A "C1'" 1 
ATOM 222 N N1    . DT A 1 11 ? -9.32535  -9.73732  4.78374   1.000 692.44588 ? 122 DT A N1    1 
ATOM 223 C C2    . DT A 1 11 ? -10.08205 -8.59491  4.65774   1.000 677.57174 ? 122 DT A C2    1 
ATOM 224 O O2    . DT A 1 11 ? -10.34853 -7.86479  5.59753   1.000 679.47835 ? 122 DT A O2    1 
ATOM 225 N N3    . DT A 1 11 ? -10.51788 -8.33684  3.38188   1.000 662.42442 ? 122 DT A N3    1 
ATOM 226 C C4    . DT A 1 11 ? -10.27536 -9.08869  2.24802   1.000 663.88470 ? 122 DT A C4    1 
ATOM 227 O O4    . DT A 1 11 ? -10.72674 -8.72649  1.16616   1.000 656.59388 ? 122 DT A O4    1 
ATOM 228 C C5    . DT A 1 11 ? -9.48330  -10.27750 2.45622   1.000 674.96240 ? 122 DT A C5    1 
ATOM 229 C C7    . DT A 1 11 ? -9.17547  -11.15842 1.28688   1.000 677.86036 ? 122 DT A C7    1 
ATOM 230 C C6    . DT A 1 11 ? -9.06241  -10.54419 3.69843   1.000 690.14668 ? 122 DT A C6    1 
ATOM 231 P P     . DG A 1 12 ? -9.46914  -12.38115 9.73626   1.000 865.73593 ? 123 DG A P     1 
ATOM 232 O OP1   . DG A 1 12 ? -9.43222  -11.91751 11.14552  1.000 887.32527 ? 123 DG A OP1   1 
ATOM 233 O OP2   . DG A 1 12 ? -8.98348  -13.74173 9.39656   1.000 868.36478 ? 123 DG A OP2   1 
ATOM 234 O "O5'" . DG A 1 12 ? -10.96211 -12.23066 9.19981   1.000 850.35009 ? 123 DG A "O5'" 1 
ATOM 235 C "C5'" . DG A 1 12 ? -12.09365 -12.59092 10.01841  1.000 851.34081 ? 123 DG A "C5'" 1 
ATOM 236 C "C4'" . DG A 1 12 ? -12.93721 -11.37440 10.32601  1.000 841.84076 ? 123 DG A "C4'" 1 
ATOM 237 O "O4'" . DG A 1 12 ? -12.34439 -10.20091 9.71805   1.000 813.86336 ? 123 DG A "O4'" 1 
ATOM 238 C "C3'" . DG A 1 12 ? -14.36804 -11.42881 9.79169   1.000 837.18119 ? 123 DG A "C3'" 1 
ATOM 239 O "O3'" . DG A 1 12 ? -15.28267 -11.93369 10.76897  1.000 838.12373 ? 123 DG A "O3'" 1 
ATOM 240 C "C2'" . DG A 1 12 ? -14.67010 -9.96950  9.51237   1.000 813.33898 ? 123 DG A "C2'" 1 
ATOM 241 C "C1'" . DG A 1 12 ? -13.33323 -9.46724  9.00369   1.000 794.15702 ? 123 DG A "C1'" 1 
ATOM 242 N N9    . DG A 1 12 ? -13.11115 -9.68944  7.57967   1.000 775.57050 ? 123 DG A N9    1 
ATOM 243 C C8    . DG A 1 12 ? -12.21351 -10.56240 7.01615   1.000 783.78413 ? 123 DG A C8    1 
ATOM 244 N N7    . DG A 1 12 ? -12.22855 -10.54365 5.71198   1.000 763.33898 ? 123 DG A N7    1 
ATOM 245 C C5    . DG A 1 12 ? -13.18684 -9.59119  5.39443   1.000 742.90386 ? 123 DG A C5    1 
ATOM 246 C C6    . DG A 1 12 ? -13.63796 -9.13340  4.13262   1.000 723.26650 ? 123 DG A C6    1 
ATOM 247 O O6    . DG A 1 12 ? -13.27357 -9.49255  3.00755   1.000 719.79813 ? 123 DG A O6    1 
ATOM 248 N N1    . DG A 1 12 ? -14.63665 -8.17341  4.26596   1.000 715.91094 ? 123 DG A N1    1 
ATOM 249 C C2    . DG A 1 12 ? -15.12508 -7.70361  5.45966   1.000 719.28345 ? 123 DG A C2    1 
ATOM 250 N N2    . DG A 1 12 ? -16.07807 -6.76369  5.38008   1.000 711.21280 ? 123 DG A N2    1 
ATOM 251 N N3    . DG A 1 12 ? -14.70707 -8.11924  6.64312   1.000 735.45710 ? 123 DG A N3    1 
ATOM 252 C C4    . DG A 1 12 ? -13.74501 -9.05898  6.53632   1.000 747.82951 ? 123 DG A C4    1 
ATOM 253 P P     . DC A 1 13 ? -16.46921 -12.91886 10.32673  1.000 770.98300 ? 124 DC A P     1 
ATOM 254 O OP1   . DC A 1 13 ? -17.33827 -13.15295 11.50683  1.000 777.19690 ? 124 DC A OP1   1 
ATOM 255 O OP2   . DC A 1 13 ? -15.86713 -14.07194 9.61223   1.000 767.31318 ? 124 DC A OP2   1 
ATOM 256 O "O5'" . DC A 1 13 ? -17.29022 -12.05947 9.26557   1.000 764.59338 ? 124 DC A "O5'" 1 
ATOM 257 C "C5'" . DC A 1 13 ? -18.24654 -11.06611 9.67946   1.000 766.32608 ? 124 DC A "C5'" 1 
ATOM 258 C "C4'" . DC A 1 13 ? -18.38561 -9.99623  8.62102   1.000 752.87529 ? 124 DC A "C4'" 1 
ATOM 259 O "O4'" . DC A 1 13 ? -17.20795 -9.98095  7.77977   1.000 743.30659 ? 124 DC A "O4'" 1 
ATOM 260 C "C3'" . DC A 1 13 ? -19.56679 -10.18604 7.67080   1.000 749.91930 ? 124 DC A "C3'" 1 
ATOM 261 O "O3'" . DC A 1 13 ? -20.10209 -8.92012  7.28476   1.000 734.53539 ? 124 DC A "O3'" 1 
ATOM 262 C "C2'" . DC A 1 13 ? -18.93906 -10.86689 6.47150   1.000 746.63418 ? 124 DC A "C2'" 1 
ATOM 263 C "C1'" . DC A 1 13 ? -17.56738 -10.22788 6.42958   1.000 736.49860 ? 124 DC A "C1'" 1 
ATOM 264 N N1    . DC A 1 13 ? -16.52524 -11.07472 5.83514   1.000 739.04256 ? 124 DC A N1    1 
ATOM 265 C C2    . DC A 1 13 ? -16.29647 -10.98355 4.46379   1.000 728.47102 ? 124 DC A C2    1 
ATOM 266 O O2    . DC A 1 13 ? -16.97393 -10.18914 3.79681   1.000 717.45299 ? 124 DC A O2    1 
ATOM 267 N N3    . DC A 1 13 ? -15.32576 -11.73995 3.90321   1.000 730.99430 ? 124 DC A N3    1 
ATOM 268 C C4    . DC A 1 13 ? -14.59940 -12.56164 4.66372   1.000 742.20967 ? 124 DC A C4    1 
ATOM 269 N N4    . DC A 1 13 ? -13.66054 -13.29868 4.06737   1.000 739.55792 ? 124 DC A N4    1 
ATOM 270 C C5    . DC A 1 13 ? -14.81873 -12.68080 6.06586   1.000 748.74509 ? 124 DC A C5    1 
ATOM 271 C C6    . DC A 1 13 ? -15.78232 -11.92424 6.60511   1.000 751.24137 ? 124 DC A C6    1 
ATOM 272 P P     . DA A 1 14 ? -21.67199 -8.76265  7.04585   1.000 662.21908 ? 125 DA A P     1 
ATOM 273 O OP1   . DA A 1 14 ? -21.87292 -7.81269  5.92374   1.000 644.41658 ? 125 DA A OP1   1 
ATOM 274 O OP2   . DA A 1 14 ? -22.30960 -8.49736  8.36015   1.000 671.27978 ? 125 DA A OP2   1 
ATOM 275 O "O5'" . DA A 1 14 ? -22.11163 -10.21339 6.55907   1.000 675.19105 ? 125 DA A "O5'" 1 
ATOM 276 C "C5'" . DA A 1 14 ? -23.21135 -10.89743 7.18596   1.000 678.42180 ? 125 DA A "C5'" 1 
ATOM 277 C "C4'" . DA A 1 14 ? -22.80565 -12.29905 7.57863   1.000 680.16278 ? 125 DA A "C4'" 1 
ATOM 278 O "O4'" . DA A 1 14 ? -21.85462 -12.82019 6.62984   1.000 676.24437 ? 125 DA A "O4'" 1 
ATOM 279 C "C3'" . DA A 1 14 ? -22.12216 -12.41824 8.94284   1.000 687.28348 ? 125 DA A "C3'" 1 
ATOM 280 O "O3'" . DA A 1 14 ? -23.04476 -12.91588 9.91512   1.000 691.22666 ? 125 DA A "O3'" 1 
ATOM 281 C "C2'" . DA A 1 14 ? -20.99640 -13.42027 8.71484   1.000 686.83486 ? 125 DA A "C2'" 1 
ATOM 282 C "C1'" . DA A 1 14 ? -21.18120 -13.87871 7.27527   1.000 679.48482 ? 125 DA A "C1'" 1 
ATOM 283 N N9    . DA A 1 14 ? -19.93668 -14.14878 6.55188   1.000 676.72999 ? 125 DA A N9    1 
ATOM 284 C C8    . DA A 1 14 ? -18.84502 -14.81244 7.05355   1.000 679.67050 ? 125 DA A C8    1 
ATOM 285 N N7    . DA A 1 14 ? -17.87068 -14.95640 6.19098   1.000 675.90095 ? 125 DA A N7    1 
ATOM 286 C C5    . DA A 1 14 ? -18.35204 -14.34926 5.04032   1.000 670.38375 ? 125 DA A C5    1 
ATOM 287 C C6    . DA A 1 14 ? -17.79523 -14.16862 3.76361   1.000 664.96875 ? 125 DA A C6    1 
ATOM 288 N N6    . DA A 1 14 ? -16.57604 -14.59084 3.42276   1.000 663.76836 ? 125 DA A N6    1 
ATOM 289 N N1    . DA A 1 14 ? -18.53789 -13.52360 2.83958   1.000 661.04845 ? 125 DA A N1    1 
ATOM 290 C C2    . DA A 1 14 ? -19.75873 -13.09799 3.18356   1.000 662.12627 ? 125 DA A C2    1 
ATOM 291 N N3    . DA A 1 14 ? -20.39446 -13.21336 4.34626   1.000 666.69269 ? 125 DA A N3    1 
ATOM 292 C C4    . DA A 1 14 ? -19.62916 -13.85950 5.24316   1.000 670.85148 ? 125 DA A C4    1 
ATOM 293 P P     . DC B 2 1  ? 17.33229  1.95018   15.70419  1.000 560.52758 ? 131 DC B P     1 
ATOM 294 O OP1   . DC B 2 1  ? 16.74351  2.95433   16.61495  1.000 561.89950 ? 131 DC B OP1   1 
ATOM 295 O OP2   . DC B 2 1  ? 16.82820  0.56058   15.71771  1.000 565.99124 ? 131 DC B OP2   1 
ATOM 296 O "O5'" . DC B 2 1  ? 17.21922  2.48410   14.20419  1.000 550.42307 ? 131 DC B "O5'" 1 
ATOM 297 C "C5'" . DC B 2 1  ? 16.42533  1.78084   13.27036  1.000 548.15101 ? 131 DC B "C5'" 1 
ATOM 298 C "C4'" . DC B 2 1  ? 15.36194  2.68390   12.67901  1.000 542.03514 ? 131 DC B "C4'" 1 
ATOM 299 O "O4'" . DC B 2 1  ? 15.96615  3.55710   11.68994  1.000 534.08821 ? 131 DC B "O4'" 1 
ATOM 300 C "C3'" . DC B 2 1  ? 14.27173  1.95884   11.92221  1.000 541.01542 ? 131 DC B "C3'" 1 
ATOM 301 O "O3'" . DC B 2 1  ? 13.11604  2.79363   11.83588  1.000 537.91957 ? 131 DC B "O3'" 1 
ATOM 302 C "C2'" . DC B 2 1  ? 14.93640  1.76948   10.56038  1.000 534.97752 ? 131 DC B "C2'" 1 
ATOM 303 C "C1'" . DC B 2 1  ? 15.61253  3.12433   10.38427  1.000 529.36791 ? 131 DC B "C1'" 1 
ATOM 304 N N1    . DC B 2 1  ? 16.86057  3.08936   9.57625   1.000 525.48906 ? 131 DC B N1    1 
ATOM 305 C C2    . DC B 2 1  ? 17.10127  4.09427   8.62665   1.000 517.95638 ? 131 DC B C2    1 
ATOM 306 O O2    . DC B 2 1  ? 16.25026  4.97619   8.44947   1.000 514.72268 ? 131 DC B O2    1 
ATOM 307 N N3    . DC B 2 1  ? 18.25615  4.05930   7.91852   1.000 514.71805 ? 131 DC B N3    1 
ATOM 308 C C4    . DC B 2 1  ? 19.14636  3.08873   8.13879   1.000 518.57888 ? 131 DC B C4    1 
ATOM 309 N N4    . DC B 2 1  ? 20.27171  3.09313   7.41915   1.000 515.21291 ? 131 DC B N4    1 
ATOM 310 C C5    . DC B 2 1  ? 18.91980  2.06620   9.10530   1.000 526.40902 ? 131 DC B C5    1 
ATOM 311 C C6    . DC B 2 1  ? 17.78096  2.10922   9.79974   1.000 529.67113 ? 131 DC B C6    1 
ATOM 312 P P     . DA B 2 2  ? 11.71864  2.19937   11.31005  1.000 537.05417 ? 132 DA B P     1 
ATOM 313 O OP1   . DA B 2 2  ? 10.71050  3.28680   11.38545  1.000 534.00824 ? 132 DA B OP1   1 
ATOM 314 O OP2   . DA B 2 2  ? 11.49527  0.91755   12.02431  1.000 545.16374 ? 132 DA B OP2   1 
ATOM 315 O "O5'" . DA B 2 2  ? 12.01351  1.84566   9.77410   1.000 531.07022 ? 132 DA B "O5'" 1 
ATOM 316 C "C5'" . DA B 2 2  ? 11.10789  2.23886   8.74770   1.000 525.47335 ? 132 DA B "C5'" 1 
ATOM 317 C "C4'" . DA B 2 2  ? 11.35553  3.67458   8.30688   1.000 518.84986 ? 132 DA B "C4'" 1 
ATOM 318 O "O4'" . DA B 2 2  ? 12.77726  3.90012   8.09945   1.000 516.75380 ? 132 DA B "O4'" 1 
ATOM 319 C "C3'" . DA B 2 2  ? 10.74279  4.04072   6.97378   1.000 512.50011 ? 132 DA B "C3'" 1 
ATOM 320 O "O3'" . DA B 2 2  ? 10.72320  5.44705   6.88357   1.000 508.10897 ? 132 DA B "O3'" 1 
ATOM 321 C "C2'" . DA B 2 2  ? 11.79385  3.47734   6.03575   1.000 510.01974 ? 132 DA B "C2'" 1 
ATOM 322 C "C1'" . DA B 2 2  ? 13.00856  4.07470   6.70749   1.000 510.38991 ? 132 DA B "C1'" 1 
ATOM 323 N N9    . DA B 2 2  ? 14.27993  3.45760   6.37058   1.000 510.43327 ? 132 DA B N9    1 
ATOM 324 C C8    . DA B 2 2  ? 14.87454  2.41075   7.01497   1.000 516.21871 ? 132 DA B C8    1 
ATOM 325 N N7    . DA B 2 2  ? 16.04350  2.08470   6.52451   1.000 514.89182 ? 132 DA B N7    1 
ATOM 326 C C5    . DA B 2 2  ? 16.23559  2.98948   5.49680   1.000 507.72665 ? 132 DA B C5    1 
ATOM 327 C C6    . DA B 2 2  ? 17.28603  3.16677   4.58904   1.000 503.28575 ? 132 DA B C6    1 
ATOM 328 N N6    . DA B 2 2  ? 18.37889  2.40185   4.58655   1.000 505.36182 ? 132 DA B N6    1 
ATOM 329 N N1    . DA B 2 2  ? 17.17306  4.15653   3.68655   1.000 496.96648 ? 132 DA B N1    1 
ATOM 330 C C2    . DA B 2 2  ? 16.07025  4.91753   3.68742   1.000 495.22245 ? 132 DA B C2    1 
ATOM 331 N N3    . DA B 2 2  ? 15.01449  4.85173   4.50175   1.000 498.80806 ? 132 DA B N3    1 
ATOM 332 C C4    . DA B 2 2  ? 15.16166  3.85048   5.38929   1.000 505.02996 ? 132 DA B C4    1 
ATOM 333 P P     . DC B 2 3  ? 9.38513   6.21998   6.47142   1.000 461.74076 ? 133 DC B P     1 
ATOM 334 O OP1   . DC B 2 3  ? 9.54563   7.61752   6.92854   1.000 459.88728 ? 133 DC B OP1   1 
ATOM 335 O OP2   . DC B 2 3  ? 8.25503   5.41832   6.99315   1.000 466.48174 ? 133 DC B OP2   1 
ATOM 336 O "O5'" . DC B 2 3  ? 9.41286   6.18160   4.86453   1.000 455.90063 ? 133 DC B "O5'" 1 
ATOM 337 C "C5'" . DC B 2 3  ? 10.67293  6.14258   4.17323   1.000 452.84800 ? 133 DC B "C5'" 1 
ATOM 338 C "C4'" . DC B 2 3  ? 10.49511  6.20692   2.66523   1.000 447.64993 ? 133 DC B "C4'" 1 
ATOM 339 O "O4'" . DC B 2 3  ? 11.71546  5.74244   2.02395   1.000 446.00127 ? 133 DC B "O4'" 1 
ATOM 340 C "C3'" . DC B 2 3  ? 9.40323   5.31711   2.09161   1.000 448.70015 ? 133 DC B "C3'" 1 
ATOM 341 O "O3'" . DC B 2 3  ? 9.02716   5.81753   0.80392   1.000 443.68785 ? 133 DC B "O3'" 1 
ATOM 342 C "C2'" . DC B 2 3  ? 10.14346  3.99689   1.97031   1.000 451.40047 ? 133 DC B "C2'" 1 
ATOM 343 C "C1'" . DC B 2 3  ? 11.47966  4.48081   1.42555   1.000 447.50838 ? 133 DC B "C1'" 1 
ATOM 344 N N1    . DC B 2 3  ? 12.60800  3.57779   1.74442   1.000 450.44872 ? 133 DC B N1    1 
ATOM 345 C C2    . DC B 2 3  ? 13.78112  3.67176   1.00659   1.000 447.16257 ? 133 DC B C2    1 
ATOM 346 O O2    . DC B 2 3  ? 13.85832  4.51519   0.11074   1.000 441.97569 ? 133 DC B O2    1 
ATOM 347 N N3    . DC B 2 3  ? 14.80286  2.83750   1.29022   1.000 450.03922 ? 133 DC B N3    1 
ATOM 348 C C4    . DC B 2 3  ? 14.67753  1.93791   2.26945   1.000 456.21644 ? 133 DC B C4    1 
ATOM 349 N N4    . DC B 2 3  ? 15.71458  1.13519   2.51356   1.000 459.26999 ? 133 DC B N4    1 
ATOM 350 C C5    . DC B 2 3  ? 13.48233  1.82220   3.03199   1.000 459.81916 ? 133 DC B C5    1 
ATOM 351 C C6    . DC B 2 3  ? 12.48050  2.65250   2.73628   1.000 456.63855 ? 133 DC B C6    1 
ATOM 352 P P     . DA B 2 4  ? 7.82178   5.16398   -0.03968  1.000 473.18431 ? 134 DA B P     1 
ATOM 353 O OP1   . DA B 2 4  ? 6.79310   6.21682   -0.19884  1.000 470.97932 ? 134 DA B OP1   1 
ATOM 354 O OP2   . DA B 2 4  ? 7.45743   3.85715   0.55031   1.000 478.64288 ? 134 DA B OP2   1 
ATOM 355 O "O5'" . DA B 2 4  ? 8.47251   4.87545   -1.47394  1.000 469.44193 ? 134 DA B "O5'" 1 
ATOM 356 C "C5'" . DA B 2 4  ? 8.88720   5.96241   -2.29385  1.000 464.33265 ? 134 DA B "C5'" 1 
ATOM 357 C "C4'" . DA B 2 4  ? 9.70325   5.47261   -3.47964  1.000 461.94171 ? 134 DA B "C4'" 1 
ATOM 358 O "O4'" . DA B 2 4  ? 10.87483  4.75580   -3.00557  1.000 466.61051 ? 134 DA B "O4'" 1 
ATOM 359 C "C3'" . DA B 2 4  ? 8.97001   4.52303   -4.42416  1.000 462.68482 ? 134 DA B "C3'" 1 
ATOM 360 O "O3'" . DA B 2 4  ? 9.25238   4.87590   -5.78426  1.000 458.67919 ? 134 DA B "O3'" 1 
ATOM 361 C "C2'" . DA B 2 4  ? 9.54236   3.14969   -4.05120  1.000 468.01872 ? 134 DA B "C2'" 1 
ATOM 362 C "C1'" . DA B 2 4  ? 10.96449  3.50521   -3.64742  1.000 473.67302 ? 134 DA B "C1'" 1 
ATOM 363 N N9    . DA B 2 4  ? 11.59153  2.56034   -2.71763  1.000 470.26134 ? 134 DA B N9    1 
ATOM 364 C C8    . DA B 2 4  ? 11.10678  2.14025   -1.50924  1.000 478.75663 ? 134 DA B C8    1 
ATOM 365 N N7    . DA B 2 4  ? 11.89947  1.30363   -0.88229  1.000 479.02029 ? 134 DA B N7    1 
ATOM 366 C C5    . DA B 2 4  ? 12.98210  1.17528   -1.73232  1.000 476.33693 ? 134 DA B C5    1 
ATOM 367 C C6    . DA B 2 4  ? 14.16468  0.42993   -1.64308  1.000 478.38041 ? 134 DA B C6    1 
ATOM 368 N N6    . DA B 2 4  ? 14.45290  -0.35874  -0.60689  1.000 484.03361 ? 134 DA B N6    1 
ATOM 369 N N1    . DA B 2 4  ? 15.04148  0.52001   -2.66774  1.000 474.74025 ? 134 DA B N1    1 
ATOM 370 C C2    . DA B 2 4  ? 14.74203  1.30951   -3.70244  1.000 469.62184 ? 134 DA B C2    1 
ATOM 371 N N3    . DA B 2 4  ? 13.66231  2.05882   -3.89649  1.000 467.44917 ? 134 DA B N3    1 
ATOM 372 C C4    . DA B 2 4  ? 12.81237  1.94544   -2.86442  1.000 470.93832 ? 134 DA B C4    1 
ATOM 373 P P     . DC B 2 5  ? 8.66272   6.23639   -6.41041  1.000 451.25040 ? 135 DC B P     1 
ATOM 374 O OP1   . DC B 2 5  ? 9.80168   7.12396   -6.72605  1.000 447.81275 ? 135 DC B OP1   1 
ATOM 375 O OP2   . DC B 2 5  ? 7.57728   6.71567   -5.53419  1.000 452.88001 ? 135 DC B OP2   1 
ATOM 376 O "O5'" . DC B 2 5  ? 7.99457   5.77658   -7.78180  1.000 450.45889 ? 135 DC B "O5'" 1 
ATOM 377 C "C5'" . DC B 2 5  ? 6.95956   4.81393   -7.77223  1.000 453.70570 ? 135 DC B "C5'" 1 
ATOM 378 C "C4'" . DC B 2 5  ? 5.61490   5.46427   -8.03409  1.000 453.09628 ? 135 DC B "C4'" 1 
ATOM 379 O "O4'" . DC B 2 5  ? 4.87914   5.60323   -6.79812  1.000 455.59607 ? 135 DC B "O4'" 1 
ATOM 380 C "C3'" . DC B 2 5  ? 5.67341   6.85832   -8.65753  1.000 449.08325 ? 135 DC B "C3'" 1 
ATOM 381 O "O3'" . DC B 2 5  ? 4.88765   6.85377   -9.83298  1.000 448.36063 ? 135 DC B "O3'" 1 
ATOM 382 C "C2'" . DC B 2 5  ? 5.08142   7.77572   -7.56836  1.000 449.58000 ? 135 DC B "C2'" 1 
ATOM 383 C "C1'" . DC B 2 5  ? 4.17451   6.81859   -6.82245  1.000 453.67151 ? 135 DC B "C1'" 1 
ATOM 384 N N1    . DC B 2 5  ? 3.86798   7.18136   -5.40779  1.000 455.83649 ? 135 DC B N1    1 
ATOM 385 C C2    . DC B 2 5  ? 2.54122   7.19290   -4.98235  1.000 458.09143 ? 135 DC B C2    1 
ATOM 386 O O2    . DC B 2 5  ? 1.64495   6.95863   -5.80440  1.000 458.04794 ? 135 DC B O2    1 
ATOM 387 N N3    . DC B 2 5  ? 2.26936   7.48343   -3.68780  1.000 460.45333 ? 135 DC B N3    1 
ATOM 388 C C4    . DC B 2 5  ? 3.25921   7.72492   -2.83208  1.000 460.79439 ? 135 DC B C4    1 
ATOM 389 N N4    . DC B 2 5  ? 2.93508   7.99861   -1.56337  1.000 463.56926 ? 135 DC B N4    1 
ATOM 390 C C5    . DC B 2 5  ? 4.62221   7.69347   -3.23992  1.000 458.55255 ? 135 DC B C5    1 
ATOM 391 C C6    . DC B 2 5  ? 4.87899   7.41366   -4.52271  1.000 456.08418 ? 135 DC B C6    1 
ATOM 392 P P     . DC B 2 6  ? 5.21233   7.84262   -11.05509 1.000 436.09297 ? 136 DC B P     1 
ATOM 393 O OP1   . DC B 2 6  ? 5.88569   7.06165   -12.11760 1.000 607.58527 ? 136 DC B OP1   1 
ATOM 394 O OP2   . DC B 2 6  ? 5.85887   9.05929   -10.51924 1.000 433.88022 ? 136 DC B OP2   1 
ATOM 395 O "O5'" . DC B 2 6  ? 3.75494   8.25103   -11.55246 1.000 436.56378 ? 136 DC B "O5'" 1 
ATOM 396 C "C5'" . DC B 2 6  ? 2.63588   7.98201   -10.70918 1.000 439.22205 ? 136 DC B "C5'" 1 
ATOM 397 C "C4'" . DC B 2 6  ? 1.93746   9.26837   -10.31022 1.000 438.39088 ? 136 DC B "C4'" 1 
ATOM 398 O "O4'" . DC B 2 6  ? 1.87476   9.37902   -8.85547  1.000 440.04859 ? 136 DC B "O4'" 1 
ATOM 399 C "C3'" . DC B 2 6  ? 2.62101   10.55215  -10.79127 1.000 435.20271 ? 136 DC B "C3'" 1 
ATOM 400 O "O3'" . DC B 2 6  ? 1.62744   11.48806  -11.18415 1.000 434.96833 ? 136 DC B "O3'" 1 
ATOM 401 C "C2'" . DC B 2 6  ? 3.34421   11.01922  -9.53230  1.000 435.11211 ? 136 DC B "C2'" 1 
ATOM 402 C "C1'" . DC B 2 6  ? 2.28685   10.67754  -8.50007  1.000 438.15705 ? 136 DC B "C1'" 1 
ATOM 403 N N1    . DC B 2 6  ? 2.76895   10.68902  -7.07651  1.000 439.64010 ? 136 DC B N1    1 
ATOM 404 C C2    . DC B 2 6  ? 1.85408   10.51045  -6.03036  1.000 442.69527 ? 136 DC B C2    1 
ATOM 405 O O2    . DC B 2 6  ? 0.65987   10.36248  -6.27847  1.000 443.96204 ? 136 DC B O2    1 
ATOM 406 N N3    . DC B 2 6  ? 2.29648   10.54425  -4.75336  1.000 444.42761 ? 136 DC B N3    1 
ATOM 407 C C4    . DC B 2 6  ? 3.58525   10.72981  -4.49497  1.000 443.21326 ? 136 DC B C4    1 
ATOM 408 N N4    . DC B 2 6  ? 3.96634   10.74427  -3.20945  1.000 445.42280 ? 136 DC B N4    1 
ATOM 409 C C5    . DC B 2 6  ? 4.53983   10.91162  -5.53974  1.000 439.95055 ? 136 DC B C5    1 
ATOM 410 C C6    . DC B 2 6  ? 4.08991   10.89237  -6.80387  1.000 438.28345 ? 136 DC B C6    1 
ATOM 411 P P     . DG B 2 7  ? 1.81239   12.37848  -12.50788 1.000 464.36069 ? 137 DG B P     1 
ATOM 412 O OP1   . DG B 2 7  ? 1.54224   11.50227  -13.66916 1.000 472.00816 ? 137 DG B OP1   1 
ATOM 413 O OP2   . DG B 2 7  ? 3.12120   13.06305  -12.40477 1.000 456.30186 ? 137 DG B OP2   1 
ATOM 414 O "O5'" . DG B 2 7  ? 0.64028   13.47439  -12.38920 1.000 465.81259 ? 137 DG B "O5'" 1 
ATOM 415 C "C5'" . DG B 2 7  ? -0.72723  13.07703  -12.53828 1.000 473.90057 ? 137 DG B "C5'" 1 
ATOM 416 C "C4'" . DG B 2 7  ? -1.67543  13.85865  -11.62148 1.000 474.15830 ? 137 DG B "C4'" 1 
ATOM 417 O "O4'" . DG B 2 7  ? -1.26359  13.75701  -10.23758 1.000 468.33543 ? 137 DG B "O4'" 1 
ATOM 418 C "C3'" . DG B 2 7  ? -1.80108  15.34679  -11.87509 1.000 473.49145 ? 137 DG B "C3'" 1 
ATOM 419 O "O3'" . DG B 2 7  ? -3.09792  15.75833  -11.41914 1.000 478.68088 ? 137 DG B "O3'" 1 
ATOM 420 C "C2'" . DG B 2 7  ? -0.67201  15.91044  -11.00685 1.000 464.68844 ? 137 DG B "C2'" 1 
ATOM 421 C "C1'" . DG B 2 7  ? -0.74635  15.00215  -9.78514  1.000 463.13783 ? 137 DG B "C1'" 1 
ATOM 422 N N9    . DG B 2 7  ? 0.53200   14.70411  -9.16407  1.000 459.08055 ? 137 DG B N9    1 
ATOM 423 C C8    . DG B 2 7  ? 1.62196   14.13799  -9.76832  1.000 457.30201 ? 137 DG B C8    1 
ATOM 424 N N7    . DG B 2 7  ? 2.61510   13.92798  -8.96188  1.000 457.10109 ? 137 DG B N7    1 
ATOM 425 C C5    . DG B 2 7  ? 2.14640   14.35092  -7.73330  1.000 458.98117 ? 137 DG B C5    1 
ATOM 426 C C6    . DG B 2 7  ? 2.79070   14.36171  -6.48691  1.000 460.00838 ? 137 DG B C6    1 
ATOM 427 O O6    . DG B 2 7  ? 3.93054   13.97448  -6.22141  1.000 459.39412 ? 137 DG B O6    1 
ATOM 428 N N1    . DG B 2 7  ? 1.97299   14.87580  -5.49048  1.000 462.24978 ? 137 DG B N1    1 
ATOM 429 C C2    . DG B 2 7  ? 0.68947   15.33067  -5.68176  1.000 463.28245 ? 137 DG B C2    1 
ATOM 430 N N2    . DG B 2 7  ? 0.06554   15.80337  -4.59622  1.000 465.63280 ? 137 DG B N2    1 
ATOM 431 N N3    . DG B 2 7  ? 0.06964   15.32908  -6.85564  1.000 462.33324 ? 137 DG B N3    1 
ATOM 432 C C4    . DG B 2 7  ? 0.85972   14.82471  -7.83432  1.000 460.20584 ? 137 DG B C4    1 
ATOM 433 P P     . DT B 2 8  ? -3.42835  17.28533  -11.04004 1.000 533.78799 ? 138 DT B P     1 
ATOM 434 O OP1   . DT B 2 8  ? -4.90129  17.42651  -11.09673 1.000 542.14940 ? 138 DT B OP1   1 
ATOM 435 O OP2   . DT B 2 8  ? -2.58337  18.17226  -11.86769 1.000 531.94990 ? 138 DT B OP2   1 
ATOM 436 O "O5'" . DT B 2 8  ? -2.96989  17.41359  -9.51262  1.000 527.66568 ? 138 DT B "O5'" 1 
ATOM 437 C "C5'" . DT B 2 8  ? -3.77158  18.13387  -8.58785  1.000 529.78156 ? 138 DT B "C5'" 1 
ATOM 438 C "C4'" . DT B 2 8  ? -2.94839  19.18031  -7.86121  1.000 523.21441 ? 138 DT B "C4'" 1 
ATOM 439 O "O4'" . DT B 2 8  ? -1.66922  18.60682  -7.48445  1.000 516.36663 ? 138 DT B "O4'" 1 
ATOM 440 C "C3'" . DT B 2 8  ? -2.62988  20.43742  -8.68013  1.000 521.08010 ? 138 DT B "C3'" 1 
ATOM 441 O "O3'" . DT B 2 8  ? -2.83669  21.60394  -7.88813  1.000 520.86025 ? 138 DT B "O3'" 1 
ATOM 442 C "C2'" . DT B 2 8  ? -1.15658  20.25939  -9.04255  1.000 513.31432 ? 138 DT B "C2'" 1 
ATOM 443 C "C1'" . DT B 2 8  ? -0.64569  19.50699  -7.82901  1.000 509.90528 ? 138 DT B "C1'" 1 
ATOM 444 N N1    . DT B 2 8  ? 0.61774   18.74462  -8.07292  1.000 503.78313 ? 138 DT B N1    1 
ATOM 445 C C2    . DT B 2 8  ? 1.37017   18.34311  -6.99794  1.000 498.35949 ? 138 DT B C2    1 
ATOM 446 O O2    . DT B 2 8  ? 1.05530   18.56900  -5.84443  1.000 498.36548 ? 138 DT B O2    1 
ATOM 447 N N3    . DT B 2 8  ? 2.51857   17.66840  -7.31666  1.000 493.32740 ? 138 DT B N3    1 
ATOM 448 C C4    . DT B 2 8  ? 2.97605   17.35224  -8.58368  1.000 493.24396 ? 138 DT B C4    1 
ATOM 449 O O4    . DT B 2 8  ? 4.02075   16.73620  -8.76812  1.000 489.02165 ? 138 DT B O4    1 
ATOM 450 C C5    . DT B 2 8  ? 2.14027   17.80612  -9.67291  1.000 499.15306 ? 138 DT B C5    1 
ATOM 451 C C7    . DT B 2 8  ? 2.53733   17.52733  -11.09386 1.000 500.57963 ? 138 DT B C7    1 
ATOM 452 C C6    . DT B 2 8  ? 1.01596   18.47647  -9.36810  1.000 504.02622 ? 138 DT B C6    1 
ATOM 453 O "O5'" . DA C 3 1  ? -15.15032 -24.96316 3.84768   1.000 555.55041 ? 197 DA D "O5'" 1 
ATOM 454 C "C5'" . DA C 3 1  ? -14.56261 -25.65174 2.74557   1.000 556.64780 ? 197 DA D "C5'" 1 
ATOM 455 C "C4'" . DA C 3 1  ? -15.39903 -25.48202 1.48774   1.000 583.57238 ? 197 DA D "C4'" 1 
ATOM 456 O "O4'" . DA C 3 1  ? -16.77632 -25.19210 1.85998   1.000 597.58712 ? 197 DA D "O4'" 1 
ATOM 457 C "C3'" . DA C 3 1  ? -14.97412 -24.32501 0.59101   1.000 599.35340 ? 197 DA D "C3'" 1 
ATOM 458 O "O3'" . DA C 3 1  ? -15.31516 -24.59445 -0.75710  1.000 618.28443 ? 197 DA D "O3'" 1 
ATOM 459 C "C2'" . DA C 3 1  ? -15.80395 -23.18624 1.14388   1.000 611.80322 ? 197 DA D "C2'" 1 
ATOM 460 C "C1'" . DA C 3 1  ? -17.11912 -23.89706 1.41006   1.000 618.28951 ? 197 DA D "C1'" 1 
ATOM 461 N N9    . DA C 3 1  ? -17.91344 -23.22951 2.42769   1.000 621.04364 ? 197 DA D N9    1 
ATOM 462 C C8    . DA C 3 1  ? -17.75272 -23.30475 3.78139   1.000 601.75803 ? 197 DA D C8    1 
ATOM 463 N N7    . DA C 3 1  ? -18.60527 -22.57074 4.45255   1.000 610.56891 ? 197 DA D N7    1 
ATOM 464 C C5    . DA C 3 1  ? -19.36623 -21.96506 3.46952   1.000 637.46364 ? 197 DA D C5    1 
ATOM 465 C C6    . DA C 3 1  ? -20.44136 -21.06402 3.52432   1.000 658.61562 ? 197 DA D C6    1 
ATOM 466 N N6    . DA C 3 1  ? -20.95086 -20.60201 4.66813   1.000 655.61766 ? 197 DA D N6    1 
ATOM 467 N N1    . DA C 3 1  ? -20.97111 -20.65118 2.35735   1.000 683.44696 ? 197 DA D N1    1 
ATOM 468 C C2    . DA C 3 1  ? -20.45997 -21.11802 1.21452   1.000 686.69401 ? 197 DA D C2    1 
ATOM 469 N N3    . DA C 3 1  ? -19.45383 -21.96749 1.03702   1.000 668.52229 ? 197 DA D N3    1 
ATOM 470 C C4    . DA C 3 1  ? -18.94589 -22.35462 2.21518   1.000 644.12053 ? 197 DA D C4    1 
ATOM 471 P P     . DG C 3 2  ? -14.91246 -23.55666 -1.91391  1.000 649.23409 ? 198 DG D P     1 
ATOM 472 O OP1   . DG C 3 2  ? -14.60408 -24.33912 -3.12629  1.000 654.91040 ? 198 DG D OP1   1 
ATOM 473 O OP2   . DG C 3 2  ? -13.91350 -22.60907 -1.37306  1.000 638.16507 ? 198 DG D OP2   1 
ATOM 474 O "O5'" . DG C 3 2  ? -16.26045 -22.75392 -2.18727  1.000 675.56259 ? 198 DG D "O5'" 1 
ATOM 475 C "C5'" . DG C 3 2  ? -16.36455 -21.40203 -1.80505  1.000 683.37241 ? 198 DG D "C5'" 1 
ATOM 476 C "C4'" . DG C 3 2  ? -17.34274 -20.66709 -2.69593  1.000 713.10790 ? 198 DG D "C4'" 1 
ATOM 477 O "O4'" . DG C 3 2  ? -18.44554 -20.19155 -1.88544  1.000 720.81667 ? 198 DG D "O4'" 1 
ATOM 478 C "C3'" . DG C 3 2  ? -16.77154 -19.42212 -3.34789  1.000 725.06379 ? 198 DG D "C3'" 1 
ATOM 479 O "O3'" . DG C 3 2  ? -17.51497 -19.07992 -4.51172  1.000 752.27294 ? 198 DG D "O3'" 1 
ATOM 480 C "C2'" . DG C 3 2  ? -16.95457 -18.39062 -2.24658  1.000 722.50603 ? 198 DG D "C2'" 1 
ATOM 481 C "C1'" . DG C 3 2  ? -18.29868 -18.80181 -1.64546  1.000 728.35652 ? 198 DG D "C1'" 1 
ATOM 482 N N9    . DG C 3 2  ? -18.38172 -18.56200 -0.20260  1.000 713.62939 ? 198 DG D N9    1 
ATOM 483 C C8    . DG C 3 2  ? -17.59108 -19.12154 0.77035   1.000 686.50660 ? 198 DG D C8    1 
ATOM 484 N N7    . DG C 3 2  ? -17.88018 -18.71630 1.97577   1.000 679.11758 ? 198 DG D N7    1 
ATOM 485 C C5    . DG C 3 2  ? -18.93003 -17.82629 1.79651   1.000 702.98127 ? 198 DG D C5    1 
ATOM 486 C C6    . DG C 3 2  ? -19.65855 -17.07356 2.74822   1.000 708.08043 ? 198 DG D C6    1 
ATOM 487 O O6    . DG C 3 2  ? -19.51626 -17.04055 3.97892   1.000 691.86013 ? 198 DG D O6    1 
ATOM 488 N N1    . DG C 3 2  ? -20.64163 -16.29908 2.14661   1.000 735.68584 ? 198 DG D N1    1 
ATOM 489 C C2    . DG C 3 2  ? -20.89001 -16.25075 0.79707   1.000 755.74529 ? 198 DG D C2    1 
ATOM 490 N N2    . DG C 3 2  ? -21.88412 -15.43622 0.40882   1.000 778.29179 ? 198 DG D N2    1 
ATOM 491 N N3    . DG C 3 2  ? -20.21641 -16.95183 -0.10910  1.000 751.20847 ? 198 DG D N3    1 
ATOM 492 C C4    . DG C 3 2  ? -19.25280 -17.71614 0.45913   1.000 724.48817 ? 198 DG D C4    1 
ATOM 493 P P     . DT C 3 3  ? -16.95451 -18.02350 -5.61285  1.000 748.46366 ? 199 DT D P     1 
ATOM 494 O OP1   . DT C 3 3  ? -17.79017 -18.15327 -6.83291  1.000 773.76808 ? 199 DT D OP1   1 
ATOM 495 O OP2   . DT C 3 3  ? -15.47596 -18.17151 -5.72337  1.000 729.93733 ? 199 DT D OP2   1 
ATOM 496 O "O5'" . DT C 3 3  ? -17.29120 -16.60464 -4.96802  1.000 757.04894 ? 199 DT D "O5'" 1 
ATOM 497 C "C5'" . DT C 3 3  ? -17.79674 -15.52262 -5.77485  1.000 782.24863 ? 199 DT D "C5'" 1 
ATOM 498 C "C4'" . DT C 3 3  ? -18.84878 -14.74178 -5.01904  1.000 787.13542 ? 199 DT D "C4'" 1 
ATOM 499 O "O4'" . DT C 3 3  ? -19.09473 -15.36851 -3.73810  1.000 776.31527 ? 199 DT D "O4'" 1 
ATOM 500 C "C3'" . DT C 3 3  ? -18.46929 -13.30065 -4.69268  1.000 788.47726 ? 199 DT D "C3'" 1 
ATOM 501 O "O3'" . DT C 3 3  ? -18.88750 -12.41039 -5.73148  1.000 800.83170 ? 199 DT D "O3'" 1 
ATOM 502 C "C2'" . DT C 3 3  ? -19.25206 -13.02950 -3.42329  1.000 786.44727 ? 199 DT D "C2'" 1 
ATOM 503 C "C1'" . DT C 3 3  ? -19.24607 -14.38044 -2.72322  1.000 774.93071 ? 199 DT D "C1'" 1 
ATOM 504 N N1    . DT C 3 3  ? -18.15499 -14.56169 -1.75086  1.000 746.82783 ? 199 DT D N1    1 
ATOM 505 C C2    . DT C 3 3  ? -18.40221 -14.23814 -0.43695  1.000 737.11253 ? 199 DT D C2    1 
ATOM 506 O O2    . DT C 3 3  ? -19.47021 -13.79484 -0.05099  1.000 750.91761 ? 199 DT D O2    1 
ATOM 507 N N3    . DT C 3 3  ? -17.34612 -14.45094 0.41131   1.000 710.92664 ? 199 DT D N3    1 
ATOM 508 C C4    . DT C 3 3  ? -16.09664 -14.94275 0.08377   1.000 694.02475 ? 199 DT D C4    1 
ATOM 509 O O4    . DT C 3 3  ? -15.24100 -15.07073 0.95464   1.000 671.31352 ? 199 DT D O4    1 
ATOM 510 C C5    . DT C 3 3  ? -15.90532 -15.25391 -1.31187  1.000 705.71297 ? 199 DT D C5    1 
ATOM 511 C C7    . DT C 3 3  ? -14.58357 -15.79001 -1.76235  1.000 689.51955 ? 199 DT D C7    1 
ATOM 512 C C6    . DT C 3 3  ? -16.93109 -15.05285 -2.14746  1.000 731.11903 ? 199 DT D C6    1 
ATOM 513 P P     . DG C 3 4  ? -17.79286 -11.65686 -6.61698  1.000 837.74598 ? 200 DG D P     1 
ATOM 514 O OP1   . DG C 3 4  ? -17.89173 -12.16889 -8.00578  1.000 843.03174 ? 200 DG D OP1   1 
ATOM 515 O OP2   . DG C 3 4  ? -16.49646 -11.72635 -5.89784  1.000 824.37068 ? 200 DG D OP2   1 
ATOM 516 O "O5'" . DG C 3 4  ? -18.28402 -10.14138 -6.60490  1.000 846.63353 ? 200 DG D "O5'" 1 
ATOM 517 C "C5'" . DG C 3 4  ? -19.67590 -9.80336  -6.45331  1.000 857.18437 ? 200 DG D "C5'" 1 
ATOM 518 C "C4'" . DG C 3 4  ? -19.88902 -9.06581  -5.15186  1.000 855.08585 ? 200 DG D "C4'" 1 
ATOM 519 O "O4'" . DG C 3 4  ? -19.47512 -9.91802  -4.06326  1.000 842.86815 ? 200 DG D "O4'" 1 
ATOM 520 C "C3'" . DG C 3 4  ? -19.08328 -7.76532  -5.01395  1.000 853.98913 ? 200 DG D "C3'" 1 
ATOM 521 O "O3'" . DG C 3 4  ? -19.89160 -6.56372  -5.02612  1.000 864.78829 ? 200 DG D "O3'" 1 
ATOM 522 C "C2'" . DG C 3 4  ? -18.26865 -7.94592  -3.73855  1.000 841.01233 ? 200 DG D "C2'" 1 
ATOM 523 C "C1'" . DG C 3 4  ? -18.91225 -9.12648  -3.04168  1.000 836.73318 ? 200 DG D "C1'" 1 
ATOM 524 N N9    . DG C 3 4  ? -17.95756 -9.95121  -2.31377  1.000 822.31052 ? 200 DG D N9    1 
ATOM 525 C C8    . DG C 3 4  ? -16.88384 -10.63257 -2.83248  1.000 814.91498 ? 200 DG D C8    1 
ATOM 526 N N7    . DG C 3 4  ? -16.20075 -11.27778 -1.92677  1.000 791.64244 ? 200 DG D N7    1 
ATOM 527 C C5    . DG C 3 4  ? -16.85823 -10.99685 -0.73754  1.000 788.81722 ? 200 DG D C5    1 
ATOM 528 C C6    . DG C 3 4  ? -16.57403 -11.40864 0.58798   1.000 765.21031 ? 200 DG D C6    1 
ATOM 529 O O6    . DG C 3 4  ? -15.65710 -12.13129 0.99017   1.000 741.31411 ? 200 DG D O6    1 
ATOM 530 N N1    . DG C 3 4  ? -17.49818 -10.89425 1.49114   1.000 771.98668 ? 200 DG D N1    1 
ATOM 531 C C2    . DG C 3 4  ? -18.55060 -10.07760 1.16511   1.000 798.27613 ? 200 DG D C2    1 
ATOM 532 N N2    . DG C 3 4  ? -19.32730 -9.67841  2.18353   1.000 801.10647 ? 200 DG D N2    1 
ATOM 533 N N3    . DG C 3 4  ? -18.82408 -9.68136  -0.06643  1.000 815.39971 ? 200 DG D N3    1 
ATOM 534 C C4    . DG C 3 4  ? -17.94353 -10.17591 -0.96095  1.000 812.89221 ? 200 DG D C4    1 
ATOM 535 P P     . DC C 3 5  ? -21.05683 -6.25289  -3.93351  1.000 878.37440 ? 201 DC D P     1 
ATOM 536 O OP1   . DC C 3 5  ? -21.94303 -7.43652  -3.80589  1.000 878.19949 ? 201 DC D OP1   1 
ATOM 537 O OP2   . DC C 3 5  ? -21.65435 -4.93850  -4.27633  1.000 890.02040 ? 201 DC D OP2   1 
ATOM 538 O "O5'" . DC C 3 5  ? -20.27429 -6.05085  -2.56028  1.000 866.93355 ? 201 DC D "O5'" 1 
ATOM 539 C "C5'" . DC C 3 5  ? -20.85094 -6.53030  -1.33017  1.000 861.76298 ? 201 DC D "C5'" 1 
ATOM 540 C "C4'" . DC C 3 5  ? -20.24026 -5.85092  -0.12569  1.000 854.42688 ? 201 DC D "C4'" 1 
ATOM 541 O "O4'" . DC C 3 5  ? -19.20155 -6.69483  0.42827   1.000 839.93132 ? 201 DC D "O4'" 1 
ATOM 542 C "C3'" . DC C 3 5  ? -19.57802 -4.49569  -0.37849  1.000 858.30109 ? 201 DC D "C3'" 1 
ATOM 543 O "O3'" . DC C 3 5  ? -19.78427 -3.68827  0.78262   1.000 857.82245 ? 201 DC D "O3'" 1 
ATOM 544 C "C2'" . DC C 3 5  ? -18.10992 -4.85323  -0.48488  1.000 846.55784 ? 201 DC D "C2'" 1 
ATOM 545 C "C1'" . DC C 3 5  ? -18.01539 -5.93310  0.57248   1.000 834.89598 ? 201 DC D "C1'" 1 
ATOM 546 N N1    . DC C 3 5  ? -16.87367 -6.84087  0.42199   1.000 822.99109 ? 201 DC D N1    1 
ATOM 547 C C2    . DC C 3 5  ? -16.32090 -7.41747  1.56563   1.000 799.52148 ? 201 DC D C2    1 
ATOM 548 O O2    . DC C 3 5  ? -16.81801 -7.15307  2.66986   1.000 796.39780 ? 201 DC D O2    1 
ATOM 549 N N3    . DC C 3 5  ? -15.26592 -8.25343  1.44003   1.000 778.18144 ? 201 DC D N3    1 
ATOM 550 C C4    . DC C 3 5  ? -14.76193 -8.51440  0.23223   1.000 782.87987 ? 201 DC D C4    1 
ATOM 551 N N4    . DC C 3 5  ? -13.71950 -9.34525  0.15582   1.000 761.77154 ? 201 DC D N4    1 
ATOM 552 C C5    . DC C 3 5  ? -15.30269 -7.93393  -0.95016  1.000 809.81831 ? 201 DC D C5    1 
ATOM 553 C C6    . DC C 3 5  ? -16.34876 -7.11127  -0.81123  1.000 824.51731 ? 201 DC D C6    1 
ATOM 554 P P     . DA C 3 6  ? -19.60360 -2.09914  0.72176   1.000 828.63101 ? 202 DA D P     1 
ATOM 555 O OP1   . DA C 3 6  ? -20.83083 -1.51963  0.12372   1.000 843.21651 ? 202 DA D OP1   1 
ATOM 556 O OP2   . DA C 3 6  ? -18.27525 -1.79644  0.12760   1.000 823.19793 ? 202 DA D OP2   1 
ATOM 557 O "O5'" . DA C 3 6  ? -19.55376 -1.69171  2.26058   1.000 822.81677 ? 202 DA D "O5'" 1 
ATOM 558 C "C5'" . DA C 3 6  ? -19.42919 -2.70004  3.28249   1.000 810.87603 ? 202 DA D "C5'" 1 
ATOM 559 C "C4'" . DA C 3 6  ? -18.19743 -2.45634  4.12495   1.000 799.30214 ? 202 DA D "C4'" 1 
ATOM 560 O "O4'" . DA C 3 6  ? -17.19337 -3.45753  3.82380   1.000 787.90333 ? 202 DA D "O4'" 1 
ATOM 561 C "C3'" . DA C 3 6  ? -17.51769 -1.10344  3.90367   1.000 803.06008 ? 202 DA D "C3'" 1 
ATOM 562 O "O3'" . DA C 3 6  ? -17.00792 -0.58421  5.13904   1.000 796.06360 ? 202 DA D "O3'" 1 
ATOM 563 C "C2'" . DA C 3 6  ? -16.34177 -1.44898  3.01453   1.000 795.97334 ? 202 DA D "C2'" 1 
ATOM 564 C "C1'" . DA C 3 6  ? -15.96307 -2.80511  3.56411   1.000 783.16427 ? 202 DA D "C1'" 1 
ATOM 565 N N9    . DA C 3 6  ? -15.19877 -3.63178  2.63585   1.000 774.28998 ? 202 DA D N9    1 
ATOM 566 C C8    . DA C 3 6  ? -15.28977 -3.67643  1.26715   1.000 784.53556 ? 202 DA D C8    1 
ATOM 567 N N7    . DA C 3 6  ? -14.44830 -4.51227  0.70932   1.000 776.25312 ? 202 DA D N7    1 
ATOM 568 C C5    . DA C 3 6  ? -13.74921 -5.04589  1.78175   1.000 749.22002 ? 202 DA D C5    1 
ATOM 569 C C6    . DA C 3 6  ? -12.71703 -5.99469  1.85825   1.000 724.74963 ? 202 DA D C6    1 
ATOM 570 N N6    . DA C 3 6  ? -12.18450 -6.59646  0.79286   1.000 723.86651 ? 202 DA D N6    1 
ATOM 571 N N1    . DA C 3 6  ? -12.23608 -6.30180  3.08315   1.000 701.30880 ? 202 DA D N1    1 
ATOM 572 C C2    . DA C 3 6  ? -12.76461 -5.69158  4.14981   1.000 702.58573 ? 202 DA D C2    1 
ATOM 573 N N3    . DA C 3 6  ? -13.74594 -4.79527  4.20663   1.000 724.50221 ? 202 DA D N3    1 
ATOM 574 C C4    . DA C 3 6  ? -14.19837 -4.51052  2.97365   1.000 747.43391 ? 202 DA D C4    1 
ATOM 575 P P     . DC C 3 7  ? -17.79937 0.57125   5.93989   1.000 851.44220 ? 203 DC D P     1 
ATOM 576 O OP1   . DC C 3 7  ? -19.10091 0.01364   6.36865   1.000 855.15548 ? 203 DC D OP1   1 
ATOM 577 O OP2   . DC C 3 7  ? -17.77563 1.80591   5.12518   1.000 862.26753 ? 203 DC D OP2   1 
ATOM 578 O "O5'" . DC C 3 7  ? -16.88993 0.80831   7.24034   1.000 839.64328 ? 203 DC D "O5'" 1 
ATOM 579 C "C5'" . DC C 3 7  ? -15.56936 1.35222   7.11356   1.000 831.55105 ? 203 DC D "C5'" 1 
ATOM 580 C "C4'" . DC C 3 7  ? -14.54087 0.45905   7.79466   1.000 799.72054 ? 203 DC D "C4'" 1 
ATOM 581 O "O4'" . DC C 3 7  ? -14.16674 -0.62200  6.89652   1.000 791.86346 ? 203 DC D "O4'" 1 
ATOM 582 C "C3'" . DC C 3 7  ? -13.22521 1.14322   8.15725   1.000 784.76834 ? 203 DC D "C3'" 1 
ATOM 583 O "O3'" . DC C 3 7  ? -12.63870 0.48348   9.28148   1.000 757.50498 ? 203 DC D "O3'" 1 
ATOM 584 C "C2'" . DC C 3 7  ? -12.40257 0.91703   6.89463   1.000 783.74556 ? 203 DC D "C2'" 1 
ATOM 585 C "C1'" . DC C 3 7  ? -12.78917 -0.51775  6.57681   1.000 776.93699 ? 203 DC D "C1'" 1 
ATOM 586 N N1    . DC C 3 7  ? -12.60220 -0.91654  5.14537   1.000 785.34124 ? 203 DC D N1    1 
ATOM 587 C C2    . DC C 3 7  ? -11.84272 -2.05111  4.84093   1.000 766.07818 ? 203 DC D C2    1 
ATOM 588 O O2    . DC C 3 7  ? -11.32428 -2.69148  5.76093   1.000 742.28955 ? 203 DC D O2    1 
ATOM 589 N N3    . DC C 3 7  ? -11.69147 -2.41465  3.54288   1.000 774.42443 ? 203 DC D N3    1 
ATOM 590 C C4    . DC C 3 7  ? -12.26664 -1.69776  2.57796   1.000 800.48595 ? 203 DC D C4    1 
ATOM 591 N N4    . DC C 3 7  ? -12.09331 -2.09343  1.31096   1.000 807.54689 ? 203 DC D N4    1 
ATOM 592 C C5    . DC C 3 7  ? -13.04524 -0.53909  2.86799   1.000 816.59819 ? 203 DC D C5    1 
ATOM 593 C C6    . DC C 3 7  ? -13.19472 -0.19367  4.15337   1.000 812.15573 ? 203 DC D C6    1 
ATOM 594 P P     . DT C 3 8  ? -11.97318 1.32746   10.47777  1.000 833.48246 ? 204 DT D P     1 
ATOM 595 O OP1   . DT C 3 8  ? -12.65758 0.92545   11.72842  1.000 826.07801 ? 204 DT D OP1   1 
ATOM 596 O OP2   . DT C 3 8  ? -11.96494 2.75168   10.08075  1.000 853.35453 ? 204 DT D OP2   1 
ATOM 597 O "O5'" . DT C 3 8  ? -10.45589 0.80520   10.52056  1.000 805.95822 ? 204 DT D "O5'" 1 
ATOM 598 C "C5'" . DT C 3 8  ? -9.65800  0.79621   9.32600   1.000 806.93655 ? 204 DT D "C5'" 1 
ATOM 599 C "C4'" . DT C 3 8  ? -8.71211  -0.39790  9.30972   1.000 781.32999 ? 204 DT D "C4'" 1 
ATOM 600 O "O4'" . DT C 3 8  ? -8.89100  -1.15040  8.07974   1.000 788.64872 ? 204 DT D "O4'" 1 
ATOM 601 C "C3'" . DT C 3 8  ? -7.23013  -0.06056  9.34057   1.000 764.39533 ? 204 DT D "C3'" 1 
ATOM 602 O "O3'" . DT C 3 8  ? -6.51646  -1.16709  9.88411   1.000 737.72293 ? 204 DT D "O3'" 1 
ATOM 603 C "C2'" . DT C 3 8  ? -6.92717  0.11546   7.85506   1.000 777.51045 ? 204 DT D "C2'" 1 
ATOM 604 C "C1'" . DT C 3 8  ? -7.71939  -1.04904  7.28203   1.000 782.21975 ? 204 DT D "C1'" 1 
ATOM 605 N N1    . DT C 3 8  ? -8.14631  -0.88206  5.85781   1.000 721.74509 ? 204 DT D N1    1 
ATOM 606 C C2    . DT C 3 8  ? -7.76140  -1.82048  4.92529   1.000 725.00123 ? 204 DT D C2    1 
ATOM 607 O O2    . DT C 3 8  ? -7.05868  -2.77987  5.19464   1.000 698.78526 ? 204 DT D O2    1 
ATOM 608 N N3    . DT C 3 8  ? -8.23618  -1.59874  3.65808   1.000 757.37348 ? 204 DT D N3    1 
ATOM 609 C C4    . DT C 3 8  ? -9.04012  -0.55435  3.24103   1.000 784.74965 ? 204 DT D C4    1 
ATOM 610 O O4    . DT C 3 8  ? -9.41400  -0.43607  2.07810   1.000 807.19639 ? 204 DT D O4    1 
ATOM 611 C C5    . DT C 3 8  ? -9.40998  0.38934   4.26899   1.000 780.26218 ? 204 DT D C5    1 
ATOM 612 C C7    . DT C 3 8  ? -10.27624 1.56519   3.93492   1.000 808.17357 ? 204 DT D C7    1 
ATOM 613 C C6    . DT C 3 8  ? -8.95501  0.17867   5.51381   1.000 752.60470 ? 204 DT D C6    1 
ATOM 614 P P     . DC C 3 9  ? -5.08609  -0.96005  10.58446  1.000 678.97587 ? 205 DC D P     1 
ATOM 615 O OP1   . DC C 3 9  ? -4.90509  -2.06145  11.55919  1.000 643.25031 ? 205 DC D OP1   1 
ATOM 616 O OP2   . DC C 3 9  ? -5.01208  0.44394   11.04600  1.000 703.31742 ? 205 DC D OP2   1 
ATOM 617 O "O5'" . DC C 3 9  ? -4.04046  -1.13752  9.38370   1.000 676.04676 ? 205 DC D "O5'" 1 
ATOM 618 C "C5'" . DC C 3 9  ? -4.09436  -2.29777  8.56100   1.000 662.53832 ? 205 DC D "C5'" 1 
ATOM 619 C "C4'" . DC C 3 9  ? -3.02566  -2.25524  7.47914   1.000 666.03781 ? 205 DC D "C4'" 1 
ATOM 620 O "O4'" . DC C 3 9  ? -3.64854  -2.11543  6.17297   1.000 696.85438 ? 205 DC D "O4'" 1 
ATOM 621 C "C3'" . DC C 3 9  ? -2.01754  -1.10676  7.58961   1.000 676.13650 ? 205 DC D "C3'" 1 
ATOM 622 O "O3'" . DC C 3 9  ? -0.71716  -1.58372  7.25805   1.000 654.60343 ? 205 DC D "O3'" 1 
ATOM 623 C "C2'" . DC C 3 9  ? -2.52616  -0.11311  6.54471   1.000 717.99260 ? 205 DC D "C2'" 1 
ATOM 624 C "C1'" . DC C 3 9  ? -3.01765  -1.06767  5.47138   1.000 732.51064 ? 205 DC D "C1'" 1 
ATOM 625 N N1    . DC C 3 9  ? -3.99952  -0.47345  4.51053   1.000 711.68528 ? 205 DC D N1    1 
ATOM 626 C C2    . DC C 3 9  ? -4.21465  -1.10195  3.28314   1.000 728.96276 ? 205 DC D C2    1 
ATOM 627 O O2    . DC C 3 9  ? -3.58693  -2.12689  3.01756   1.000 713.10780 ? 205 DC D O2    1 
ATOM 628 N N3    . DC C 3 9  ? -5.10122  -0.56583  2.41160   1.000 758.80501 ? 205 DC D N3    1 
ATOM 629 C C4    . DC C 3 9  ? -5.76246  0.54312   2.73213   1.000 773.26137 ? 205 DC D C4    1 
ATOM 630 N N4    . DC C 3 9  ? -6.62882  1.03194   1.83745   1.000 794.54093 ? 205 DC D N4    1 
ATOM 631 C C5    . DC C 3 9  ? -5.56059  1.20242   3.98245   1.000 756.17854 ? 205 DC D C5    1 
ATOM 632 C C6    . DC C 3 9  ? -4.67719  0.66411   4.83427   1.000 723.67561 ? 205 DC D C6    1 
ATOM 633 P P     . DT C 3 10 ? 0.56749   -1.15421  8.12455   1.000 623.90060 ? 206 DT D P     1 
ATOM 634 O OP1   . DT C 3 10 ? 0.63766   -2.03419  9.31490   1.000 597.24134 ? 206 DT D OP1   1 
ATOM 635 O OP2   . DT C 3 10 ? 0.53030   0.31613   8.29110   1.000 643.54546 ? 206 DT D OP2   1 
ATOM 636 O "O5'" . DT C 3 10 ? 1.79636   -1.49537  7.16014   1.000 617.12174 ? 206 DT D "O5'" 1 
ATOM 637 C "C5'" . DT C 3 10 ? 1.84877   -2.75503  6.50854   1.000 606.36311 ? 206 DT D "C5'" 1 
ATOM 638 C "C4'" . DT C 3 10 ? 2.21511   -2.59816  5.04065   1.000 622.81519 ? 206 DT D "C4'" 1 
ATOM 639 O "O4'" . DT C 3 10 ? 1.10563   -2.03130  4.31059   1.000 672.48908 ? 206 DT D "O4'" 1 
ATOM 640 C "C3'" . DT C 3 10 ? 3.41570   -1.69256  4.76149   1.000 632.94707 ? 206 DT D "C3'" 1 
ATOM 641 O "O3'" . DT C 3 10 ? 4.49643   -2.47968  4.26383   1.000 609.26734 ? 206 DT D "O3'" 1 
ATOM 642 C "C2'" . DT C 3 10 ? 2.90426   -0.67324  3.71926   1.000 689.51813 ? 206 DT D "C2'" 1 
ATOM 643 C "C1'" . DT C 3 10 ? 1.61064   -1.30845  3.21946   1.000 705.59297 ? 206 DT D "C1'" 1 
ATOM 644 N N1    . DT C 3 10 ? 0.56465   -0.31761  2.79452   1.000 742.65340 ? 206 DT D N1    1 
ATOM 645 C C2    . DT C 3 10 ? -0.07890  -0.48145  1.58324   1.000 767.57764 ? 206 DT D C2    1 
ATOM 646 O O2    . DT C 3 10 ? 0.16762   -1.39126  0.81337   1.000 762.67940 ? 206 DT D O2    1 
ATOM 647 N N3    . DT C 3 10 ? -1.02945  0.47209   1.30690   1.000 790.20776 ? 206 DT D N3    1 
ATOM 648 C C4    . DT C 3 10 ? -1.39141  1.54345   2.10442   1.000 788.28769 ? 206 DT D C4    1 
ATOM 649 O O4    . DT C 3 10 ? -2.25362  2.34991   1.77439   1.000 799.96534 ? 206 DT D O4    1 
ATOM 650 C C5    . DT C 3 10 ? -0.68205  1.65027   3.35578   1.000 765.72706 ? 206 DT D C5    1 
ATOM 651 C C7    . DT C 3 10 ? -0.98995  2.77308   4.30163   1.000 752.08957 ? 206 DT D C7    1 
ATOM 652 C C6    . DT C 3 10 ? 0.24659   0.72535   3.63752   1.000 742.82807 ? 206 DT D C6    1 
ATOM 653 P P     . DG C 3 11 ? 5.89911   -1.80115  3.87356   1.000 580.56621 ? 207 DG D P     1 
ATOM 654 O OP1   . DG C 3 11 ? 6.97180   -2.79591  4.09708   1.000 556.82714 ? 207 DG D OP1   1 
ATOM 655 O OP2   . DG C 3 11 ? 5.97595   -0.48826  4.54822   1.000 583.73202 ? 207 DG D OP2   1 
ATOM 656 O "O5'" . DG C 3 11 ? 5.75721   -1.54323  2.30650   1.000 601.63928 ? 207 DG D "O5'" 1 
ATOM 657 C "C5'" . DG C 3 11 ? 4.98962   -2.43442  1.50811   1.000 612.22071 ? 207 DG D "C5'" 1 
ATOM 658 C "C4'" . DG C 3 11 ? 4.55885   -1.74787  0.23166   1.000 637.59426 ? 207 DG D "C4'" 1 
ATOM 659 O "O4'" . DG C 3 11 ? 3.44705   -0.87455  0.50476   1.000 654.19053 ? 207 DG D "O4'" 1 
ATOM 660 C "C3'" . DG C 3 11 ? 5.63303   -0.86209  -0.38046  1.000 629.97021 ? 207 DG D "C3'" 1 
ATOM 661 O "O3'" . DG C 3 11 ? 6.24467   -1.53288  -1.47075  1.000 626.24821 ? 207 DG D "O3'" 1 
ATOM 662 C "C2'" . DG C 3 11 ? 4.88632   0.40910   -0.82962  1.000 645.87402 ? 207 DG D "C2'" 1 
ATOM 663 C "C1'" . DG C 3 11 ? 3.42588   0.13845   -0.46662  1.000 662.77245 ? 207 DG D "C1'" 1 
ATOM 664 N N9    . DG C 3 11 ? 2.72926   1.30221   0.09407   1.000 672.04770 ? 207 DG D N9    1 
ATOM 665 C C8    . DG C 3 11 ? 3.00743   1.93475   1.28059   1.000 662.93880 ? 207 DG D C8    1 
ATOM 666 N N7    . DG C 3 11 ? 2.21570   2.94006   1.53682   1.000 674.89113 ? 207 DG D N7    1 
ATOM 667 C C5    . DG C 3 11 ? 1.35238   2.98250   0.45050   1.000 693.20276 ? 207 DG D C5    1 
ATOM 668 C C6    . DG C 3 11 ? 0.27706   3.86707   0.16795   1.000 711.87554 ? 207 DG D C6    1 
ATOM 669 O O6    . DG C 3 11 ? -0.14485  4.81696   0.84510   1.000 716.51032 ? 207 DG D O6    1 
ATOM 670 N N1    . DG C 3 11 ? -0.33824  3.56164   -1.04067  1.000 725.85157 ? 207 DG D N1    1 
ATOM 671 C C2    . DG C 3 11 ? 0.03457   2.53475   -1.87486  1.000 722.26486 ? 207 DG D C2    1 
ATOM 672 N N2    . DG C 3 11 ? -0.67914  2.40196   -3.00333  1.000 736.87152 ? 207 DG D N2    1 
ATOM 673 N N3    . DG C 3 11 ? 1.04009   1.69807   -1.62588  1.000 705.26087 ? 207 DG D N3    1 
ATOM 674 C C4    . DG C 3 11 ? 1.65327   1.98046   -0.44964  1.000 691.47447 ? 207 DG D C4    1 
ATOM 675 P P     . DT C 3 12 ? 7.84568   -1.61425  -1.57757  1.000 558.87322 ? 208 DT D P     1 
ATOM 676 O OP1   . DT C 3 12 ? 8.25692   -3.02213  -1.38278  1.000 548.70587 ? 208 DT D OP1   1 
ATOM 677 O OP2   . DT C 3 12 ? 8.41891   -0.56344  -0.70532  1.000 548.76509 ? 208 DT D OP2   1 
ATOM 678 O "O5'" . DT C 3 12 ? 8.13395   -1.19058  -3.08911  1.000 564.36795 ? 208 DT D "O5'" 1 
ATOM 679 C "C5'" . DT C 3 12 ? 7.86110   0.13489   -3.50647  1.000 573.50411 ? 208 DT D "C5'" 1 
ATOM 680 C "C4'" . DT C 3 12 ? 6.77165   0.17024   -4.56276  1.000 593.48419 ? 208 DT D "C4'" 1 
ATOM 681 O "O4'" . DT C 3 12 ? 5.51080   0.48001   -3.94264  1.000 607.96634 ? 208 DT D "O4'" 1 
ATOM 682 C "C3'" . DT C 3 12 ? 6.94923   1.25680   -5.60385  1.000 598.90071 ? 208 DT D "C3'" 1 
ATOM 683 O "O3'" . DT C 3 12 ? 7.80383   0.81149   -6.66684  1.000 591.39741 ? 208 DT D "O3'" 1 
ATOM 684 C "C2'" . DT C 3 12 ? 5.52289   1.52732   -6.08705  1.000 620.74398 ? 208 DT D "C2'" 1 
ATOM 685 C "C1'" . DT C 3 12 ? 4.66143   1.09941   -4.89244  1.000 625.49140 ? 208 DT D "C1'" 1 
ATOM 686 N N1    . DT C 3 12 ? 3.93177   2.22141   -4.22217  1.000 634.91310 ? 208 DT D N1    1 
ATOM 687 C C2    . DT C 3 12 ? 2.76126   2.68488   -4.77212  1.000 654.32096 ? 208 DT D C2    1 
ATOM 688 O O2    . DT C 3 12 ? 2.28562   2.24108   -5.80043  1.000 664.03583 ? 208 DT D O2    1 
ATOM 689 N N3    . DT C 3 12 ? 2.16411   3.69961   -4.07328  1.000 661.71980 ? 208 DT D N3    1 
ATOM 690 C C4    . DT C 3 12 ? 2.60878   4.28068   -2.90134  1.000 651.57909 ? 208 DT D C4    1 
ATOM 691 O O4    . DT C 3 12 ? 1.99697   5.18069   -2.34212  1.000 659.45277 ? 208 DT D O4    1 
ATOM 692 C C5    . DT C 3 12 ? 3.83793   3.74345   -2.37551  1.000 630.82193 ? 208 DT D C5    1 
ATOM 693 C C7    . DT C 3 12 ? 4.41657   4.29340   -1.10846  1.000 617.49897 ? 208 DT D C7    1 
ATOM 694 C C6    . DT C 3 12 ? 4.43373   2.75408   -3.05526  1.000 623.74216 ? 208 DT D C6    1 
ATOM 695 P P     . DG C 3 13 ? 7.81974   -0.72017  -7.16969  1.000 584.26775 ? 209 DG D P     1 
ATOM 696 O OP1   . DG C 3 13 ? 6.43483   -1.21041  -7.34937  1.000 601.89162 ? 209 DG D OP1   1 
ATOM 697 O OP2   . DG C 3 13 ? 8.76274   -1.48544  -6.32323  1.000 566.10359 ? 209 DG D OP2   1 
ATOM 698 O "O5'" . DG C 3 13 ? 8.47883   -0.60169  -8.61789  1.000 582.15599 ? 209 DG D "O5'" 1 
ATOM 699 C "C5'" . DG C 3 13 ? 9.17576   0.58837   -8.97644  1.000 577.53343 ? 209 DG D "C5'" 1 
ATOM 700 C "C4'" . DG C 3 13 ? 10.65741  0.44758   -8.69208  1.000 565.72358 ? 209 DG D "C4'" 1 
ATOM 701 O "O4'" . DG C 3 13 ? 10.88415  0.50578   -7.27313  1.000 555.50129 ? 209 DG D "O4'" 1 
ATOM 702 C "C3'" . DG C 3 13 ? 11.26381  -0.87509  -9.14415  1.000 567.62387 ? 209 DG D "C3'" 1 
ATOM 703 O "O3'" . DG C 3 13 ? 11.93872  -0.70260  -10.38576 1.000 571.95892 ? 209 DG D "O3'" 1 
ATOM 704 C "C2'" . DG C 3 13 ? 12.23985  -1.25886  -8.01816  1.000 556.67950 ? 209 DG D "C2'" 1 
ATOM 705 C "C1'" . DG C 3 13 ? 12.10659  -0.11894  -7.00355  1.000 549.17316 ? 209 DG D "C1'" 1 
ATOM 706 N N9    . DG C 3 13 ? 12.09421  -0.57580  -5.61709  1.000 541.08099 ? 209 DG D N9    1 
ATOM 707 C C8    . DG C 3 13 ? 11.17383  -0.27440  -4.64367  1.000 538.53531 ? 209 DG D C8    1 
ATOM 708 N N7    . DG C 3 13 ? 11.43002  -0.84000  -3.49530  1.000 531.16725 ? 209 DG D N7    1 
ATOM 709 C C5    . DG C 3 13 ? 12.59217  -1.55821  -3.72716  1.000 528.58241 ? 209 DG D C5    1 
ATOM 710 C C6    . DG C 3 13 ? 13.35199  -2.37587  -2.86337  1.000 521.17676 ? 209 DG D C6    1 
ATOM 711 O O6    . DG C 3 13 ? 13.14115  -2.63105  -1.67297  1.000 515.48482 ? 209 DG D O6    1 
ATOM 712 N N1    . DG C 3 13 ? 14.45948  -2.91764  -3.50649  1.000 520.75392 ? 209 DG D N1    1 
ATOM 713 C C2    . DG C 3 13 ? 14.79128  -2.69717  -4.82059  1.000 526.88677 ? 209 DG D C2    1 
ATOM 714 N N2    . DG C 3 13 ? 15.89454  -3.30339  -5.27675  1.000 525.29833 ? 209 DG D N2    1 
ATOM 715 N N3    . DG C 3 13 ? 14.09034  -1.93828  -5.63519  1.000 534.10115 ? 209 DG D N3    1 
ATOM 716 C C4    . DG C 3 13 ? 13.01284  -1.40552  -5.02853  1.000 534.49486 ? 209 DG D C4    1 
ATOM 717 O "O5'" . DT D 4 1  ? 13.54180  -14.24383 5.10119   1.000 657.13472 ? 105 DT X "O5'" 1 
ATOM 718 C "C5'" . DT D 4 1  ? 13.21519  -13.89399 3.75273   1.000 662.58338 ? 105 DT X "C5'" 1 
ATOM 719 C "C4'" . DT D 4 1  ? 14.43713  -13.99570 2.84742   1.000 679.37763 ? 105 DT X "C4'" 1 
ATOM 720 O "O4'" . DT D 4 1  ? 14.05670  -13.69817 1.46920   1.000 692.63278 ? 105 DT X "O4'" 1 
ATOM 721 C "C3'" . DT D 4 1  ? 15.55991  -13.01749 3.16664   1.000 669.62315 ? 105 DT X "C3'" 1 
ATOM 722 O "O3'" . DT D 4 1  ? 16.80450  -13.55533 2.75223   1.000 681.80242 ? 105 DT X "O3'" 1 
ATOM 723 C "C2'" . DT D 4 1  ? 15.18019  -11.81728 2.31204   1.000 669.49673 ? 105 DT X "C2'" 1 
ATOM 724 C "C1'" . DT D 4 1  ? 14.70901  -12.50968 1.03911   1.000 690.19006 ? 105 DT X "C1'" 1 
ATOM 725 N N1    . DT D 4 1  ? 13.74297  -11.67294 0.21112   1.000 666.61035 ? 105 DT X N1    1 
ATOM 726 C C2    . DT D 4 1  ? 14.02464  -11.40098 -1.11608  1.000 686.97239 ? 105 DT X C2    1 
ATOM 727 O O2    . DT D 4 1  ? 15.01591  -11.80634 -1.68494  1.000 689.71266 ? 105 DT X O2    1 
ATOM 728 N N3    . DT D 4 1  ? 13.08614  -10.63140 -1.76048  1.000 701.02988 ? 105 DT X N3    1 
ATOM 729 C C4    . DT D 4 1  ? 11.92286  -10.10672 -1.22717  1.000 697.22553 ? 105 DT X C4    1 
ATOM 730 O O4    . DT D 4 1  ? 11.14094  -9.42186  -1.89051  1.000 698.93937 ? 105 DT X O4    1 
ATOM 731 C C5    . DT D 4 1  ? 11.69256  -10.41997 0.16531   1.000 681.46389 ? 105 DT X C5    1 
ATOM 732 C C7    . DT D 4 1  ? 10.46485  -9.90856  0.85731   1.000 676.53894 ? 105 DT X C7    1 
ATOM 733 C C6    . DT D 4 1  ? 12.60415  -11.17426 0.80777   1.000 664.55592 ? 105 DT X C6    1 
ATOM 734 P P     . DC D 4 2  ? 18.17339  -12.95018 3.33048   1.000 613.77560 ? 106 DC X P     1 
ATOM 735 O OP1   . DC D 4 2  ? 18.89218  -14.07074 3.96853   1.000 620.18319 ? 106 DC X OP1   1 
ATOM 736 O OP2   . DC D 4 2  ? 17.81973  -11.76528 4.14104   1.000 592.97023 ? 106 DC X OP2   1 
ATOM 737 O "O5'" . DC D 4 2  ? 18.97422  -12.45821 2.03214   1.000 624.63537 ? 106 DC X "O5'" 1 
ATOM 738 C "C5'" . DC D 4 2  ? 18.33466  -12.44917 0.76231   1.000 638.75147 ? 106 DC X "C5'" 1 
ATOM 739 C "C4'" . DC D 4 2  ? 18.73021  -11.22295 -0.04017  1.000 638.93642 ? 106 DC X "C4'" 1 
ATOM 740 O "O4'" . DC D 4 2  ? 17.54447  -10.47680 -0.40017  1.000 635.52171 ? 106 DC X "O4'" 1 
ATOM 741 C "C3'" . DC D 4 2  ? 19.65606  -10.23343 0.68576   1.000 624.73686 ? 106 DC X "C3'" 1 
ATOM 742 O "O3'" . DC D 4 2  ? 20.84981  -10.02801 -0.08011  1.000 634.20082 ? 106 DC X "O3'" 1 
ATOM 743 C "C2'" . DC D 4 2  ? 18.81600  -8.94941  0.78997   1.000 611.55967 ? 106 DC X "C2'" 1 
ATOM 744 C "C1'" . DC D 4 2  ? 17.86186  -9.11660  -0.38223  1.000 624.74675 ? 106 DC X "C1'" 1 
ATOM 745 N N1    . DC D 4 2  ? 16.59404  -8.32381  -0.27765  1.000 574.90961 ? 106 DC X N1    1 
ATOM 746 C C2    . DC D 4 2  ? 16.11233  -7.66596  -1.41248  1.000 596.98660 ? 106 DC X C2    1 
ATOM 747 O O2    . DC D 4 2  ? 16.75999  -7.73768  -2.45841  1.000 610.76428 ? 106 DC X O2    1 
ATOM 748 N N3    . DC D 4 2  ? 14.97160  -6.93746  -1.32165  1.000 598.54740 ? 106 DC X N3    1 
ATOM 749 C C4    . DC D 4 2  ? 14.31517  -6.87083  -0.16690  1.000 583.77223 ? 106 DC X C4    1 
ATOM 750 N N4    . DC D 4 2  ? 13.19128  -6.14713  -0.12587  1.000 582.17545 ? 106 DC X N4    1 
ATOM 751 C C5    . DC D 4 2  ? 14.78407  -7.54260  1.00438   1.000 561.33024 ? 106 DC X C5    1 
ATOM 752 C C6    . DC D 4 2  ? 15.91810  -8.25104  0.90428   1.000 555.96544 ? 106 DC X C6    1 
ATOM 753 P P     . DC D 4 3  ? 22.13968  -9.34250  0.59191   1.000 558.07715 ? 107 DC X P     1 
ATOM 754 O OP1   . DC D 4 3  ? 23.31120  -9.64342  -0.25778  1.000 569.70194 ? 107 DC X OP1   1 
ATOM 755 O OP2   . DC D 4 3  ? 22.16348  -9.74225  2.01541   1.000 548.78925 ? 107 DC X OP2   1 
ATOM 756 O "O5'" . DC D 4 3  ? 21.82073  -7.77127  0.52682   1.000 546.22973 ? 107 DC X "O5'" 1 
ATOM 757 C "C5'" . DC D 4 3  ? 22.39774  -6.95170  -0.49321  1.000 550.05619 ? 107 DC X "C5'" 1 
ATOM 758 C "C4'" . DC D 4 3  ? 21.59797  -7.03659  -1.78067  1.000 561.24849 ? 107 DC X "C4'" 1 
ATOM 759 O "O4'" . DC D 4 3  ? 20.18742  -6.87436  -1.48697  1.000 555.47079 ? 107 DC X "O4'" 1 
ATOM 760 C "C3'" . DC D 4 3  ? 21.93341  -5.97060  -2.83281  1.000 563.64634 ? 107 DC X "C3'" 1 
ATOM 761 O "O3'" . DC D 4 3  ? 22.00383  -6.58037  -4.12527  1.000 580.57957 ? 107 DC X "O3'" 1 
ATOM 762 C "C2'" . DC D 4 3  ? 20.76220  -4.99286  -2.72054  1.000 553.78427 ? 107 DC X "C2'" 1 
ATOM 763 C "C1'" . DC D 4 3  ? 19.63327  -5.94160  -2.38452  1.000 556.15678 ? 107 DC X "C1'" 1 
ATOM 764 N N1    . DC D 4 3  ? 18.42842  -5.32016  -1.73636  1.000 547.68111 ? 107 DC X N1    1 
ATOM 765 C C2    . DC D 4 3  ? 17.55629  -4.51482  -2.48295  1.000 558.49383 ? 107 DC X C2    1 
ATOM 766 O O2    . DC D 4 3  ? 17.81149  -4.27594  -3.66690  1.000 571.74185 ? 107 DC X O2    1 
ATOM 767 N N3    . DC D 4 3  ? 16.45799  -4.00060  -1.87161  1.000 549.08477 ? 107 DC X N3    1 
ATOM 768 C C4    . DC D 4 3  ? 16.21065  -4.27400  -0.59061  1.000 533.85420 ? 107 DC X C4    1 
ATOM 769 N N4    . DC D 4 3  ? 15.11904  -3.74648  -0.02784  1.000 525.29416 ? 107 DC X N4    1 
ATOM 770 C C5    . DC D 4 3  ? 17.07996  -5.09677  0.17783   1.000 523.90426 ? 107 DC X C5    1 
ATOM 771 C C6    . DC D 4 3  ? 18.15850  -5.59905  -0.42934  1.000 534.07067 ? 107 DC X C6    1 
ATOM 772 P P     . DT D 4 4  ? 21.75074  -5.73405  -5.47234  1.000 570.66517 ? 108 DT X P     1 
ATOM 773 O OP1   . DT D 4 4  ? 20.29425  -5.64602  -5.73045  1.000 570.60837 ? 108 DT X OP1   1 
ATOM 774 O OP2   . DT D 4 4  ? 22.63251  -6.33289  -6.49285  1.000 586.60984 ? 108 DT X OP2   1 
ATOM 775 O "O5'" . DT D 4 4  ? 22.33994  -4.27625  -5.16755  1.000 557.98614 ? 108 DT X "O5'" 1 
ATOM 776 C "C5'" . DT D 4 4  ? 22.69994  -3.43014  -6.25175  1.000 563.30185 ? 108 DT X "C5'" 1 
ATOM 777 C "C4'" . DT D 4 4  ? 22.12188  -2.03543  -6.08948  1.000 551.05023 ? 108 DT X "C4'" 1 
ATOM 778 O "O4'" . DT D 4 4  ? 20.80660  -2.10307  -5.52187  1.000 545.16162 ? 108 DT X "O4'" 1 
ATOM 779 C "C3'" . DT D 4 4  ? 22.88281  -1.12772  -5.14578  1.000 536.97792 ? 108 DT X "C3'" 1 
ATOM 780 O "O3'" . DT D 4 4  ? 23.93939  -0.49113  -5.85639  1.000 541.71650 ? 108 DT X "O3'" 1 
ATOM 781 C "C2'" . DT D 4 4  ? 21.80805  -0.12644  -4.69219  1.000 526.94805 ? 108 DT X "C2'" 1 
ATOM 782 C "C1'" . DT D 4 4  ? 20.48160  -0.82223  -5.03382  1.000 535.43503 ? 108 DT X "C1'" 1 
ATOM 783 N N1    . DT D 4 4  ? 19.55959  -0.97628  -3.87236  1.000 528.73908 ? 108 DT X N1    1 
ATOM 784 C C2    . DT D 4 4  ? 18.29953  -0.42742  -3.93590  1.000 524.40044 ? 108 DT X C2    1 
ATOM 785 O O2    . DT D 4 4  ? 17.89063  0.19863   -4.89589  1.000 522.82009 ? 108 DT X O2    1 
ATOM 786 N N3    . DT D 4 4  ? 17.52928  -0.64527  -2.82300  1.000 516.16510 ? 108 DT X N3    1 
ATOM 787 C C4    . DT D 4 4  ? 17.88316  -1.33240  -1.68339  1.000 511.37030 ? 108 DT X C4    1 
ATOM 788 O O4    . DT D 4 4  ? 17.11905  -1.47447  -0.73549  1.000 503.16531 ? 108 DT X O4    1 
ATOM 789 C C5    . DT D 4 4  ? 19.21339  -1.87925  -1.68160  1.000 510.67944 ? 108 DT X C5    1 
ATOM 790 C C7    . DT D 4 4  ? 19.70640  -2.63719  -0.48678  1.000 498.79304 ? 108 DT X C7    1 
ATOM 791 C C6    . DT D 4 4  ? 19.98023  -1.67935  -2.76408  1.000 520.51688 ? 108 DT X C6    1 
ATOM 792 P P     . DG D 4 5  ? 24.67562  0.80428   -5.25647  1.000 509.14376 ? 109 DG X P     1 
ATOM 793 O OP1   . DG D 4 5  ? 25.95036  0.93972   -5.99603  1.000 518.32841 ? 109 DG X OP1   1 
ATOM 794 O OP2   . DG D 4 5  ? 24.71375  0.68141   -3.78214  1.000 495.94682 ? 109 DG X OP2   1 
ATOM 795 O "O5'" . DG D 4 5  ? 23.70045  2.01494   -5.65348  1.000 503.37244 ? 109 DG X "O5'" 1 
ATOM 796 C "C5'" . DG D 4 5  ? 23.66224  3.19030   -4.85785  1.000 488.45438 ? 109 DG X "C5'" 1 
ATOM 797 C "C4'" . DG D 4 5  ? 22.34126  3.92411   -5.02773  1.000 482.98088 ? 109 DG X "C4'" 1 
ATOM 798 O "O4'" . DG D 4 5  ? 21.24989  2.98827   -4.89989  1.000 485.37900 ? 109 DG X "O4'" 1 
ATOM 799 C "C3'" . DG D 4 5  ? 22.07863  4.99211   -3.98026  1.000 466.25536 ? 109 DG X "C3'" 1 
ATOM 800 O "O3'" . DG D 4 5  ? 22.59892  6.22996   -4.42519  1.000 464.42754 ? 109 DG X "O3'" 1 
ATOM 801 C "C2'" . DG D 4 5  ? 20.55534  5.03120   -3.89479  1.000 462.34265 ? 109 DG X "C2'" 1 
ATOM 802 C "C1'" . DG D 4 5  ? 20.15567  3.59977   -4.24352  1.000 473.49605 ? 109 DG X "C1'" 1 
ATOM 803 N N9    . DG D 4 5  ? 19.78391  2.78063   -3.09251  1.000 467.15043 ? 109 DG X N9    1 
ATOM 804 C C8    . DG D 4 5  ? 20.54540  1.81907   -2.47701  1.000 468.72136 ? 109 DG X C8    1 
ATOM 805 N N7    . DG D 4 5  ? 19.93923  1.23053   -1.48665  1.000 462.47427 ? 109 DG X N7    1 
ATOM 806 C C5    . DG D 4 5  ? 18.69810  1.84448   -1.43890  1.000 456.28910 ? 109 DG X C5    1 
ATOM 807 C C6    . DG D 4 5  ? 17.61158  1.62617   -0.56764  1.000 448.44532 ? 109 DG X C6    1 
ATOM 808 O O6    . DG D 4 5  ? 17.52981  0.82226   0.36734   1.000 445.32971 ? 109 DG X O6    1 
ATOM 809 N N1    . DG D 4 5  ? 16.54388  2.45587   -0.86600  1.000 444.50281 ? 109 DG X N1    1 
ATOM 810 C C2    . DG D 4 5  ? 16.52701  3.38698   -1.87166  1.000 447.65381 ? 109 DG X C2    1 
ATOM 811 N N2    . DG D 4 5  ? 15.40462  4.09763   -1.99710  1.000 443.10436 ? 109 DG X N2    1 
ATOM 812 N N3    . DG D 4 5  ? 17.53796  3.60464   -2.69698  1.000 455.11245 ? 109 DG X N3    1 
ATOM 813 C C4    . DG D 4 5  ? 18.58641  2.79903   -2.42203  1.000 459.04415 ? 109 DG X C4    1 
ATOM 814 P P     . DT D 4 6  ? 23.92921  6.82695   -3.75621  1.000 472.37313 ? 110 DT X P     1 
ATOM 815 O OP1   . DT D 4 6  ? 23.95981  8.27650   -4.04883  1.000 467.38910 ? 110 DT X OP1   1 
ATOM 816 O OP2   . DT D 4 6  ? 25.07073  5.99527   -4.19095  1.000 483.71131 ? 110 DT X OP2   1 
ATOM 817 O "O5'" . DT D 4 6  ? 23.71422  6.57060   -2.18992  1.000 459.00343 ? 110 DT X "O5'" 1 
ATOM 818 C "C5'" . DT D 4 6  ? 23.37489  7.64722   -1.32809  1.000 444.76585 ? 110 DT X "C5'" 1 
ATOM 819 C "C4'" . DT D 4 6  ? 21.98715  8.17487   -1.63756  1.000 441.59254 ? 110 DT X "C4'" 1 
ATOM 820 O "O4'" . DT D 4 6  ? 21.01419  7.12041   -1.44112  1.000 443.54145 ? 110 DT X "O4'" 1 
ATOM 821 C "C3'" . DT D 4 6  ? 21.52968  9.30472   -0.73766  1.000 426.82917 ? 110 DT X "C3'" 1 
ATOM 822 O "O3'" . DT D 4 6  ? 20.54707  10.07732  -1.39317  1.000 426.52354 ? 110 DT X "O3'" 1 
ATOM 823 C "C2'" . DT D 4 6  ? 20.94045  8.54495   0.43604   1.000 419.49462 ? 110 DT X "C2'" 1 
ATOM 824 C "C1'" . DT D 4 6  ? 20.27042  7.36813   -0.26063  1.000 430.43166 ? 110 DT X "C1'" 1 
ATOM 825 N N1    . DT D 4 6  ? 20.26850  6.12828   0.54496   1.000 430.39871 ? 110 DT X N1    1 
ATOM 826 C C2    . DT D 4 6  ? 19.11428  5.73721   1.17871   1.000 425.21796 ? 110 DT X C2    1 
ATOM 827 O O2    . DT D 4 6  ? 18.07384  6.36397   1.12770   1.000 420.38835 ? 110 DT X O2    1 
ATOM 828 N N3    . DT D 4 6  ? 19.22170  4.57796   1.88617   1.000 426.19020 ? 110 DT X N3    1 
ATOM 829 C C4    . DT D 4 6  ? 20.34724  3.78010   2.01825   1.000 431.71267 ? 110 DT X C4    1 
ATOM 830 O O4    . DT D 4 6  ? 20.34891  2.75009   2.67591   1.000 432.45578 ? 110 DT X O4    1 
ATOM 831 C C5    . DT D 4 6  ? 21.51964  4.24578   1.32800   1.000 436.91224 ? 110 DT X C5    1 
ATOM 832 C C7    . DT D 4 6  ? 22.79767  3.46076   1.40239   1.000 443.43730 ? 110 DT X C7    1 
ATOM 833 C C6    . DT D 4 6  ? 21.42538  5.38470   0.63092   1.000 436.07579 ? 110 DT X C6    1 
ATOM 834 P P     . DG D 4 7  ? 20.73976  11.66497  -1.53234  1.000 468.66432 ? 111 DG X P     1 
ATOM 835 O OP1   . DG D 4 7  ? 20.13213  12.08276  -2.81136  1.000 476.70883 ? 111 DG X OP1   1 
ATOM 836 O OP2   . DG D 4 7  ? 22.16533  11.94993  -1.27263  1.000 468.23344 ? 111 DG X OP2   1 
ATOM 837 O "O5'" . DG D 4 7  ? 19.88121  12.26736  -0.32850  1.000 453.54547 ? 111 DG X "O5'" 1 
ATOM 838 C "C5'" . DG D 4 7  ? 20.44900  12.37367  0.96082   1.000 443.40737 ? 111 DG X "C5'" 1 
ATOM 839 C "C4'" . DG D 4 7  ? 19.38470  12.20536  2.02146   1.000 433.29825 ? 111 DG X "C4'" 1 
ATOM 840 O "O4'" . DG D 4 7  ? 18.97108  10.82236  2.06770   1.000 445.48919 ? 111 DG X "O4'" 1 
ATOM 841 C "C3'" . DG D 4 7  ? 19.84246  12.52133  3.42650   1.000 421.56754 ? 111 DG X "C3'" 1 
ATOM 842 O "O3'" . DG D 4 7  ? 19.69757  13.91125  3.67205   1.000 412.99467 ? 111 DG X "O3'" 1 
ATOM 843 C "C2'" . DG D 4 7  ? 18.87673  11.69847  4.27146   1.000 416.94977 ? 111 DG X "C2'" 1 
ATOM 844 C "C1'" . DG D 4 7  ? 18.60632  10.47606  3.38827   1.000 429.32127 ? 111 DG X "C1'" 1 
ATOM 845 N N9    . DG D 4 7  ? 19.36366  9.29397   3.78235   1.000 433.64354 ? 111 DG X N9    1 
ATOM 846 C C8    . DG D 4 7  ? 20.68075  9.03401   3.51466   1.000 439.68985 ? 111 DG X C8    1 
ATOM 847 N N7    . DG D 4 7  ? 21.09357  7.89452   3.98629   1.000 442.75333 ? 111 DG X N7    1 
ATOM 848 C C5    . DG D 4 7  ? 19.98031  7.36868   4.62071   1.000 438.40089 ? 111 DG X C5    1 
ATOM 849 C C6    . DG D 4 7  ? 19.82261  6.15478   5.32086   1.000 439.33874 ? 111 DG X C6    1 
ATOM 850 O O6    . DG D 4 7  ? 20.66975  5.27480   5.52522   1.000 444.27090 ? 111 DG X O6    1 
ATOM 851 N N1    . DG D 4 7  ? 18.53006  6.00516   5.80969   1.000 434.20259 ? 111 DG X N1    1 
ATOM 852 C C2    . DG D 4 7  ? 17.51636  6.91701   5.64684   1.000 428.73610 ? 111 DG X C2    1 
ATOM 853 N N2    . DG D 4 7  ? 16.33863  6.59405   6.19772   1.000 424.64190 ? 111 DG X N2    1 
ATOM 854 N N3    . DG D 4 7  ? 17.64798  8.05981   4.98886   1.000 427.74309 ? 111 DG X N3    1 
ATOM 855 C C4    . DG D 4 7  ? 18.90379  8.21862   4.50592   1.000 432.76511 ? 111 DG X C4    1 
# 
loop_
_atom_site_anisotrop.id 
_atom_site_anisotrop.type_symbol 
_atom_site_anisotrop.pdbx_label_atom_id 
_atom_site_anisotrop.pdbx_label_alt_id 
_atom_site_anisotrop.pdbx_label_comp_id 
_atom_site_anisotrop.pdbx_label_asym_id 
_atom_site_anisotrop.pdbx_label_seq_id 
_atom_site_anisotrop.pdbx_PDB_ins_code 
_atom_site_anisotrop.U[1][1] 
_atom_site_anisotrop.U[2][2] 
_atom_site_anisotrop.U[3][3] 
_atom_site_anisotrop.U[1][2] 
_atom_site_anisotrop.U[1][3] 
_atom_site_anisotrop.U[2][3] 
_atom_site_anisotrop.pdbx_auth_seq_id 
_atom_site_anisotrop.pdbx_auth_comp_id 
_atom_site_anisotrop.pdbx_auth_asym_id 
_atom_site_anisotrop.pdbx_auth_atom_id 
1   P P     . DA A 1  ? 6.13812  5.82267  7.39500  -1.41924 -2.33752 -0.97860 112 DA A P     
2   O OP1   . DA A 1  ? 6.28878  5.85392  7.40983  -1.35260 -2.45517 -0.98456 112 DA A OP1   
3   O OP2   . DA A 1  ? 6.04729  5.73402  7.35801  -1.44925 -2.25907 -0.95190 112 DA A OP2   
4   O "O5'" . DA A 1  ? 6.03659  5.76714  7.27490  -1.46852 -2.24144 -0.95294 112 DA A "O5'" 
5   C "C5'" . DA A 1  ? 6.06816  5.70632  7.17215  -1.45468 -2.25154 -0.92208 112 DA A "C5'" 
6   C "C4'" . DA A 1  ? 5.97515  5.55202  7.02427  -1.48297 -2.15689 -0.86254 112 DA A "C4'" 
7   O "O4'" . DA A 1  ? 5.82440  5.51002  6.97747  -1.54246 -2.02977 -0.85439 112 DA A "O4'" 
8   C "C3'" . DA A 1  ? 6.01614  5.49866  7.03476  -1.45742 -2.18733 -0.84372 112 DA A "C3'" 
9   O "O3'" . DA A 1  ? 6.09943  5.43560  6.95608  -1.42019 -2.23890 -0.80790 112 DA A "O3'" 
10  C "C2'" . DA A 1  ? 5.87068  5.40436  6.98083  -1.51119 -2.05788 -0.81712 112 DA A "C2'" 
11  C "C1'" . DA A 1  ? 5.75991  5.39506  6.90489  -1.55820 -1.96068 -0.81534 112 DA A "C1'" 
12  N N9    . DA A 1  ? 5.64059  5.39930  6.91298  -1.60572 -1.85810 -0.83094 112 DA A N9    
13  C C8    . DA A 1  ? 5.64114  5.48376  7.02861  -1.61183 -1.87027 -0.87133 112 DA A C8    
14  N N7    . DA A 1  ? 5.52997  5.47934  7.00374  -1.65824 -1.76537 -0.88088 112 DA A N7    
15  C C5    . DA A 1  ? 5.44844  5.38544  6.86441  -1.68146 -1.67761 -0.84745 112 DA A C5    
16  C C6    . DA A 1  ? 5.32323  5.34339  6.77710  -1.72557 -1.55087 -0.84563 112 DA A C6    
17  N N6    . DA A 1  ? 5.26194  5.39949  6.81486  -1.76021 -1.48971 -0.87922 112 DA A N6    
18  N N1    . DA A 1  ? 5.26984  5.24582  6.64965  -1.72990 -1.49292 -0.80866 112 DA A N1    
19  C C2    . DA A 1  ? 5.34066  5.19548  6.60859  -1.69723 -1.55888 -0.77081 112 DA A C2    
20  N N3    . DA A 1  ? 5.46490  5.23432  6.67709  -1.65784 -1.67841 -0.77085 112 DA A N3    
21  C C4    . DA A 1  ? 5.51256  5.33073  6.80737  -1.65003 -1.73296 -0.81282 112 DA A C4    
22  P P     . DC A 2  ? 6.07547  5.35612  6.81298  -1.43213 -2.19814 -0.76579 113 DC A P     
23  O OP1   . DC A 2  ? 6.12377  5.45779  6.85400  -1.42175 -2.24326 -0.80345 113 DC A OP1   
24  O OP2   . DC A 2  ? 6.16022  5.28289  6.74445  -1.39415 -2.24729 -0.72553 113 DC A OP2   
25  O "O5'" . DC A 2  ? 5.89713  5.24024  6.70970  -1.49832 -2.04225 -0.72524 113 DC A "O5'" 
26  C "C5'" . DC A 2  ? 5.83743  5.14528  6.57011  -1.51909 -1.97473 -0.67759 113 DC A "C5'" 
27  C "C4'" . DC A 2  ? 5.77680  4.99600  6.46519  -1.53459 -1.89965 -0.61338 113 DC A "C4'" 
28  O "O4'" . DC A 2  ? 5.64269  4.96772  6.46929  -1.57890 -1.78646 -0.61932 113 DC A "O4'" 
29  C "C3'" . DC A 2  ? 5.87436  4.96597  6.50028  -1.49823 -1.97167 -0.59679 113 DC A "C3'" 
30  O "O3'" . DC A 2  ? 5.89896  4.84532  6.37979  -1.48956 -1.96118 -0.52967 113 DC A "O3'" 
31  C "C2'" . DC A 2  ? 5.79496  4.94813  6.56921  -1.52532 -1.90756 -0.60676 113 DC A "C2'" 
32  C "C1'" . DC A 2  ? 5.64398  4.91632  6.50779  -1.57722 -1.77497 -0.60503 113 DC A "C1'" 
33  N N1    . DC A 2  ? 5.57695  4.98373  6.60552  -1.60343 -1.72916 -0.65472 113 DC A N1    
34  C C2    . DC A 2  ? 5.44438  4.95386  6.56023  -1.64736 -1.60249 -0.65999 113 DC A C2    
35  O O2    . DC A 2  ? 5.37889  4.86647  6.44132  -1.66139 -1.52855 -0.62149 113 DC A O2    
36  N N3    . DC A 2  ? 5.39742  5.02617  6.64847  -1.67065 -1.56647 -0.70874 113 DC A N3    
37  C C4    . DC A 2  ? 5.47208  5.11719  6.77713  -1.65168 -1.65076 -0.74425 113 DC A C4    
38  N N4    . DC A 2  ? 5.42765  5.18791  6.85812  -1.67618 -1.61442 -0.78689 113 DC A N4    
39  C C5    . DC A 2  ? 5.60264  5.14632  6.82867  -1.60336 -1.77987 -0.73975 113 DC A C5    
40  C C6    . DC A 2  ? 5.65299  5.08181  6.73954  -1.58071 -1.81483 -0.69793 113 DC A C6    
41  P P     . DG A 3  ? 6.23070  5.01416  6.55710  -1.43056 -2.08318 -0.51756 114 DG A P     
42  O OP1   . DG A 3  ? 6.35582  5.17133  6.64273  -1.38169 -2.20588 -0.58354 114 DG A OP1   
43  O OP2   . DG A 3  ? 6.22503  4.95860  6.61332  -1.43204 -2.07195 -0.50100 114 DG A OP2   
44  O "O5'" . DG A 3  ? 6.24766  4.89723  6.39655  -1.42938 -2.05864 -0.44659 114 DG A "O5'" 
45  C "C5'" . DG A 3  ? 6.24055  4.75859  6.32845  -1.43686 -2.01587 -0.37804 114 DG A "C5'" 
46  C "C4'" . DG A 3  ? 6.08366  4.64665  6.24552  -1.49429 -1.86548 -0.32691 114 DG A "C4'" 
47  O "O4'" . DG A 3  ? 5.96799  4.70578  6.32752  -1.52785 -1.79830 -0.37567 114 DG A "O4'" 
48  C "C3'" . DG A 3  ? 6.06065  4.50846  6.21567  -1.50952 -1.79498 -0.25956 114 DG A "C3'" 
49  O "O3'" . DG A 3  ? 5.98862  4.40979  6.07423  -1.53569 -1.69970 -0.19616 114 DG A "O3'" 
50  C "C2'" . DG A 3  ? 5.96906  4.53110  6.34298  -1.53728 -1.72828 -0.29546 114 DG A "C2'" 
51  C "C1'" . DG A 3  ? 5.87861  4.62500  6.34663  -1.55838 -1.69630 -0.35104 114 DG A "C1'" 
52  N N9    . DG A 3  ? 5.83367  4.71309  6.48128  -1.57110 -1.68580 -0.41626 114 DG A N9    
53  C C8    . DG A 3  ? 5.91581  4.80035  6.60989  -1.54473 -1.78091 -0.46150 114 DG A C8    
54  N N7    . DG A 3  ? 5.85136  4.86991  6.70760  -1.56608 -1.74442 -0.51272 114 DG A N7    
55  C C5    . DG A 3  ? 5.72192  4.83123  6.63760  -1.60739 -1.61904 -0.50738 114 DG A C5    
56  C C6    . DG A 3  ? 5.61780  4.88129  6.68362  -1.64246 -1.53340 -0.55468 114 DG A C6    
57  O O6    . DG A 3  ? 5.61823  4.96874  6.79831  -1.64790 -1.55018 -0.60605 114 DG A O6    
58  N N1    . DG A 3  ? 5.51089  4.82344  6.57906  -1.67078 -1.42087 -0.53874 114 DG A N1    
59  C C2    . DG A 3  ? 5.50218  4.72706  6.44797  -1.66575 -1.39483 -0.47846 114 DG A C2    
60  N N2    . DG A 3  ? 5.39280  4.68651  6.36377  -1.68956 -1.28603 -0.47384 114 DG A N2    
61  N N3    . DG A 3  ? 5.59985  4.67797  6.40017  -1.63709 -1.47284 -0.42760 114 DG A N3    
62  C C4    . DG A 3  ? 5.70757  4.73541  6.50022  -1.60894 -1.58275 -0.44853 114 DG A C4    
63  P P     . DG A 4  ? 6.36539  4.76791  6.53019  -1.56980 -1.55882 -0.14171 115 DG A P     
64  O OP1   . DG A 4  ? 6.34328  4.69160  6.36540  -1.57767 -1.50816 -0.07773 115 DG A OP1   
65  O OP2   . DG A 4  ? 6.43239  4.71477  6.63900  -1.55955 -1.56480 -0.12067 115 DG A OP2   
66  O "O5'" . DG A 4  ? 6.22142  4.82961  6.59276  -1.60279 -1.47102 -0.20127 115 DG A "O5'" 
67  C "C5'" . DG A 4  ? 6.10357  4.77242  6.54395  -1.63122 -1.33910 -0.18288 115 DG A "C5'" 
68  C "C4'" . DG A 4  ? 6.02897  4.80513  6.67929  -1.65196 -1.26765 -0.23668 115 DG A "C4'" 
69  O "O4'" . DG A 4  ? 6.06893  4.90889  6.79579  -1.64410 -1.35069 -0.29937 115 DG A "O4'" 
70  C "C3'" . DG A 4  ? 6.05361  4.72823  6.77209  -1.65540 -1.20882 -0.20282 115 DG A "C3'" 
71  O "O3'" . DG A 4  ? 5.96501  4.66492  6.73361  -1.67439 -1.07398 -0.18383 115 DG A "O3'" 
72  C "C2'" . DG A 4  ? 6.05610  4.80486  6.94188  -1.66222 -1.22774 -0.26630 115 DG A "C2'" 
73  C "C1'" . DG A 4  ? 6.02691  4.92067  6.92263  -1.66227 -1.28865 -0.33235 115 DG A "C1'" 
74  N N9    . DG A 4  ? 6.08481  5.01363  7.05395  -1.65075 -1.37669 -0.38290 115 DG A N9    
75  C C8    . DG A 4  ? 6.20751  5.03078  7.10801  -1.61676 -1.49893 -0.37358 115 DG A C8    
76  N N7    . DG A 4  ? 6.23065  5.12734  7.23246  -1.61023 -1.55474 -0.43027 115 DG A N7    
77  C C5    . DG A 4  ? 6.11900  5.17357  7.25913  -1.64594 -1.46050 -0.47635 115 DG A C5    
78  C C6    . DG A 4  ? 6.09291  5.27949  7.37293  -1.65811 -1.46399 -0.54248 115 DG A C6    
79  O O6    . DG A 4  ? 6.15957  5.35599  7.48229  -1.63720 -1.55345 -0.57371 115 DG A O6    
80  N N1    . DG A 4  ? 5.98084  5.29948  7.34672  -1.69701 -1.35140 -0.57478 115 DG A N1    
81  C C2    . DG A 4  ? 5.90105  5.22745  7.23154  -1.71715 -1.24950 -0.55149 115 DG A C2    
82  N N2    . DG A 4  ? 5.80540  5.26694  7.22102  -1.75183 -1.15260 -0.59653 115 DG A N2    
83  N N3    . DG A 4  ? 5.91940  5.12818  7.13076  -1.70286 -1.24581 -0.48882 115 DG A N3    
84  C C4    . DG A 4  ? 6.03076  5.10655  7.14871  -1.66965 -1.35307 -0.45188 115 DG A C4    
85  P P     . DA A 5  ? 5.77560  4.65732  6.62669  -1.69614 -0.98763 -0.23934 116 DA A P     
86  O OP1   . DA A 5  ? 5.75687  4.65750  6.46417  -1.68783 -1.02126 -0.21518 116 DA A OP1   
87  O OP2   . DA A 5  ? 5.71875  4.60281  6.67061  -1.71086 -0.85781 -0.23824 116 DA A OP2   
88  O "O5'" . DA A 5  ? 5.75036  4.77193  6.74303  -1.70949 -1.01528 -0.32699 116 DA A "O5'" 
89  C "C5'" . DA A 5  ? 5.64875  4.83812  6.72126  -1.72769 -0.96289 -0.39157 116 DA A "C5'" 
90  C "C4'" . DA A 5  ? 5.60473  4.88463  6.84265  -1.75563 -0.88768 -0.45485 116 DA A "C4'" 
91  O "O4'" . DA A 5  ? 5.67485  4.95787  6.96874  -1.75512 -0.96802 -0.48157 116 DA A "O4'" 
92  C "C3'" . DA A 5  ? 5.60562  4.80701  6.88999  -1.76647 -0.79391 -0.42764 116 DA A "C3'" 
93  O "O3'" . DA A 5  ? 5.52466  4.84517  6.90653  -1.79915 -0.68888 -0.48871 116 DA A "O3'" 
94  C "C2'" . DA A 5  ? 5.70492  4.81494  7.03502  -1.76215 -0.85201 -0.41065 116 DA A "C2'" 
95  C "C1'" . DA A 5  ? 5.70400  4.93361  7.08656  -1.76715 -0.92600 -0.47476 116 DA A "C1'" 
96  N N9    . DA A 5  ? 5.80231  4.95729  7.19965  -1.74638 -1.03133 -0.46267 116 DA A N9    
97  C C8    . DA A 5  ? 5.89536  4.90672  7.18871  -1.71376 -1.12187 -0.40741 116 DA A C8    
98  N N7    . DA A 5  ? 5.97786  4.95193  7.31385  -1.69687 -1.20982 -0.41690 116 DA A N7    
99  C C5    . DA A 5  ? 5.92540  5.02781  7.40923  -1.71984 -1.17336 -0.47677 116 DA A C5    
100 C C6    . DA A 5  ? 5.96473  5.10015  7.56212  -1.71350 -1.22948 -0.51081 116 DA A C6    
101 N N6    . DA A 5  ? 6.06222  5.10189  7.64505  -1.67972 -1.33709 -0.49391 116 DA A N6    
102 N N1    . DA A 5  ? 5.90534  5.17339  7.62587  -1.74060 -1.17561 -0.56274 116 DA A N1    
103 C C2    . DA A 5  ? 5.81787  5.17657  7.53552  -1.77439 -1.07370 -0.58232 116 DA A C2    
104 N N3    . DA A 5  ? 5.77013  5.11282  7.39189  -1.78312 -1.01004 -0.56027 116 DA A N3    
105 C C4    . DA A 5  ? 5.82513  5.03736  7.33866  -1.75278 -1.06459 -0.50522 116 DA A C4    
106 P P     . DC A 6  ? 6.02308  5.28523  7.45032  -1.82277 -0.57793 -0.47460 117 DC A P     
107 O OP1   . DC A 6  ? 5.76746  5.15705  7.21904  -1.85515 -0.48060 -0.53367 117 DC A OP1   
108 O OP2   . DC A 6  ? 6.16111  5.25782  7.51637  -1.79393 -0.57366 -0.39099 117 DC A OP2   
109 O "O5'" . DC A 6  ? 6.15551  5.39951  7.67168  -1.84058 -0.61447 -0.48120 117 DC A "O5'" 
110 C "C5'" . DC A 6  ? 6.06513  5.44262  7.64316  -1.86108 -0.65380 -0.54182 117 DC A "C5'" 
111 C "C4'" . DC A 6  ? 6.22246  5.55763  7.90739  -1.85324 -0.71272 -0.53133 117 DC A "C4'" 
112 O "O4'" . DC A 6  ? 6.47429  5.71651  8.13858  -1.81596 -0.81098 -0.50272 117 DC A "O4'" 
113 C "C3'" . DC A 6  ? 6.25189  5.48880  8.01585  -1.85269 -0.66111 -0.48478 117 DC A "C3'" 
114 O "O3'" . DC A 6  ? 6.15571  5.47831  8.06053  -1.85762 -0.67664 -0.51568 117 DC A "O3'" 
115 C "C2'" . DC A 6  ? 6.55627  5.63140  8.32819  -1.81557 -0.71673 -0.42625 117 DC A "C2'" 
116 C "C1'" . DC A 6  ? 6.63145  5.76939  8.38931  -1.80175 -0.82584 -0.46543 117 DC A "C1'" 
117 N N1    . DC A 6  ? 6.84683  5.84936  8.54780  -1.76524 -0.91745 -0.41849 117 DC A N1    
118 C C2    . DC A 6  ? 6.95023  5.92820  8.73835  -1.74474 -1.00414 -0.42516 117 DC A C2    
119 O O2    . DC A 6  ? 6.88742  5.95648  8.81307  -1.75329 -1.00001 -0.46668 117 DC A O2    
120 N N3    . DC A 6  ? 7.08209  5.93223  8.79816  -1.71235 -1.09559 -0.38467 117 DC A N3    
121 C C4    . DC A 6  ? 7.10143  5.84980  8.66111  -1.69942 -1.10704 -0.33563 117 DC A C4    
122 N N4    . DC A 6  ? 7.19411  5.80787  8.66653  -1.66605 -1.20811 -0.29703 117 DC A N4    
123 C C5    . DC A 6  ? 6.99842  5.77410  8.47873  -1.71677 -1.02037 -0.32408 117 DC A C5    
124 C C6    . DC A 6  ? 6.87583  5.78161  8.43404  -1.74919 -0.92617 -0.36975 117 DC A C6    
125 P P     . DA A 7  ? 6.40067  5.73047  8.42297  -1.85621 -0.61180 -0.49956 118 DA A P     
126 O OP1   . DA A 7  ? 6.29584  5.74629  8.24935  -1.88871 -0.57251 -0.52941 118 DA A OP1   
127 O OP2   . DA A 7  ? 6.50052  5.67044  8.52845  -1.83648 -0.56693 -0.42941 118 DA A OP2   
128 O "O5'" . DA A 7  ? 6.46432  5.84958  8.70665  -1.82470 -0.66532 -0.53137 118 DA A "O5'" 
129 C "C5'" . DA A 7  ? 6.55131  5.89671  8.82968  -1.80576 -0.74491 -0.53458 118 DA A "C5'" 
130 C "C4'" . DA A 7  ? 6.62376  5.99586  9.14122  -1.76851 -0.77185 -0.55480 118 DA A "C4'" 
131 O "O4'" . DA A 7  ? 6.75443  6.03144  9.30520  -1.74510 -0.84174 -0.53060 118 DA A "O4'" 
132 C "C3'" . DA A 7  ? 6.67727  6.00540  9.36933  -1.73753 -0.70281 -0.52690 118 DA A "C3'" 
133 O "O3'" . DA A 7  ? 6.67085  6.09941  9.60747  -1.70142 -0.71420 -0.58321 118 DA A "O3'" 
134 C "C2'" . DA A 7  ? 6.83836  5.98442  9.52156  -1.71966 -0.70540 -0.44724 118 DA A "C2'" 
135 C "C1'" . DA A 7  ? 6.88765  6.01215  9.49957  -1.72192 -0.80355 -0.45786 118 DA A "C1'" 
136 N N9    . DA A 7  ? 6.95772  5.94564  9.37722  -1.73029 -0.82279 -0.40266 118 DA A N9    
137 C C8    . DA A 7  ? 6.89633  5.84857  9.12540  -1.75447 -0.77868 -0.38037 118 DA A C8    
138 N N7    . DA A 7  ? 6.98435  5.81003  9.08429  -1.74399 -0.81619 -0.33482 118 DA A N7    
139 C C5    . DA A 7  ? 7.11834  5.88722  9.31464  -1.71559 -0.89295 -0.32426 118 DA A C5    
140 C C6    . DA A 7  ? 7.27183  5.89768  9.39897  -1.68931 -0.96925 -0.27905 118 DA A C6    
141 N N6    . DA A 7  ? 7.31467  5.82658  9.25736  -1.68307 -0.98317 -0.23354 118 DA A N6    
142 N N1    . DA A 7  ? 7.38882  5.98844  9.64436  -1.66428 -1.03533 -0.28170 118 DA A N1    
143 C C2    . DA A 7  ? 7.34524  6.06334  9.80004  -1.66274 -1.02406 -0.32798 118 DA A C2    
144 N N3    . DA A 7  ? 7.20543  6.06254  9.74855  -1.68022 -0.95851 -0.37315 118 DA A N3    
145 C C4    . DA A 7  ? 7.09959  5.97148  9.49630  -1.70830 -0.89561 -0.36745 118 DA A C4    
146 P P     . DG A 8  ? 5.98454  5.35230  9.19596  -1.64492 -0.70730 -0.56593 119 DG A P     
147 O OP1   . DG A 8  ? 5.93158  5.44200  9.36168  -1.61290 -0.70578 -0.64933 119 DG A OP1   
148 O OP2   . DG A 8  ? 6.01120  5.26218  9.26397  -1.62668 -0.63194 -0.49511 119 DG A OP2   
149 O "O5'" . DG A 8  ? 6.06162  5.34964  9.23338  -1.64459 -0.79789 -0.54215 119 DG A "O5'" 
150 C "C5'" . DG A 8  ? 6.10062  5.36699  9.50072  -1.60123 -0.82808 -0.54378 119 DG A "C5'" 
151 C "C4'" . DG A 8  ? 6.18549  5.27055  9.62060  -1.58068 -0.80496 -0.44654 119 DG A "C4'" 
152 O "O4'" . DG A 8  ? 6.23520  5.20354  9.39890  -1.61483 -0.82273 -0.39055 119 DG A "O4'" 
153 C "C3'" . DG A 8  ? 6.17545  5.22054  9.74925  -1.55302 -0.70027 -0.40476 119 DG A "C3'" 
154 O "O3'" . DG A 8  ? 6.16822  5.25538  10.07452 -1.49613 -0.67652 -0.42572 119 DG A "O3'" 
155 C "C2'" . DG A 8  ? 6.27201  5.11656  9.69677  -1.55948 -0.67492 -0.29204 119 DG A "C2'" 
156 C "C1'" . DG A 8  ? 6.31291  5.10905  9.49057  -1.59555 -0.76487 -0.29195 119 DG A "C1'" 
157 N N9    . DG A 8  ? 6.33887  5.03888  9.24515  -1.62821 -0.74215 -0.24509 119 DG A N9    
158 C C8    . DG A 8  ? 6.27781  5.02538  9.06239  -1.65614 -0.68057 -0.25599 119 DG A C8    
159 N N7    . DG A 8  ? 6.31972  4.95798  8.87293  -1.67711 -0.67183 -0.20914 119 DG A N7    
160 C C5    . DG A 8  ? 6.41984  4.92213  8.93757  -1.65765 -0.73263 -0.16245 119 DG A C5    
161 C C6    . DG A 8  ? 6.50759  4.84546  8.81852  -1.65484 -0.75466 -0.10145 119 DG A C6    
162 O O6    . DG A 8  ? 6.50636  4.79441  8.62987  -1.66977 -0.72167 -0.07844 119 DG A O6    
163 N N1    . DG A 8  ? 6.60880  4.82847  8.94948  -1.62359 -0.82428 -0.06561 119 DG A N1    
164 C C2    . DG A 8  ? 6.61638  4.88101  9.16747  -1.60255 -0.86463 -0.08821 119 DG A C2    
165 N N2    . DG A 8  ? 6.72851  4.85112  9.26774  -1.57135 -0.93032 -0.04536 119 DG A N2    
166 N N3    . DG A 8  ? 6.52591  4.95556  9.28607  -1.60446 -0.84236 -0.14847 119 DG A N3    
167 C C4    . DG A 8  ? 6.43367  4.97132  9.16123  -1.63042 -0.77752 -0.18256 119 DG A C4    
168 P P     . DA A 9  ? 5.91065  4.87995  9.99253  -1.45644 -0.70149 -0.36130 120 DA A P     
169 O OP1   . DA A 9  ? 5.95970  4.89138  9.88375  -1.48251 -0.80717 -0.36414 120 DA A OP1   
170 O OP2   . DA A 9  ? 5.86789  4.93713  10.30149 -1.40008 -0.66787 -0.41381 120 DA A OP2   
171 O "O5'" . DA A 9  ? 5.99517  4.78136  10.04016 -1.44235 -0.62237 -0.23574 120 DA A "O5'" 
172 C "C5'" . DA A 9  ? 6.11710  4.73477  10.23444 -1.41008 -0.62111 -0.13408 120 DA A "C5'" 
173 C "C4'" . DA A 9  ? 6.19708  4.70326  10.06270 -1.44213 -0.71307 -0.10701 120 DA A "C4'" 
174 O "O4'" . DA A 9  ? 6.18545  4.66420  9.73233  -1.49252 -0.71917 -0.10726 120 DA A "O4'" 
175 C "C3'" . DA A 9  ? 6.36465  4.63080  10.20597 -1.40671 -0.70126 0.02392  120 DA A "C3'" 
176 O "O3'" . DA A 9  ? 6.41402  4.62902  10.11488 -1.42197 -0.81045 0.00632  120 DA A "O3'" 
177 C "C2'" . DA A 9  ? 6.43005  4.55150  10.02614 -1.41901 -0.63222 0.10854  120 DA A "C2'" 
178 C "C1'" . DA A 9  ? 6.32787  4.57129  9.69284  -1.48368 -0.70053 0.00996  120 DA A "C1'" 
179 N N9    . DA A 9  ? 6.31738  4.52190  9.45025  -1.51481 -0.64875 0.03296  120 DA A N9    
180 C C8    . DA A 9  ? 6.20052  4.54934  9.33370  -1.54015 -0.60159 -0.02515 120 DA A C8    
181 N N7    . DA A 9  ? 6.21629  4.49428  9.10925  -1.56739 -0.56618 0.00811  120 DA A N7    
182 C C5    . DA A 9  ? 6.35531  4.42599  9.07843  -1.55457 -0.59001 0.09201  120 DA A C5    
183 C C6    . DA A 9  ? 6.44246  4.34694  8.89052  -1.56015 -0.56825 0.15941  120 DA A C6    
184 N N6    . DA A 9  ? 6.38638  4.32625  8.68824  -1.59079 -0.51761 0.14766  120 DA A N6    
185 N N1    . DA A 9  ? 6.59937  4.28831  8.92572  -1.52270 -0.59758 0.24224  120 DA A N1    
186 C C2    . DA A 9  ? 6.66271  4.30656  9.12872  -1.48848 -0.64760 0.25624  120 DA A C2    
187 N N3    . DA A 9  ? 6.58022  4.38104  9.31786  -1.48851 -0.67396 0.19338  120 DA A N3    
188 C C4    . DA A 9  ? 6.42508  4.43969  9.28297  -1.52071 -0.64198 0.11106  120 DA A C4    
189 P P     . DG A 10 ? 7.02588  4.98896  10.92163 -1.34643 -0.89793 0.16353  121 DG A P     
190 O OP1   . DG A 10 ? 7.05594  5.03451  10.92658 -1.35581 -1.07769 0.11514  121 DG A OP1   
191 O OP2   . DG A 10 ? 7.09551  5.01764  11.36226 -1.27407 -0.83455 0.24339  121 DG A OP2   
192 O "O5'" . DG A 10 ? 7.15733  4.90798  10.81147 -1.33673 -0.84585 0.28950  121 DG A "O5'" 
193 C "C5'" . DG A 10 ? 7.42559  4.89593  11.12250 -1.25616 -0.91112 0.47408  121 DG A "C5'" 
194 C "C4'" . DG A 10 ? 7.56381  4.85858  11.21361 -1.19563 -0.75276 0.63089  121 DG A "C4'" 
195 O "O4'" . DG A 10 ? 7.46032  4.79026  10.78014 -1.26091 -0.66614 0.57735  121 DG A "O4'" 
196 C "C3'" . DG A 10 ? 7.52650  4.89376  11.46153 -1.15645 -0.62005 0.65005  121 DG A "C3'" 
197 O "O3'" . DG A 10 ? 7.78866  4.92177  11.80091 -1.03752 -0.54461 0.86620  121 DG A "O3'" 
198 C "C2'" . DG A 10 ? 7.35014  4.84199  11.07858 -1.22379 -0.49739 0.55653  121 DG A "C2'" 
199 C "C1'" . DG A 10 ? 7.44282  4.77849  10.80660 -1.23979 -0.50349 0.61463  121 DG A "C1'" 
200 N N9    . DG A 10 ? 7.27127  4.71639  10.32948 -1.32356 -0.42807 0.50570  121 DG A N9    
201 C C8    . DG A 10 ? 7.05900  4.76666  10.28783 -1.37174 -0.41743 0.37900  121 DG A C8    
202 N N7    . DG A 10 ? 6.98324  4.75017  10.06050 -1.41384 -0.38758 0.34590  121 DG A N7    
203 C C5    . DG A 10 ? 7.13903  4.67583  9.90639  -1.40240 -0.36912 0.44540  121 DG A C5    
204 C C6    . DG A 10 ? 7.14257  4.62902  9.64704  -1.43201 -0.33390 0.45910  121 DG A C6    
205 O O6    . DG A 10 ? 7.00610  4.64238  9.49358  -1.47874 -0.31226 0.38799  121 DG A O6    
206 N N1    . DG A 10 ? 7.34456  4.56202  9.57699  -1.38707 -0.31923 0.57534  121 DG A N1    
207 C C2    . DG A 10 ? 7.55096  4.57745  9.85554  -1.30425 -0.36633 0.69675  121 DG A C2    
208 N N2    . DG A 10 ? 7.77955  4.56825  9.91381  -1.23361 -0.38777 0.84642  121 DG A N2    
209 N N3    . DG A 10 ? 7.55889  4.64144  10.18365 -1.27367 -0.42034 0.70026  121 DG A N3    
210 C C4    . DG A 10 ? 7.32695  4.65257  10.05998 -1.33937 -0.38970 0.54708  121 DG A C4    
211 P P     . DT A 11 ? 8.61014  5.76389  13.02556 -0.95056 -0.45836 0.94548  122 DT A P     
212 O OP1   . DT A 11 ? 8.57260  5.81364  13.27372 -0.94850 -0.58252 0.88354  122 DT A OP1   
213 O OP2   . DT A 11 ? 8.44287  5.74940  12.91515 -0.98587 -0.32462 0.86960  122 DT A OP2   
214 O "O5'" . DT A 11 ? 8.95990  5.82027  13.28691 -0.80032 -0.39232 1.20975  122 DT A "O5'" 
215 C "C5'" . DT A 11 ? 9.17466  5.81217  13.18227 -0.74471 -0.47890 1.32506  122 DT A "C5'" 
216 C "C4'" . DT A 11 ? 9.26944  5.77721  12.91178 -0.72746 -0.37600 1.40557  122 DT A "C4'" 
217 O "O4'" . DT A 11 ? 8.98749  5.66923  12.48982 -0.88234 -0.36590 1.21017  122 DT A "O4'" 
218 C "C3'" . DT A 11 ? 9.41096  5.85291  13.10302 -0.62828 -0.19571 1.54761  122 DT A "C3'" 
219 O "O3'" . DT A 11 ? 9.71300  5.91062  13.05423 -0.50079 -0.15080 1.74254  122 DT A "O3'" 
220 C "C2'" . DT A 11 ? 9.14527  5.76563  12.81621 -0.75321 -0.11412 1.38857  122 DT A "C2'" 
221 C "C1'" . DT A 11 ? 9.00479  5.65722  12.37852 -0.86851 -0.21249 1.25559  122 DT A "C1'" 
222 N N1    . DT A 11 ? 8.69722  5.57878  12.03378 -1.00374 -0.18572 1.05121  122 DT A N1    
223 C C2    . DT A 11 ? 8.63815  5.49793  11.60857 -1.06886 -0.16285 1.00035  122 DT A C2    
224 O O2    . DT A 11 ? 8.81757  5.48224  11.51725 -1.02636 -0.16774 1.10717  122 DT A O2    
225 N N3    . DT A 11 ? 8.37405  5.45915  11.33591 -1.16978 -0.13849 0.83195  122 DT A N3    
226 C C4    . DT A 11 ? 8.18302  5.51709  11.52449 -1.19404 -0.14609 0.72580  122 DT A C4    
227 O O4    . DT A 11 ? 7.99255  5.53184  11.42319 -1.24875 -0.14178 0.61493  122 DT A O4    
228 C C5    . DT A 11 ? 8.24399  5.56113  11.84037 -1.13567 -0.15553 0.76143  122 DT A C5    
229 C C7    . DT A 11 ? 8.05445  5.62856  12.07261 -1.14578 -0.16021 0.64882  122 DT A C7    
230 C C6    . DT A 11 ? 8.49260  5.59959  12.13024 -1.04543 -0.17706 0.92522  122 DT A C6    
231 P P     . DG A 12 ? 11.16235 7.23556  14.49611 -0.33508 0.00129  1.94622  123 DG A P     
232 O OP1   . DG A 12 ? 11.62936 7.46797  14.61699 -0.16481 -0.01925 2.15490  123 DG A OP1   
233 O OP2   . DG A 12 ? 11.15351 7.24553  14.59486 -0.31333 0.03876  1.88418  123 DG A OP2   
234 O "O5'" . DG A 12 ? 10.97359 7.11872  14.21712 -0.41605 0.12056  1.87954  123 DG A "O5'" 
235 C "C5'" . DG A 12 ? 11.17836 7.13266  14.03605 -0.31082 0.23292  1.99207  123 DG A "C5'" 
236 C "C4'" . DG A 12 ? 11.13523 7.05419  13.79670 -0.33131 0.24330  2.03932  123 DG A "C4'" 
237 O "O4'" . DG A 12 ? 10.81508 6.77529  13.33273 -0.46174 0.13099  1.88360  123 DG A "O4'" 
238 C "C3'" . DG A 12 ? 11.07219 7.06477  13.67211 -0.40303 0.34094  1.96620  123 DG A "C3'" 
239 O "O3'" . DG A 12 ? 11.28675 7.06948  13.48865 -0.28708 0.40382  2.07531  123 DG A "O3'" 
240 C "C2'" . DG A 12 ? 10.89426 6.86092  13.14801 -0.50971 0.28666  1.86166  123 DG A "C2'" 
241 C "C1'" . DG A 12 ? 10.60111 6.63626  12.93698 -0.58776 0.16639  1.74949  123 DG A "C1'" 
242 N N9    . DG A 12 ? 10.19061 6.47928  12.79824 -0.73003 0.14830  1.54519  123 DG A N9    
243 C C8    . DG A 12 ? 10.11448 6.54943  13.11632 -0.74222 0.11390  1.48914  123 DG A C8    
244 N N7    . DG A 12 ? 9.73619  6.39895  12.86826 -0.86402 0.10039  1.29670  123 DG A N7    
245 C C5    . DG A 12 ? 9.55232  6.23921  12.43542 -0.93220 0.12589  1.23894  123 DG A C5    
246 C C6    . DG A 12 ? 9.17424  6.10914  12.19745 -1.03597 0.12001  1.08481  123 DG A C6    
247 O O6    . DG A 12 ? 8.95327  6.12185  12.27393 -1.08573 0.09277  0.95423  123 DG A O6    
248 N N1    . DG A 12 ? 9.18275  6.06974  11.94886 -1.06299 0.15122  1.09788  123 DG A N1    
249 C C2    . DG A 12 ? 9.42348  6.06122  11.84479 -1.00183 0.18152  1.23501  123 DG A C2    
250 N N2    . DG A 12 ? 9.38970  6.02634  11.60680 -1.04387 0.20573  1.21780  123 DG A N2    
251 N N3    . DG A 12 ? 9.75517  6.16007  12.02877 -0.89266 0.18499  1.38115  123 DG A N3    
252 C C4    . DG A 12 ? 9.81862  6.26076  12.33473 -0.86187 0.15726  1.37674  123 DG A C4    
253 P P     . DC A 13 ? 10.42706 6.26022  12.60656 -0.31804 0.48106  2.00629  124 DC A P     
254 O OP1   . DC A 13 ? 10.69991 6.32765  12.50238 -0.20142 0.50170  2.13405  124 DC A OP1   
255 O OP2   . DC A 13 ? 10.27786 6.20566  12.67088 -0.34774 0.47475  1.90794  124 DC A OP2   
256 O "O5'" . DC A 13 ? 10.15182 6.24061  12.65863 -0.44860 0.52978  1.91650  124 DC A "O5'" 
257 C "C5'" . DC A 13 ? 10.22619 6.28587  12.60484 -0.44295 0.56721  1.98677  124 DC A "C5'" 
258 C "C4'" . DC A 13 ? 9.95735  6.19527  12.45323 -0.58300 0.53697  1.84281  124 DC A "C4'" 
259 O "O4'" . DC A 13 ? 9.76441  6.10367  12.37418 -0.66966 0.44677  1.69868  124 DC A "O4'" 
260 C "C3'" . DC A 13 ? 9.74155  6.20137  12.55059 -0.63650 0.62461  1.76833  124 DC A "C3'" 
261 O "O3'" . DC A 13 ? 9.62718  6.10380  12.17803 -0.72828 0.58786  1.67758  124 DC A "O3'" 
262 C "C2'" . DC A 13 ? 9.49219  6.17216  12.70435 -0.69754 0.60416  1.63049  124 DC A "C2'" 
263 C "C1'" . DC A 13 ? 9.46698  6.07645  12.44016 -0.75860 0.47119  1.55313  124 DC A "C1'" 
264 N N1    . DC A 13 ? 9.35309  6.08357  12.64359 -0.77114 0.43323  1.48200  124 DC A N1    
265 C C2    . DC A 13 ? 9.05983  6.03461  12.58414 -0.86895 0.39352  1.30054  124 DC A C2    
266 O O2    . DC A 13 ? 8.91275  5.98786  12.35933 -0.93678 0.39316  1.21125  124 DC A O2    
267 N N3    . DC A 13 ? 8.95533  6.05002  12.76909 -0.87777 0.35263  1.22828  124 DC A N3    
268 C C4    . DC A 13 ? 9.12507  6.09456  12.98096 -0.80205 0.35081  1.32733  124 DC A C4    
269 N N4    . DC A 13 ? 9.00760  6.07192  13.02032 -0.82482 0.30470  1.22953  124 DC A N4    
270 C C5    . DC A 13 ? 9.43167  6.10960  12.90764 -0.70241 0.38573  1.49827  124 DC A C5    
271 C C6    . DC A 13 ? 9.54017  6.14272  12.86086 -0.67986 0.43129  1.58799  124 DC A C6    
272 P P     . DA A 14 ? 8.65318  5.21992  11.28821 -0.72659 0.68683  1.68655  125 DA A P     
273 O OP1   . DA A 14 ? 8.39688  5.10781  10.98020 -0.84933 0.63505  1.51635  125 DA A OP1   
274 O OP2   . DA A 14 ? 8.93100  5.29708  11.27750 -0.63498 0.72854  1.85115  125 DA A OP2   
275 O "O5'" . DA A 14 ? 8.57958  5.32107  11.75352 -0.66739 0.79933  1.70432  125 DA A "O5'" 
276 C "C5'" . DA A 14 ? 8.70712  5.35101  11.71881 -0.59719 0.87152  1.78548  125 DA A "C5'" 
277 C "C4'" . DA A 14 ? 8.79836  5.33750  11.70723 -0.54266 0.85087  1.80966  125 DA A "C4'" 
278 O "O4'" . DA A 14 ? 8.61171  5.29198  11.79053 -0.59335 0.81090  1.69491  125 DA A "O4'" 
279 C "C3'" . DA A 14 ? 9.10146  5.37426  11.63793 -0.45585 0.79852  1.94027  125 DA A "C3'" 
280 O "O3'" . DA A 14 ? 9.29631  5.41557  11.55158 -0.37406 0.82165  2.03743  125 DA A "O3'" 
281 C "C2'" . DA A 14 ? 9.07407  5.33710  11.68542 -0.44918 0.74821  1.89423  125 DA A "C2'" 
282 C "C1'" . DA A 14 ? 8.76019  5.28680  11.77034 -0.53244 0.77676  1.74464  125 DA A "C1'" 
283 N N9    . DA A 14 ? 8.62026  5.24936  11.84304 -0.57937 0.71999  1.64879  125 DA A N9    
284 C C8    . DA A 14 ? 8.74443  5.23946  11.84049 -0.53536 0.66644  1.67946  125 DA A C8    
285 N N7    . DA A 14 ? 8.56517  5.20549  11.91050 -0.59522 0.62044  1.56914  125 DA A N7    
286 C C5    . DA A 14 ? 8.31220  5.19885  11.96047 -0.67813 0.63732  1.45581  125 DA A C5    
287 C C6    . DA A 14 ? 8.05144  5.18068  12.03366 -0.75618 0.59486  1.30254  125 DA A C6    
288 N N6    . DA A 14 ? 7.98658  5.16190  12.07171 -0.77724 0.52745  1.23481  125 DA A N6    
289 N N1    . DA A 14 ? 7.86785  5.18873  12.06024 -0.80269 0.61942  1.21650  125 DA A N1    
290 C C2    . DA A 14 ? 7.93147  5.20618  12.02014 -0.78097 0.68907  1.28230  125 DA A C2    
291 N N3    . DA A 14 ? 8.15680  5.22417  11.95031 -0.71862 0.73505  1.42327  125 DA A N3    
292 C C4    . DA A 14 ? 8.34512  5.22249  11.92170 -0.66623 0.70245  1.50460  125 DA A C4    
293 P P     . DC B 1  ? 6.67439  5.95818  8.66492  -0.15868 -1.80928 2.86148  131 DC B P     
294 O OP1   . DC B 1  ? 6.80008  6.00045  8.54910  -0.12464 -1.76337 2.88148  131 DC B OP1   
295 O OP2   . DC B 1  ? 6.63170  5.99513  8.87825  -0.17978 -1.81649 2.91312  131 DC B OP2   
296 O "O5'" . DC B 1  ? 6.54311  5.81309  8.55737  -0.11990 -1.81214 2.74669  131 DC B "O5'" 
297 C "C5'" . DC B 1  ? 6.43072  5.74643  8.65010  -0.09990 -1.80728 2.71020  131 DC B "C5'" 
298 C "C4'" . DC B 1  ? 6.40340  5.66369  8.52777  -0.03165 -1.76527 2.64042  131 DC B "C4'" 
299 O "O4'" . DC B 1  ? 6.33866  5.57492  8.37934  -0.01896 -1.78216 2.55398  131 DC B "O4'" 
300 C "C3'" . DC B 1  ? 6.30912  5.61268  8.63432  -0.00554 -1.74901 2.61352  131 DC B "C3'" 
301 O "O3'" . DC B 1  ? 6.32834  5.57242  8.53773  0.05829  -1.70098 2.57789  131 DC B "O3'" 
302 C "C2'" . DC B 1  ? 6.17874  5.52472  8.62324  -0.02022 -1.78703 2.53701  131 DC B "C2'" 
303 C "C1'" . DC B 1  ? 6.20575  5.48794  8.41987  -0.00583 -1.79097 2.48791  131 DC B "C1'" 
304 N N1    . DC B 1  ? 6.13407  5.44470  8.38741  -0.04382 -1.83865 2.44456  131 DC B N1    
305 C C2    . DC B 1  ? 6.08349  5.36345  8.23306  -0.01946 -1.84185 2.36214  131 DC B C2    
306 O O2    . DC B 1  ? 6.09521  5.32842  8.13348  0.03428  -1.80630 2.32616  131 DC B O2    
307 N N3    . DC B 1  ? 6.02445  5.32795  8.20454  -0.05657 -1.88440 2.32598  131 DC B N3    
308 C C4    . DC B 1  ? 6.01537  5.36698  8.32128  -0.11368 -1.92268 2.36667  131 DC B C4    
309 N N4    . DC B 1  ? 5.95950  5.32777  8.28847  -0.14842 -1.96304 2.32795  131 DC B N4    
310 C C5    . DC B 1  ? 6.06578  5.45131  8.48406  -0.13874 -1.92179 2.45134  131 DC B C5    
311 C C6    . DC B 1  ? 6.12479  5.48962  8.51068  -0.10343 -1.87930 2.48886  131 DC B C6    
312 P P     . DA B 2  ? 6.25108  5.52500  8.62953  0.09509  -1.67019 2.55857  132 DA B P     
313 O OP1   . DA B 2  ? 6.29477  5.49226  8.50285  0.15956  -1.62280 2.52567  132 DA B OP1   
314 O OP2   . DA B 2  ? 6.27614  5.60750  8.83009  0.05869  -1.67297 2.64334  132 DA B OP2   
315 O "O5'" . DA B 2  ? 6.10036  5.43100  8.64689  0.08931  -1.70100 2.47533  132 DA B "O5'" 
316 C "C5'" . DA B 2  ? 6.02268  5.34762  8.59530  0.13949  -1.67828 2.39755  132 DA B "C5'" 
317 C "C4'" . DA B 2  ? 6.03052  5.29301  8.39040  0.17368  -1.67360 2.33392  132 DA B "C4'" 
318 O "O4'" . DA B 2  ? 6.02006  5.28808  8.32616  0.13163  -1.71725 2.32218  132 DA B "O4'" 
319 C "C3'" . DA B 2  ? 5.92945  5.20457  8.33865  0.21316  -1.66563 2.24490  132 DA B "C3'" 
320 O "O3'" . DA B 2  ? 5.96759  5.17508  8.16316  0.25178  -1.65098 2.20597  132 DA B "O3'" 
321 C "C2'" . DA B 2  ? 5.83551  5.16998  8.37293  0.16683  -1.71461 2.21005  132 DA B "C2'" 
322 C "C1'" . DA B 2  ? 5.90930  5.20544  8.27774  0.13663  -1.73756 2.23940  132 DA B "C1'" 
323 N N9    . DA B 2  ? 5.86422  5.20542  8.32450  0.07813  -1.78716 2.24040  132 DA B N9    
324 C C8    . DA B 2  ? 5.88562  5.26607  8.46227  0.02638  -1.81190 2.30572  132 DA B C8    
325 N N7    . DA B 2  ? 5.83883  5.24972  8.47499  -0.01949 -1.85684 2.28947  132 DA B N7    
326 C C5    . DA B 2  ? 5.78511  5.17479  8.33139  0.00294  -1.86078 2.20925  132 DA B C5    
327 C C6    . DA B 2  ? 5.72426  5.12627  8.27204  -0.02434 -1.89839 2.15799  132 DA B C6    
328 N N6    . DA B 2  ? 5.70632  5.14236  8.35277  -0.08092 -1.94057 2.17848  132 DA B N6    
329 N N1    . DA B 2  ? 5.68581  5.06386  8.13279  0.00787  -1.89137 2.08725  132 DA B N1    
330 C C2    . DA B 2  ? 5.70496  5.04966  8.06158  0.06457  -1.85061 2.06791  132 DA B C2    
331 N N3    . DA B 2  ? 5.76155  5.08680  8.10407  0.09665  -1.81226 2.10861  132 DA B N3    
332 C C4    . DA B 2  ? 5.79992  5.14928  8.23963  0.06257  -1.81910 2.17952  132 DA B C4    
333 P P     . DC B 3  ? 5.41055  4.58221  7.55128  0.32127  -1.60781 2.15867  133 DC B P     
334 O OP1   . DC B 3  ? 5.49640  4.58380  7.39341  0.35007  -1.59353 2.15214  133 DC B OP1   
335 O OP2   . DC B 3  ? 5.42836  4.61369  7.68213  0.33682  -1.57495 2.19943  133 DC B OP2   
336 O "O5'" . DC B 3  ? 5.27864  4.50619  7.53731  0.32571  -1.62868 2.07392  133 DC B "O5'" 
337 C "C5'" . DC B 3  ? 5.22325  4.48203  7.50088  0.28274  -1.67465 2.04524  133 DC B "C5'" 
338 C "C4'" . DC B 3  ? 5.11191  4.41499  7.48175  0.29500  -1.68650 1.96516  133 DC B "C4'" 
339 O "O4'" . DC B 3  ? 5.05260  4.39745  7.49596  0.24285  -1.73340 1.94691  133 DC B "O4'" 
340 C "C3'" . DC B 3  ? 5.04232  4.39743  7.60881  0.31226  -1.66895 1.94481  133 DC B "C3'" 
341 O "O3'" . DC B 3  ? 4.96733  4.34238  7.54840  0.34067  -1.66874 1.86833  133 DC B "O3'" 
342 C "C2'" . DC B 3  ? 4.99521  4.40900  7.74696  0.25384  -1.70407 1.96561  133 DC B "C2'" 
343 C "C1'" . DC B 3  ? 4.97345  4.38446  7.64537  0.22214  -1.74477 1.93589  133 DC B "C1'" 
344 N N1    . DC B 3  ? 4.97192  4.41039  7.73269  0.16020  -1.78333 1.97418  133 DC B N1    
345 C C2    . DC B 3  ? 4.92802  4.37974  7.68238  0.12546  -1.82392 1.93888  133 DC B C2    
346 O O2    . DC B 3  ? 4.89306  4.33504  7.56496  0.14621  -1.82642 1.87916  133 DC B O2    
347 N N3    . DC B 3  ? 4.92761  4.40287  7.76897  0.06945  -1.85976 1.97299  133 DC B N3    
348 C C4    . DC B 3  ? 4.96892  4.45945  7.90577  0.04688  -1.85719 2.04282  133 DC B C4    
349 N N4    . DC B 3  ? 4.96833  4.48477  7.99706  -0.00948 -1.89545 2.07668  133 DC B N4    
350 C C5    . DC B 3  ? 5.01506  4.49549  7.96049  0.08061  -1.81558 2.08271  133 DC B C5    
351 C C6    . DC B 3  ? 5.01466  4.46673  7.86880  0.13720  -1.77917 2.04491  133 DC B C6    
352 P P     . DA B 4  ? 5.26380  4.69012  8.02492  0.36728  -1.64867 1.82711  134 DA B P     
353 O OP1   . DA B 4  ? 5.28415  4.67572  7.93520  0.42852  -1.61301 1.79741  134 DA B OP1   
354 O OP2   . DA B 4  ? 5.26495  4.72254  8.19876  0.34485  -1.64148 1.87457  134 DA B OP2   
355 O "O5'" . DA B 4  ? 5.16522  4.64562  8.02581  0.34160  -1.68616 1.76236  134 DA B "O5'" 
356 C "C5'" . DA B 4  ? 5.14635  4.61469  7.88149  0.35534  -1.69911 1.71221  134 DA B "C5'" 
357 C "C4'" . DA B 4  ? 5.06627  4.58331  7.90210  0.32021  -1.73845 1.66493  134 DA B "C4'" 
358 O "O4'" . DA B 4  ? 5.11027  4.63064  7.98816  0.26370  -1.77159 1.70235  134 DA B "O4'" 
359 C "C3'" . DA B 4  ? 4.98956  4.56427  8.02610  0.32621  -1.73515 1.62171  134 DA B "C3'" 
360 O "O3'" . DA B 4  ? 4.93018  4.53225  7.96530  0.33087  -1.75461 1.55500  134 DA B "O3'" 
361 C "C2'" . DA B 4  ? 4.99428  4.59336  8.19495  0.27461  -1.75801 1.65556  134 DA B "C2'" 
362 C "C1'" . DA B 4  ? 5.11343  4.68531  8.19868  0.23514  -1.79096 1.68253  134 DA B "C1'" 
363 N N9    . DA B 4  ? 5.04221  4.61655  8.20902  0.18832  -1.80800 1.74436  134 DA B N9    
364 C C8    . DA B 4  ? 5.14495  4.70851  8.33711  0.18814  -1.78620 1.81135  134 DA B C8    
365 N N7    . DA B 4  ? 5.11811  4.69286  8.38962  0.13858  -1.81158 1.86185  134 DA B N7    
366 C C5    . DA B 4  ? 5.07066  4.65971  8.36827  0.10486  -1.85239 1.82240  134 DA B C5    
367 C C6    . DA B 4  ? 5.06485  4.66798  8.44345  0.04812  -1.89391 1.84358  134 DA B C6    
368 N N6    . DA B 4  ? 5.10755  4.71928  8.56425  0.01271  -1.90263 1.91567  134 DA B N6    
369 N N1    . DA B 4  ? 5.01688  4.62549  8.39561  0.02931  -1.92655 1.78958  134 DA B N1    
370 C C2    . DA B 4  ? 4.97879  4.58394  8.28076  0.06467  -1.91791 1.72267  134 DA B C2    
371 N N3    . DA B 4  ? 4.97860  4.57652  8.20582  0.11720  -1.88183 1.69909  134 DA B N3    
372 C C4    . DA B 4  ? 5.02530  4.61320  8.25501  0.13526  -1.84995 1.75044  134 DA B C4    
373 P P     . DC B 5  ? 4.88590  4.47701  7.78255  0.38125  -1.73621 1.51494  135 DC B P     
374 O OP1   . DC B 5  ? 4.89620  4.46769  7.65097  0.36352  -1.76408 1.50513  135 DC B OP1   
375 O OP2   . DC B 5  ? 4.93947  4.49585  7.77207  0.42346  -1.69453 1.54481  135 DC B OP2   
376 O "O5'" . DC B 5  ? 4.80966  4.46034  7.84538  0.39963  -1.73578 1.44874  135 DC B "O5'" 
377 C "C5'" . DC B 5  ? 4.78577  4.46573  7.98725  0.41186  -1.71390 1.44315  135 DC B "C5'" 
378 C "C4'" . DC B 5  ? 4.78579  4.47106  7.95874  0.46858  -1.67667 1.41891  135 DC B "C4'" 
379 O "O4'" . DC B 5  ? 4.84459  4.48978  7.97620  0.48957  -1.64160 1.47008  135 DC B "O4'" 
380 C "C3'" . DC B 5  ? 4.79117  4.46692  7.80503  0.49836  -1.67814 1.39014  135 DC B "C3'" 
381 O "O3'" . DC B 5  ? 4.74014  4.46685  7.82868  0.52821  -1.67088 1.33236  135 DC B "O3'" 
382 C "C2'" . DC B 5  ? 4.86313  4.48030  7.73857  0.53189  -1.64561 1.43156  135 DC B "C2'" 
383 C "C1'" . DC B 5  ? 4.87332  4.49264  7.87149  0.53874  -1.61649 1.45903  135 DC B "C1'" 
384 N N1    . DC B 5  ? 4.95530  4.51219  7.85220  0.55423  -1.58892 1.51856  135 DC B N1    
385 C C2    . DC B 5  ? 4.97895  4.52440  7.90203  0.59716  -1.54645 1.52593  135 DC B C2    
386 O O2    . DC B 5  ? 4.92890  4.51853  7.95631  0.62100  -1.53294 1.48145  135 DC B O2    
387 N N3    . DC B 5  ? 5.06101  4.54528  7.88883  0.61270  -1.52060 1.58044  135 DC B N3    
388 C C4    . DC B 5  ? 5.11861  4.55730  7.83218  0.58584  -1.53632 1.62656  135 DC B C4    
389 N N4    . DC B 5  ? 5.20722  4.58331  7.82299  0.60377  -1.50901 1.67946  135 DC B N4    
390 C C5    . DC B 5  ? 5.09236  4.54601  7.78455  0.53961  -1.58016 1.61976  135 DC B C5    
391 C C6    . DC B 5  ? 5.01023  4.52193  7.79695  0.52548  -1.60481 1.56570  135 DC B C6    
392 P P     . DC B 6  ? 4.60610  4.35832  7.60512  0.54363  -1.68883 1.28640  136 DC B P     
393 O OP1   . DC B 6  ? 6.72700  6.52903  9.82944  0.51705  -1.72052 1.24436  136 DC B OP1   
394 O OP2   . DC B 6  ? 4.65831  4.35775  7.46940  0.54232  -1.69459 1.31746  136 DC B OP2   
395 O "O5'" . DC B 6  ? 4.59420  4.37382  7.61942  0.59812  -1.65605 1.25534  136 DC B "O5'" 
396 C "C5'" . DC B 6  ? 4.61945  4.37890  7.69008  0.62303  -1.61815 1.27833  136 DC B "C5'" 
397 C "C4'" . DC B 6  ? 4.66851  4.38810  7.60026  0.66790  -1.59146 1.29200  136 DC B "C4'" 
398 O "O4'" . DC B 6  ? 4.73609  4.38785  7.59590  0.66925  -1.57097 1.34908  136 DC B "O4'" 
399 C "C3'" . DC B 6  ? 4.68332  4.38972  7.46268  0.67146  -1.61219 1.28448  136 DC B "C3'" 
400 O "O3'" . DC B 6  ? 4.69359  4.40510  7.42812  0.72021  -1.59064 1.26516  136 DC B "O3'" 
401 C "C2'" . DC B 6  ? 4.75195  4.38249  7.39784  0.65438  -1.61388 1.33866  136 DC B "C2'" 
402 C "C1'" . DC B 6  ? 4.79035  4.38881  7.46881  0.68142  -1.57411 1.36741  136 DC B "C1'" 
403 N N1    . DC B 6  ? 4.86156  4.39112  7.45164  0.66595  -1.56804 1.42643  136 DC B N1    
404 C C2    . DC B 6  ? 4.91260  4.40301  7.50479  0.69348  -1.53001 1.45962  136 DC B C2    
405 O O2    . DC B 6  ? 4.89622  4.40764  7.56467  0.72950  -1.50146 1.43873  136 DC B O2    
406 N N3    . DC B 6  ? 4.98502  4.41341  7.48779  0.68114  -1.52445 1.51482  136 DC B N3    
407 C C4    . DC B 6  ? 5.00455  4.41184  7.42369  0.64180  -1.55533 1.53566  136 DC B C4    
408 N N4    . DC B 6  ? 5.08200  4.42960  7.41244  0.63088  -1.54824 1.59127  136 DC B N4    
409 C C5    . DC B 6  ? 4.95011  4.39605  7.36997  0.61199  -1.59416 1.50102  136 DC B C5    
410 C C6    . DC B 6  ? 4.88142  4.38642  7.38493  0.62612  -1.59874 1.44801  136 DC B C6    
411 P P     . DG B 7  ? 5.06611  4.82258  7.75490  0.73213  -1.61124 1.22695  137 DG B P     
412 O OP1   . DG B 7  ? 5.08734  4.92579  7.92103  0.73060  -1.61965 1.17880  137 DG B OP1   
413 O OP2   . DG B 7  ? 5.01696  4.74091  7.57952  0.70104  -1.64123 1.24681  137 DG B OP2   
414 O "O5'" . DG B 7  ? 5.11339  4.84791  7.73746  0.78651  -1.58093 1.22725  137 DG B "O5'" 
415 C "C5'" . DG B 7  ? 5.17175  4.93553  7.89878  0.82341  -1.54909 1.20610  137 DG B "C5'" 
416 C "C4'" . DG B 7  ? 5.22116  4.92184  7.87286  0.86669  -1.51318 1.23028  137 DG B "C4'" 
417 O "O4'" . DG B 7  ? 5.19706  4.82089  7.77666  0.85343  -1.50373 1.27798  137 DG B "O4'" 
418 C "C3'" . DG B 7  ? 5.26161  4.93767  7.79124  0.89544  -1.51561 1.23071  137 DG B "C3'" 
419 O "O3'" . DG B 7  ? 5.33782  4.98440  7.86548  0.94550  -1.47732 1.23223  137 DG B "O3'" 
420 C "C2'" . DG B 7  ? 5.22151  4.82398  7.61055  0.86927  -1.53186 1.27067  137 DG B "C2'" 
421 C "C1'" . DG B 7  ? 5.20733  4.76706  7.62274  0.85956  -1.51112 1.30209  137 DG B "C1'" 
422 N N9    . DG B 7  ? 5.18534  4.71272  7.54491  0.81318  -1.53430 1.33329  137 DG B N9    
423 C C8    . DG B 7  ? 5.13497  4.70504  7.53538  0.76579  -1.57011 1.32284  137 DG B C8    
424 N N7    . DG B 7  ? 5.16573  4.69410  7.50792  0.72996  -1.58410 1.35744  137 DG B N7    
425 C C5    . DG B 7  ? 5.24317  4.69749  7.49852  0.75577  -1.55505 1.39415  137 DG B C5    
426 C C6    . DG B 7  ? 5.30989  4.69685  7.47149  0.73722  -1.55394 1.44160  137 DG B C6    
427 O O6    . DG B 7  ? 5.30951  4.69228  7.45310  0.69110  -1.58007 1.46106  137 DG B O6    
428 N N1    . DG B 7  ? 5.38680  4.70599  7.47059  0.77897  -1.51780 1.46702  137 DG B N1    
429 C C2    . DG B 7  ? 5.39568  4.71155  7.49539  0.83199  -1.48686 1.44742  137 DG B C2    
430 N N2    . DG B 7  ? 5.48068  4.71924  7.49201  0.86861  -1.45347 1.47590  137 DG B N2    
431 N N3    . DG B 7  ? 5.33032  4.71279  7.52344  0.84832  -1.48857 1.40294  137 DG B N3    
432 C C4    . DG B 7  ? 5.25694  4.70696  7.52183  0.80808  -1.52347 1.37909  137 DG B C4    
433 P P     . DT B 8  ? 6.10331  5.68390  8.49429  0.98326  -1.46697 1.24804  138 DT B P     
434 O OP1   . DT B 8  ? 6.18749  5.77590  8.63581  1.03416  -1.43135 1.23014  138 DT B OP1   
435 O OP2   . DT B 8  ? 6.09636  5.69654  8.41877  0.96576  -1.50343 1.24211  138 DT B OP2   
436 O "O5'" . DT B 8  ? 6.09632  5.57695  8.37563  0.97726  -1.45463 1.29482  138 DT B "O5'" 
437 C "C5'" . DT B 8  ? 6.17484  5.57772  8.37673  1.02262  -1.42095 1.31295  138 DT B "C5'" 
438 C "C4'" . DT B 8  ? 6.17447  5.49328  8.21201  1.01720  -1.43249 1.34433  138 DT B "C4'" 
439 O "O4'" . DT B 8  ? 6.10010  5.41244  8.10704  0.96480  -1.45736 1.36754  138 DT B "O4'" 
440 C "C3'" . DT B 8  ? 6.16558  5.49230  8.14079  1.02074  -1.45837 1.33110  138 DT B "C3'" 
441 O "O3'" . DT B 8  ? 6.23457  5.46955  8.08620  1.05290  -1.44367 1.35127  138 DT B "O3'" 
442 C "C2'" . DT B 8  ? 6.06869  5.42028  8.01462  0.96306  -1.50040 1.33743  138 DT B "C2'" 
443 C "C1'" . DT B 8  ? 6.05408  5.35451  7.96548  0.94112  -1.49091 1.37065  138 DT B "C1'" 
444 N N1    . DT B 8  ? 5.95618  5.29396  7.89132  0.88228  -1.52465 1.37490  138 DT B N1    
445 C C2    . DT B 8  ? 5.92452  5.21091  7.79996  0.85491  -1.52591 1.41095  138 DT B C2    
446 O O2    . DT B 8  ? 5.97529  5.18662  7.77371  0.87701  -1.49981 1.44094  138 DT B O2    
447 N N3    . DT B 8  ? 5.83747  5.16221  7.74452  0.80101  -1.55881 1.41158  138 DT B N3    
448 C C4    . DT B 8  ? 5.78314  5.18728  7.77060  0.77444  -1.58843 1.37873  138 DT B C4    
449 O O4    . DT B 8  ? 5.71355  5.14232  7.72471  0.72764  -1.61603 1.38064  138 DT B O4    
450 C C5    . DT B 8  ? 5.82360  5.27861  7.86335  0.80674  -1.58437 1.34286  138 DT B C5    
451 C C7    . DT B 8  ? 5.78623  5.32819  7.90532  0.78500  -1.61334 1.30718  138 DT B C7    
452 C C6    . DT B 8  ? 5.90526  5.32678  7.91867  0.85740  -1.55386 1.34344  138 DT B C6    
453 O "O5'" . DA C 1  ? 6.34177  6.47229  8.29433  -1.44066 -1.31265 -2.87556 197 DA D "O5'" 
454 C "C5'" . DA C 1  ? 6.39671  6.71244  8.04093  -1.57933 -1.37899 -2.80986 197 DA D "C5'" 
455 C "C4'" . DA C 1  ? 6.55768  7.23211  8.38330  -1.69337 -1.63097 -2.83374 197 DA D "C4'" 
456 O "O4'" . DA C 1  ? 6.49466  7.33138  8.87955  -1.58776 -1.72330 -2.92143 197 DA D "O4'" 
457 C "C3'" . DA C 1  ? 6.84621  7.47966  8.44683  -1.83396 -1.81238 -2.79049 197 DA D "C3'" 
458 O "O3'" . DA C 1  ? 6.97399  7.96418  8.55381  -1.97165 -2.01382 -2.73819 197 DA D "O3'" 
459 C "C2'" . DA C 1  ? 6.89667  7.44346  8.90560  -1.73535 -1.90824 -2.86455 197 DA D "C2'" 
460 C "C1'" . DA C 1  ? 6.70625  7.54121  9.24474  -1.62499 -1.94177 -2.92192 197 DA D "C1'" 
461 N N9    . DA C 1  ? 6.64852  7.28540  9.66290  -1.45112 -1.94544 -2.98363 197 DA D N9    
462 C C8    . DA C 1  ? 6.50595  6.79717  9.56094  -1.30431 -1.70243 -3.02334 197 DA D C8    
463 N N7    . DA C 1  ? 6.52403  6.62885  10.04595 -1.16510 -1.75759 -3.05326 197 DA D N7    
464 C C5    . DA C 1  ? 6.74993  7.09256  10.37822 -1.14598 -1.96983 -2.83844 197 DA D C5    
465 C C6    . DA C 1  ? 6.95265  7.24004  10.83171 -0.94575 -2.01527 -2.56341 197 DA D C6    
466 N N6    . DA C 1  ? 6.95121  6.90437  11.05492 -0.72850 -1.85250 -2.49529 197 DA D N6    
467 N N1    . DA C 1  ? 7.16209  7.75032  11.05545 -0.98130 -2.23249 -2.35852 197 DA D N1    
468 C C2    . DA C 1  ? 7.16958  8.09045  10.83121 -1.20826 -2.39173 -2.43120 197 DA D C2    
469 N N3    . DA C 1  ? 6.99608  7.99875  10.40597 -1.40898 -2.36346 -2.68910 197 DA D N3    
470 C C4    . DA C 1  ? 6.78744  7.48639  10.19981 -1.36143 -2.14706 -2.88257 197 DA D C4    
471 P P     . DG C 2  ? 7.43457  8.47456  8.75881  -2.13691 -2.23502 -2.66034 198 DG D P     
472 O OP1   . DG C 2  ? 7.52616  8.74326  8.61419  -2.25699 -2.32471 -2.56363 198 DG D OP1   
473 O OP2   . DG C 2  ? 7.53221  8.15846  8.55669  -2.12990 -2.14974 -2.65764 198 DG D OP2   
474 O "O5'" . DG C 2  ? 7.49432  8.84666  9.32731  -2.10497 -2.48564 -2.68498 198 DG D "O5'" 
475 C "C5'" . DG C 2  ? 7.61213  8.74583  9.60708  -2.03168 -2.60945 -2.69958 198 DG D "C5'" 
476 C "C4'" . DG C 2  ? 7.83644  9.22484  10.03357 -2.00291 -2.86619 -2.47122 198 DG D "C4'" 
477 O "O4'" . DG C 2  ? 7.85519  9.08888  10.44369 -1.74111 -2.80085 -2.30265 198 DG D "O4'" 
478 C "C3'" . DG C 2  ? 8.17914  9.38423  9.98575  -2.05625 -2.96284 -2.26506 198 DG D "C3'" 
479 O "O3'" . DG C 2  ? 8.37798  9.93804  10.26692 -2.10463 -3.19900 -2.04972 198 DG D "O3'" 
480 C "C2'" . DG C 2  ? 8.29414  8.99709  10.16071 -1.81597 -2.80946 -2.11172 198 DG D "C2'" 
481 C "C1'" . DG C 2  ? 8.14076  8.97635  10.55712 -1.62029 -2.77251 -2.07279 198 DG D "C1'" 
482 N N9    . DG C 2  ? 8.05110  8.45072  10.61285 -1.41469 -2.54058 -2.10375 198 DG D N9    
483 C C8    . DG C 2  ? 7.82752  7.96945  10.28716 -1.43309 -2.33600 -2.34963 198 DG D C8    
484 N N7    . DG C 2  ? 7.80524  7.56929  10.42885 -1.23207 -2.15473 -2.31369 198 DG D N7    
485 C C5    . DG C 2  ? 8.03012  7.79592  10.88404 -1.06133 -2.23910 -2.02795 198 DG D C5    
486 C C6    . DG C 2  ? 8.12094  7.55951  11.22338 -0.81090 -2.11472 -1.87054 198 DG D C6    
487 O O6    . DG C 2  ? 8.01980  7.08852  11.17920 -0.69309 -1.89941 -1.95713 198 DG D O6    
488 N N1    . DG C 2  ? 8.35914  7.93390  11.65966 -0.70048 -2.26358 -1.58247 198 DG D N1    
489 C C2    . DG C 2  ? 8.49239  8.47077  11.75171 -0.82406 -2.50772 -1.45642 198 DG D C2    
490 N N2    . DG C 2  ? 8.69425  8.77018  12.10711 -0.69713 -2.57363 -1.14759 198 DG D N2    
491 N N3    . DG C 2  ? 8.41284  8.70080  11.42886 -1.06714 -2.62754 -1.60417 198 DG D N3    
492 C C4    . DG C 2  ? 8.18174  8.33952  11.00600 -1.17012 -2.47970 -1.89037 198 DG D C4    
493 P P     . DT C 3  ? 8.47171  10.01840 9.94809  -2.23766 -3.37267 -1.85155 199 DT D P     
494 O OP1   . DT C 3  ? 8.57539  10.61393 10.21034 -2.33174 -3.61714 -1.70590 199 DT D OP1   
495 O OP2   . DT C 3  ? 8.45136  9.83853  9.44440  -2.42495 -3.30833 -2.04578 199 DT D OP2   
496 O "O5'" . DT C 3  ? 8.71613  9.82345  10.22483 -2.00325 -3.31271 -1.57846 199 DT D "O5'" 
497 C "C5'" . DT C 3  ? 9.01653  10.20822 10.49713 -1.97349 -3.47265 -1.26757 199 DT D "C5'" 
498 C "C4'" . DT C 3  ? 9.02198  10.08093 10.80465 -1.68001 -3.29039 -1.05052 199 DT D "C4'" 
499 O "O4'" . DT C 3  ? 8.87060  9.63359  10.99225 -1.53802 -3.21519 -1.20559 199 DT D "O4'" 
500 C "C3'" . DT C 3  ? 9.26645  9.89536  10.79673 -1.55376 -3.18501 -0.85701 199 DT D "C3'" 
501 O "O3'" . DT C 3  ? 9.33043  10.33534 10.76217 -1.50654 -3.13844 -0.65483 199 DT D "O3'" 
502 C "C2'" . DT C 3  ? 9.23838  9.53826  11.10477 -1.28635 -3.01712 -0.77692 199 DT D "C2'" 
503 C "C1'" . DT C 3  ? 8.99945  9.27359  11.17080 -1.30899 -3.05953 -1.06624 199 DT D "C1'" 
504 N N1    . DT C 3  ? 8.86765  8.73962  10.76879 -1.32473 -2.83798 -1.28833 199 DT D N1    
505 C C2    . DT C 3  ? 8.82445  8.28685  10.89561 -1.10873 -2.62426 -1.28304 199 DT D C2    
506 O O2    . DT C 3  ? 8.89561  8.30839  11.32745 -0.90109 -2.60763 -1.10595 199 DT D O2    
507 N N3    . DT C 3  ? 8.69879  7.81099  10.50221 -1.14956 -2.42809 -1.49072 199 DT D N3    
508 C C4    . DT C 3  ? 8.61128  7.74476  10.01373 -1.37277 -2.42378 -1.69484 199 DT D C4    
509 O O4    . DT C 3  ? 8.50329  7.29613  9.70743  -1.38424 -2.23581 -1.85671 199 DT D O4    
510 C C5    . DT C 3  ? 8.66585  8.23556  9.91247  -1.58453 -2.64903 -1.69229 199 DT D C5    
511 C C7    . DT C 3  ? 8.58401  8.20891  9.40567  -1.83207 -2.65471 -1.90778 199 DT D C7    
512 C C6    . DT C 3  ? 8.79058  8.70215  10.28646 -1.55409 -2.84264 -1.49354 199 DT D C6    
513 P P     . DG C 4  ? 9.95068  10.94691 10.93294 -1.62933 -3.19656 -0.64770 200 DG D P     
514 O OP1   . DG C 4  ? 9.80546  11.43405 10.79186 -1.74724 -3.30016 -0.74975 200 DG D OP1   
515 O OP2   . DG C 4  ? 10.08699 10.50409 10.73124 -1.76297 -3.25022 -0.77201 200 DG D OP2   
516 O "O5'" . DG C 4  ? 10.10736 10.99031 11.07055 -1.38174 -3.03594 -0.37824 200 DG D "O5'" 
517 C "C5'" . DG C 4  ? 10.07423 11.14117 11.35369 -1.14429 -2.90048 -0.20474 200 DG D "C5'" 
518 C "C4'" . DG C 4  ? 10.22030 10.71190 11.55716 -0.94621 -2.74257 -0.05862 200 DG D "C4'" 
519 O "O4'" . DG C 4  ? 10.15922 10.26894 11.59699 -1.01380 -2.78157 -0.22719 200 DG D "O4'" 
520 C "C3'" . DG C 4  ? 10.45953 10.52319 11.46497 -0.89525 -2.67974 0.06283  200 DG D "C3'" 
521 O "O3'" . DG C 4  ? 10.59404 10.62887 11.63510 -0.64037 -2.51126 0.30322  200 DG D "O3'" 
522 C "C2'" . DG C 4  ? 10.54406 9.95043  11.46015 -0.93613 -2.68001 -0.03921 200 DG D "C2'" 
523 C "C1'" . DG C 4  ? 10.34823 9.80323  11.64059 -0.91371 -2.69075 -0.17714 200 DG D "C1'" 
524 N N9    . DG C 4  ? 10.31967 9.39158  11.53280 -1.04696 -2.79281 -0.43252 200 DG D N9    
525 C C8    . DG C 4  ? 10.31167 9.42490  11.22649 -1.30610 -2.97073 -0.63322 200 DG D C8    
526 N N7    . DG C 4  ? 10.13165 8.98292  10.96425 -1.32875 -2.82688 -0.87974 200 DG D N7    
527 C C5    . DG C 4  ? 10.09946 8.63725  11.23474 -1.08334 -2.64543 -0.83029 200 DG D C5    
528 C C6    . DG C 4  ? 9.89083  8.10264  11.08104 -0.99327 -2.39245 -1.02088 200 DG D C6    
529 O O6    . DG C 4  ? 9.68166  7.81765  10.66725 -1.11337 -2.27704 -1.27435 200 DG D O6    
530 N N1    . DG C 4  ? 9.94531  7.90859  11.47807 -0.73860 -2.27136 -0.88613 200 DG D N1    
531 C C2    . DG C 4  ? 10.17302 8.18921  11.96863 -0.58284 -2.37629 -0.60110 200 DG D C2    
532 N N2    . DG C 4  ? 10.19556 7.93417  12.30866 -0.34023 -2.22051 -0.51345 200 DG D N2    
533 N N3    . DG C 4  ? 10.29984 8.68725  11.99438 -0.66143 -2.52243 -0.41489 200 DG D N3    
534 C C4    . DG C 4  ? 10.29810 8.88508  11.70301 -0.91555 -2.71497 -0.54424 200 DG D C4    
535 P P     . DC C 5  ? 10.76242 10.53932 12.07248 -0.36897 -2.31992 0.45078  201 DC D P     
536 O OP1   . DC C 5  ? 10.53792 10.64677 12.18288 -0.37376 -2.34934 0.35696  201 DC D OP1   
537 O OP2   . DC C 5  ? 10.94594 10.72434 12.14645 -0.14580 -2.17894 0.67187  201 DC D OP2   
538 O "O5'" . DC C 5  ? 10.88226 9.93130  12.12596 -0.35714 -2.26628 0.41112  201 DC D "O5'" 
539 C "C5'" . DC C 5  ? 10.81210 9.57899  12.35199 -0.22576 -2.17119 0.36600  201 DC D "C5'" 
540 C "C4'" . DC C 5  ? 10.99565 9.04096  12.42771 -0.13292 -2.06560 0.37689  201 DC D "C4'" 
541 O "O4'" . DC C 5  ? 10.92559 8.67956  12.30841 -0.30223 -2.19041 0.11587  201 DC D "O4'" 
542 C "C3'" . DC C 5  ? 11.26064 9.02444  12.32645 -0.11153 -2.01528 0.53804  201 DC D "C3'" 
543 O "O3'" . DC C 5  ? 11.43614 8.63003  12.52717 0.09884  -1.82721 0.64118  201 DC D "O3'" 
544 C "C2'" . DC C 5  ? 11.28584 8.84227  12.03723 -0.36340 -2.18436 0.35381  201 DC D "C2'" 
545 C "C1'" . DC C 5  ? 11.15508 8.44375  12.12341 -0.37961 -2.21640 0.12087  201 DC D "C1'" 
546 N N1    . DC C 5  ? 11.10541 8.32819  11.83630 -0.62785 -2.41295 -0.13844 201 DC D N1    
547 C C2    . DC C 5  ? 10.93148 7.82385  11.62285 -0.61679 -2.23666 -0.37442 201 DC D C2    
548 O O2    . DC C 5  ? 10.92264 7.49324  11.84360 -0.41401 -2.04936 -0.34865 201 DC D O2    
549 N N3    . DC C 5  ? 10.72864 7.71384  11.12487 -0.82613 -2.21577 -0.62785 201 DC D N3    
550 C C4    . DC C 5  ? 10.75252 8.08558  10.90777 -1.04329 -2.41550 -0.65160 201 DC D C4    
551 N N4    . DC C 5  ? 10.55200 7.96243  10.42942 -1.24174 -2.37953 -0.90631 201 DC D N4    
552 C C5    . DC C 5  ? 10.98633 8.60413  11.17895 -1.07103 -2.65974 -0.41317 201 DC D C5    
553 C C6    . DC C 5  ? 11.07213 8.70603  11.54974 -0.84944 -2.56731 -0.17180 201 DC D C6    
554 P P     . DA C 6  ? 11.26103 8.15108  12.07208 0.22872  -1.69132 0.87422  202 DA D P     
555 O OP1   . DA C 6  ? 11.30485 8.54607  12.18746 0.42746  -1.58061 1.06927  202 DA D OP1   
556 O OP2   . DA C 6  ? 11.33493 8.16360  11.77925 0.01894  -1.82123 0.83216  202 DA D OP2   
557 O "O5'" . DA C 6  ? 11.40865 7.58595  12.26869 0.38754  -1.52743 0.87373  202 DA D "O5'" 
558 C "C5'" . DA C 6  ? 11.26142 7.19976  12.34840 0.36283  -1.54899 0.65047  202 DA D "C5'" 
559 C "C4'" . DA C 6  ? 11.41583 6.70605  12.24796 0.28530  -1.56808 0.52946  202 DA D "C4'" 
560 O "O4'" . DA C 6  ? 11.30589 6.66409  11.96676 0.03473  -1.79125 0.28003  202 DA D "O4'" 
561 C "C3'" . DA C 6  ? 11.70533 6.68219  12.12510 0.28443  -1.51522 0.71071  202 DA D "C3'" 
562 O "O3'" . DA C 6  ? 11.90442 6.15969  12.18268 0.36186  -1.40338 0.67819  202 DA D "O3'" 
563 C "C2'" . DA C 6  ? 11.68704 6.82934  11.72698 0.00840  -1.72953 0.59700  202 DA D "C2'" 
564 C "C1'" . DA C 6  ? 11.53754 6.57500  11.64413 -0.10928 -1.85959 0.29619  202 DA D "C1'" 
565 N N9    . DA C 6  ? 11.37810 6.80079  11.24060 -0.36763 -2.02014 0.13423  202 DA D N9    
566 C C8    . DA C 6  ? 11.33235 7.31466  11.16177 -0.49202 -2.17321 0.21525  202 DA D C8    
567 N N7    . DA C 6  ? 11.26382 7.39858  10.83169 -0.73673 -2.35330 0.02511  202 DA D N7    
568 C C5    . DA C 6  ? 11.06133 6.90281  10.50281 -0.75001 -2.12756 -0.21097 202 DA D C5    
569 C C6    . DA C 6  ? 10.81090 6.72719  9.99909  -0.94324 -2.07039 -0.48890 202 DA D C6    
570 N N6    . DA C 6  ? 10.72980 7.04336  9.73047  -1.16762 -2.24220 -0.58667 202 DA D N6    
571 N N1    . DA C 6  ? 10.65044 6.21182  9.78428  -0.90207 -1.82501 -0.66313 202 DA D N1    
572 C C2    . DA C 6  ? 10.74212 5.89934  10.05359 -0.68571 -1.64817 -0.56842 202 DA D C2    
573 N N3    . DA C 6  ? 10.97561 6.01870  10.53347 -0.48662 -1.67160 -0.31990 202 DA D N3    
574 C C4    . DA C 6  ? 11.12584 6.53178  10.74147 -0.52868 -1.92024 -0.14616 202 DA D C4    
575 P P     . DC C 7  ? 12.68708 6.57527  13.08857 0.64117  -1.13233 0.89439  203 DC D P     
576 O OP1   . DC C 7  ? 12.52481 6.61942  13.34778 0.82255  -1.02166 0.88292  203 DC D OP1   
577 O OP2   . DC C 7  ? 12.86346 6.86221  13.03656 0.67952  -1.07217 1.14866  203 DC D OP2   
578 O "O5'" . DC C 7  ? 12.87672 5.97423  13.05166 0.63528  -1.07847 0.76687  203 DC D "O5'" 
579 C "C5'" . DC C 7  ? 13.09728 5.82421  12.67365 0.47572  -1.14190 0.75254  203 DC D "C5'" 
580 C "C4'" . DC C 7  ? 12.81971 5.43230  12.13373 0.32243  -0.99132 0.45249  203 DC D "C4'" 
581 O "O4'" . DC C 7  ? 12.55494 5.69791  11.83435 0.11607  -1.16573 0.28976  203 DC D "O4'" 
582 C "C3'" . DC C 7  ? 12.99958 5.11551  11.70253 0.21362  -0.88860 0.43533  203 DC D "C3'" 
583 O "O3'" . DC C 7  ? 12.76620 4.63615  11.37939 0.17002  -0.65636 0.19443  203 DC D "O3'" 
584 C "C2'" . DC C 7  ? 12.98741 5.44783  11.34351 -0.02254 -1.12423 0.41115  203 DC D "C2'" 
585 C "C1'" . DC C 7  ? 12.59882 5.61563  11.30563 -0.09625 -1.19674 0.20948  203 DC D "C1'" 
586 N N1    . DC C 7  ? 12.55718 6.10234  11.17987 -0.27694 -1.47242 0.21580  203 DC D N1    
587 C C2    . DC C 7  ? 12.26244 6.10534  10.73970 -0.48831 -1.50813 -0.03583 203 DC D C2    
588 O O2    . DC C 7  ? 12.03944 5.70259  10.46157 -0.52103 -1.31567 -0.25240 203 DC D O2    
589 N N3    . DC C 7  ? 12.23478 6.55363  10.63618 -0.65641 -1.75143 -0.03394 203 DC D N3    
590 C C4    . DC C 7  ? 12.48109 6.98550  10.94824 -0.62441 -1.95899 0.20980  203 DC D C4    
591 N N4    . DC C 7  ? 12.43427 7.42478  10.82405 -0.80440 -2.18498 0.20017  203 DC D N4    
592 C C5    . DC C 7  ? 12.68241 6.98901  11.35560 -0.39843 -1.86479 0.46799  203 DC D C5    
593 C C6    . DC C 7  ? 12.80517 6.54440  11.50865 -0.23706 -1.68446 0.46555  203 DC D C6    
594 P P     . DT C 8  ? 13.93783 5.39297  12.33773 0.21215  -0.36878 0.20604  204 DT D P     
595 O OP1   . DT C 8  ? 13.54422 5.28457  12.55842 0.34371  -0.12228 0.10484  204 DT D OP1   
596 O OP2   . DT C 8  ? 14.36317 5.53468  12.52574 0.28047  -0.43611 0.47478  204 DT D OP2   
597 O "O5'" . DT C 8  ? 13.65261 5.30179  11.66834 -0.03241 -0.32412 0.00204  204 DT D "O5'" 
598 C "C5'" . DT C 8  ? 13.91052 5.39182  11.35758 -0.22993 -0.57509 0.01566  204 DT D "C5'" 
599 C "C4'" . DT C 8  ? 13.51680 5.32470  10.84548 -0.43772 -0.55265 -0.25641 204 DT D "C4'" 
600 O "O4'" . DT C 8  ? 13.47020 5.66399  10.83087 -0.56418 -0.81572 -0.30948 204 DT D "O4'" 
601 C "C3'" . DT C 8  ? 13.41207 5.32054  10.31095 -0.59148 -0.49076 -0.29044 204 DT D "C3'" 
602 O "O3'" . DT C 8  ? 12.86590 5.23953  9.92469  -0.68215 -0.35943 -0.52304 204 DT D "O3'" 
603 C "C2'" . DT C 8  ? 13.83712 5.48543  10.21931 -0.77474 -0.81851 -0.21595 204 DT D "C2'" 
604 C "C1'" . DT C 8  ? 13.53515 5.79156  10.39408 -0.78264 -0.94185 -0.33312 204 DT D "C1'" 
605 N N1    . DT C 8  ? 12.59664 5.30263  9.52377  -0.82686 -1.22521 -0.19126 204 DT D N1    
606 C C2    . DT C 8  ? 12.48657 5.68694  9.37323  -1.02105 -1.38633 -0.33745 204 DT D C2    
607 O O2    . DT C 8  ? 12.15643 5.44338  8.95085  -1.15632 -1.30862 -0.57841 204 DT D O2    
608 N N3    . DT C 8  ? 12.73994 6.33276  9.70405  -1.05545 -1.64164 -0.18913 204 DT D N3    
609 C C4    . DT C 8  ? 13.06118 6.60752  10.14822 -0.91577 -1.75379 0.09100  204 DT D C4    
610 O O4    . DT C 8  ? 13.19723 7.12366  10.34889 -0.97038 -1.98995 0.21351  204 DT D O4    
611 C C5    . DT C 8  ? 13.16399 6.18169  10.30073 -0.70607 -1.57193 0.23168  204 DT D C5    
612 C C7    . DT C 8  ? 13.45188 6.45373  10.80130 -0.52846 -1.62481 0.53406  204 DT D C7    
613 C C6    . DT C 8  ? 12.97251 5.59876  10.02428 -0.67323 -1.31713 0.08216  204 DT D C6    
614 P P     . DC C 9  ? 12.08327 4.73678  8.97794  -0.74210 -0.20360 -0.55713 205 DC D P     
615 O OP1   . DC C 9  ? 11.30516 4.47106  8.66435  -0.71661 -0.05962 -0.72828 205 DC D OP1   
616 O OP2   . DC C 9  ? 12.51642 4.92286  9.28358  -0.63999 -0.12918 -0.36800 205 DC D OP2   
617 O "O5'" . DC C 9  ? 12.23997 4.87429  8.57243  -0.96480 -0.38397 -0.59238 205 DC D "O5'" 
618 C "C5'" . DC C 9  ? 11.99102 4.83859  8.34383  -1.10669 -0.52877 -0.75542 205 DC D "C5'" 
619 C "C4'" . DC C 9  ? 12.19462 5.08320  8.02859  -1.31976 -0.69633 -0.76139 205 DC D "C4'" 
620 O "O4'" . DC C 9  ? 12.75544 5.37564  8.34622  -1.45120 -1.01260 -0.72200 205 DC D "O4'" 
621 C "C3'" . DC C 9  ? 12.53573 5.22808  7.92629  -1.33314 -0.65091 -0.60641 205 DC D "C3'" 
622 O "O3'" . DC C 9  ? 12.21851 5.25983  7.39361  -1.47043 -0.64541 -0.67408 205 DC D "O3'" 
623 C "C2'" . DC C 9  ? 13.36897 5.54342  8.36806  -1.39476 -0.90842 -0.43452 205 DC D "C2'" 
624 C "C1'" . DC C 9  ? 13.48576 5.80891  8.53740  -1.55710 -1.15772 -0.56310 205 DC D "C1'" 
625 N N1    . DC C 9  ? 13.11624 5.59437  8.33018  -1.48492 -1.38342 -0.35445 205 DC D N1    
626 C C2    . DC C 9  ? 13.10008 6.15564  8.44154  -1.60130 -1.61093 -0.39248 205 DC D C2    
627 O O2    . DC C 9  ? 12.82945 6.16447  8.10093  -1.77335 -1.62652 -0.61151 205 DC D O2    
628 N N3    . DC C 9  ? 13.33382 6.62584  8.87147  -1.52757 -1.80767 -0.18475 205 DC D N3    
629 C C4    . DC C 9  ? 13.59418 6.57012  9.21610  -1.33729 -1.78090 0.05175  205 DC D C4    
630 N N4    . DC C 9  ? 13.59946 7.00766  9.58182  -1.24154 -1.91314 0.24666  205 DC D N4    
631 C C5    . DC C 9  ? 13.61964 5.99723  9.11446  -1.20975 -1.54365 0.08876  205 DC D C5    
632 C C6    . DC C 9  ? 13.35357 5.50187  8.64093  -1.29317 -1.35244 -0.11792 205 DC D C6    
633 P P     . DT C 10 ? 11.82160 5.01430  6.86949  -1.42532 -0.44943 -0.60619 206 DT D P     
634 O OP1   . DT C 10 ? 11.15852 4.78595  6.74799  -1.30975 -0.24653 -0.70720 206 DT D OP1   
635 O OP2   . DT C 10 ? 12.33429 5.07359  7.04391  -1.36929 -0.45394 -0.43197 206 DT D OP2   
636 O "O5'" . DT C 10 ? 11.77182 5.19630  6.47971  -1.60284 -0.54494 -0.61234 206 DT D "O5'" 
637 C "C5'" . DT C 10 ? 11.40534 5.26675  6.36695  -1.68561 -0.60620 -0.75698 206 DT D "C5'" 
638 C "C4'" . DT C 10 ? 11.73889 5.60244  6.32281  -1.87056 -0.82815 -0.72398 206 DT D "C4'" 
639 O "O4'" . DT C 10 ? 12.56503 6.03954  6.94695  -1.93570 -1.06762 -0.69465 206 DT D "O4'" 
640 C "C3'" . DT C 10 ? 12.07523 5.79109  6.18279  -1.94115 -0.82962 -0.55826 206 DT D "C3'" 
641 O "O3'" . DT C 10 ? 11.56287 5.77311  5.81340  -2.00434 -0.78388 -0.58909 206 DT D "O3'" 
642 C "C2'" . DT C 10 ? 13.09577 6.37429  6.72849  -2.06244 -1.10090 -0.45415 206 DT D "C2'" 
643 C "C1'" . DT C 10 ? 13.18540 6.53557  7.08835  -2.09019 -1.26861 -0.58072 206 DT D "C1'" 
644 N N1    . DT C 10 ? 13.93153 6.71561  7.57031  -2.12390 -1.51181 -0.47452 206 DT D N1    
645 C C2    . DT C 10 ? 14.21878 7.13162  7.81405  -2.27415 -1.82760 -0.49677 206 DT D C2    
646 O O2    . DT C 10 ? 13.89959 7.41648  7.66228  -2.36703 -1.88844 -0.60214 206 DT D O2    
647 N N3    . DT C 10 ? 14.40846 7.35557  8.26026  -2.09097 -1.90172 -0.25135 206 DT D N3    
648 C C4    . DT C 10 ? 14.49145 7.03848  8.42142  -1.88454 -1.75861 -0.07111 206 DT D C4    
649 O O4    . DT C 10 ? 14.44160 7.19976  8.75368  -1.70011 -1.78928 0.13831  206 DT D O4    
650 C C5    . DT C 10 ? 14.55514 6.43784  8.10115  -1.90349 -1.54858 -0.14665 206 DT D C5    
651 C C7    . DT C 10 ? 14.50932 5.94074  8.12591  -1.69291 -1.37009 0.02879  206 DT D C7    
652 C C6    . DT C 10 ? 14.14730 6.38668  7.69011  -1.97725 -1.40910 -0.33039 206 DT D C6    
653 P P     . DG C 11 ? 11.32989 5.49945  5.22954  -2.08440 -0.76199 -0.42100 207 DG D P     
654 O OP1   . DG C 11 ? 10.73613 5.40944  5.01134  -2.04772 -0.60113 -0.46525 207 DG D OP1   
655 O OP2   . DG C 11 ? 11.69240 5.33241  5.15435  -2.04531 -0.72890 -0.26316 207 DG D OP2   
656 O "O5'" . DG C 11 ? 11.65701 5.85729  5.34526  -2.24409 -1.00629 -0.39989 207 DG D "O5'" 
657 C "C5'" . DG C 11 ? 11.57620 6.13657  5.54882  -2.28465 -1.13683 -0.55237 207 DG D "C5'" 
658 C "C4'" . DG C 11 ? 12.03244 6.49422  5.69902  -2.42281 -1.40971 -0.47882 207 DG D "C4'" 
659 O "O4'" . DG C 11 ? 12.50484 6.44169  5.90973  -2.41099 -1.56465 -0.42532 207 DG D "O4'" 
660 C "C3'" . DG C 11 ? 11.93717 6.50554  5.49328  -2.43296 -1.41015 -0.35836 207 DG D "C3'" 
661 O "O3'" . DG C 11 ? 11.57972 6.76921  5.44564  -2.45539 -1.42156 -0.43214 207 DG D "O3'" 
662 C "C2'" . DG C 11 ? 12.32128 6.60908  5.60991  -2.44044 -1.62911 -0.26425 207 DG D "C2'" 
663 C "C1'" . DG C 11 ? 12.64119 6.63859  5.90255  -2.44491 -1.76078 -0.33398 207 DG D "C1'" 
664 N N9    . DG C 11 ? 13.07431 6.42766  6.03278  -2.39827 -1.84778 -0.24084 207 DG D N9    
665 C C8    . DG C 11 ? 13.19702 6.02367  5.96796  -2.30132 -1.65892 -0.16295 207 DG D C8    
666 N N7    . DG C 11 ? 13.51751 5.88202  6.24326  -2.21922 -1.72060 -0.05819 207 DG D N7    
667 C C5    . DG C 11 ? 13.41981 6.36250  6.55624  -2.14870 -1.88859 0.03287  207 DG D C5    
668 C C6    . DG C 11 ? 13.44771 6.58137  7.01896  -1.93031 -1.91029 0.26324  207 DG D C6    
669 O O6    . DG C 11 ? 13.57136 6.38842  7.26434  -1.75178 -1.78737 0.43700  207 DG D O6    
670 N N1    . DG C 11 ? 13.30014 7.07937  7.19955  -1.93005 -2.08069 0.28136  207 DG D N1    
671 C C2    . DG C 11 ? 13.14184 7.33221  6.96872  -2.11540 -2.22015 0.09612  207 DG D C2    
672 N N2    . DG C 11 ? 13.00062 7.80754  7.18960  -2.07546 -2.36142 0.14137  207 DG D N2    
673 N N3    . DG C 11 ? 13.11353 7.13474  6.54843  -2.32383 -2.20608 -0.12065 207 DG D N3    
674 C C4    . DG C 11 ? 13.25979 6.65156  6.36152  -2.32871 -2.03456 -0.13731 207 DG D C4    
675 P P     . DT C 12 ? 10.59100 6.03758  4.60605  -2.42354 -1.24904 -0.39322 208 DT D P     
676 O OP1   . DT C 12 ? 10.25455 6.02381  4.56995  -2.41075 -1.11576 -0.50941 208 DT D OP1   
677 O OP2   . DT C 12 ? 10.70533 5.69373  4.45152  -2.40148 -1.15192 -0.23989 208 DT D OP2   
678 O "O5'" . DT C 12 ? 10.46750 6.35911  4.61681  -2.41288 -1.38467 -0.39783 208 DT D "O5'" 
679 C "C5'" . DT C 12 ? 10.70940 6.43880  4.64234  -2.40962 -1.51853 -0.28761 208 DT D "C5'" 
680 C "C4'" . DT C 12 ? 10.84924 6.86201  4.83845  -2.41831 -1.74142 -0.33054 208 DT D "C4'" 
681 O "O4'" . DT C 12 ? 11.25797 6.83802  5.00396  -2.45645 -1.86777 -0.29489 208 DT D "O4'" 
682 C "C3'" . DT C 12 ? 10.85157 7.08499  4.81895  -2.36955 -1.85425 -0.24350 208 DT D "C3'" 
683 O "O3'" . DT C 12 ? 10.47033 7.25569  4.74438  -2.30796 -1.80631 -0.32338 208 DT D "O3'" 
684 C "C2'" . DT C 12 ? 11.13936 7.41237  5.03370  -2.38410 -2.08941 -0.21912 208 DT D "C2'" 
685 C "C1'" . DT C 12 ? 11.42185 7.19766  5.14631  -2.44762 -2.09871 -0.24388 208 DT D "C1'" 
686 N N1    . DT C 12 ? 11.85893 7.05633  5.20855  -2.43930 -2.21368 -0.10341 208 DT D N1    
687 C C2    . DT C 12 ? 12.09728 7.36990  5.39403  -2.42362 -2.46672 -0.02755 208 DT D C2    
688 O O2    . DT C 12 ? 11.95168 7.76412  5.51455  -2.42500 -2.59272 -0.07205 208 DT D O2    
689 N N3    . DT C 12 ? 12.33146 7.20420  5.60668  -2.28344 -2.42390 0.16231  208 DT D N3    
690 C C4    . DT C 12 ? 12.49425 6.75256  5.51023  -2.25031 -2.26430 0.22273  208 DT D C4    
691 O O4    . DT C 12 ? 12.61690 6.62959  5.80971  -2.06977 -2.16771 0.41155  208 DT D O4    
692 C C5    . DT C 12 ? 12.40820 6.43724  5.12290  -2.39096 -2.14245 0.07406  208 DT D C5    
693 C C7    . DT C 12 ? 12.53873 5.94061  4.98280  -2.35897 -1.94856 0.12890  208 DT D C7    
694 C C6    . DT C 12 ? 12.00317 6.61581  5.08038  -2.42541 -2.06468 -0.03951 208 DT D C6    
695 P P     . DG C 13 ? 10.12342 7.34645  4.72965  -2.29451 -1.77265 -0.50065 209 DG D P     
696 O OP1   . DG C 13 ? 10.31357 7.60762  4.94795  -2.34049 -1.92625 -0.56245 209 DG D OP1   
697 O OP2   . DG C 13 ? 9.90042  7.01905  4.58990  -2.29904 -1.57214 -0.53787 209 DG D OP2   
698 O "O5'" . DG C 13 ? 9.85055  7.58523  4.68349  -2.18586 -1.80291 -0.54314 209 DG D "O5'" 
699 C "C5'" . DG C 13 ? 9.82631  7.54382  4.57352  -2.12979 -1.79471 -0.43737 209 DG D "C5'" 
700 C "C4'" . DG C 13 ? 9.74472  7.30646  4.44373  -2.19453 -1.63868 -0.39597 209 DG D "C4'" 
701 O "O4'" . DG C 13 ? 9.81689  6.93056  4.35908  -2.25966 -1.51902 -0.33060 209 DG D "O4'" 
702 C "C3'" . DG C 13 ? 9.67057  7.41263  4.48392  -2.26972 -1.58324 -0.48589 209 DG D "C3'" 
703 O "O3'" . DG C 13 ? 9.61599  7.62364  4.49221  -2.24423 -1.62078 -0.49192 209 DG D "O3'" 
704 C "C2'" . DG C 13 ? 9.69588  7.07693  4.37847  -2.38962 -1.40801 -0.42268 209 DG D "C2'" 
705 C "C1'" . DG C 13 ? 9.79171  6.78113  4.29324  -2.37072 -1.38038 -0.30786 209 DG D "C1'" 
706 N N9    . DG C 13 ? 9.84786  6.46810  4.24265  -2.43242 -1.25766 -0.28237 209 DG D N9    
707 C C8    . DG C 13 ? 9.93131  6.28543  4.24516  -2.38659 -1.26382 -0.27090 209 DG D C8    
708 N N7    . DG C 13 ? 9.97256  6.01885  4.19054  -2.44753 -1.12420 -0.24521 209 DG D N7    
709 C C5    . DG C 13 ? 9.90174  6.03725  4.14473  -2.54712 -1.02168 -0.23348 209 DG D C5    
710 C C6    . DG C 13 ? 9.89146  5.84312  4.06776  -2.64293 -0.84890 -0.19572 209 DG D C6    
711 O O6    . DG C 13 ? 9.95302  5.61374  4.01931  -2.65164 -0.74388 -0.16178 209 DG D O6    
712 N N1    . DG C 13 ? 9.79390  5.94922  4.04316  -2.72616 -0.79370 -0.19571 209 DG D N1    
713 C C2    . DG C 13 ? 9.72680  6.20291  4.08959  -2.70884 -0.89119 -0.23180 209 DG D C2    
714 N N2    . DG C 13 ? 9.63702  6.26244  4.05948  -2.78974 -0.81548 -0.23022 209 DG D N2    
715 N N3    . DG C 13 ? 9.74279  6.39292  4.15770  -2.61188 -1.04678 -0.26445 209 DG D N3    
716 C C4    . DG C 13 ? 9.82576  6.30252  4.18009  -2.53946 -1.10444 -0.26100 209 DG D C4    
717 O "O5'" . DT D 1  ? 8.75908  6.77468  9.43437  1.11272  0.65576  -0.88850 105 DT X "O5'" 
718 C "C5'" . DT D 1  ? 8.72584  7.11036  9.33894  0.85893  0.62781  -0.92204 105 DT X "C5'" 
719 C "C4'" . DT D 1  ? 8.88023  7.49021  9.44281  0.79619  0.64990  -1.18743 105 DT X "C4'" 
720 O "O4'" . DT D 1  ? 8.94877  7.92728  9.44084  0.53961  0.62370  -1.22194 105 DT X "O4'" 
721 C "C3'" . DT D 1  ? 8.74125  7.43537  9.26601  0.91926  0.64507  -1.17081 105 DT X "C3'" 
722 O "O3'" . DT D 1  ? 8.87961  7.62419  9.40159  0.94506  0.68701  -1.45084 105 DT X "O3'" 
723 C "C2'" . DT D 1  ? 8.64364  7.70572  9.08848  0.73978  0.59810  -1.02575 105 DT X "C2'" 
724 C "C1'" . DT D 1  ? 8.84770  8.11213  9.26425  0.50570  0.60278  -1.17635 105 DT X "C1'" 
725 N N1    . DT D 1  ? 8.46894  8.03682  8.82240  0.29623  0.55186  -0.99937 105 DT X N1    
726 C C2    . DT D 1  ? 8.63173  8.56695  8.90313  0.10215  0.54547  -1.11503 105 DT X C2    
727 O O2    . DT D 1  ? 8.64222  8.67535  8.88837  0.08673  0.58129  -1.35691 105 DT X O2    
728 N N3    . DT D 1  ? 8.74327  8.93117  8.96150  -0.07218 0.49692  -0.93206 105 DT X N3    
729 C C4    . DT D 1  ? 8.71111  8.82589  8.95439  -0.07331 0.45559  -0.65048 105 DT X C4    
730 O O4    . DT D 1  ? 8.66580  9.03094  8.85979  -0.23716 0.41313  -0.50038 105 DT X O4    
731 C C5    . DT D 1  ? 8.61244  8.33767  8.94241  0.13564  0.46777  -0.54239 105 DT X C5    
732 C C7    . DT D 1  ? 8.57687  8.18798  8.94054  0.15975  0.43136  -0.23756 105 DT X C7    
733 C C6    . DT D 1  ? 8.46608  7.94074  8.84328  0.30854  0.51424  -0.71941 105 DT X C6    
734 P P     . DC D 2  ? 8.02448  6.74854  8.54765  1.12988  0.69659  -1.49532 106 DC X P     
735 O OP1   . DC D 2  ? 8.18070  6.61178  8.77165  1.30059  0.74697  -1.69032 106 DC X OP1   
736 O OP2   . DC D 2  ? 7.77752  6.46282  8.28982  1.22423  0.65043  -1.21198 106 DC X OP2   
737 O "O5'" . DC D 2  ? 8.05073  7.17718  8.50540  0.96826  0.70071  -1.64427 106 DC X "O5'" 
738 C "C5'" . DC D 2  ? 8.15332  7.57106  8.54525  0.71855  0.68854  -1.66987 106 DC X "C5'" 
739 C "C4'" . DC D 2  ? 8.05454  7.85000  8.37214  0.60387  0.66455  -1.61113 106 DC X "C4'" 
740 O "O4'" . DC D 2  ? 7.97195  7.93161  8.24337  0.45480  0.61435  -1.37807 106 DC X "O4'" 
741 C "C3'" . DC D 2  ? 7.87329  7.65482  8.20903  0.77082  0.65477  -1.52609 106 DC X "C3'" 
742 O "O3'" . DC D 2  ? 7.91893  7.94798  8.22984  0.73002  0.68306  -1.71154 106 DC X "O3'" 
743 C "C2'" . DC D 2  ? 7.67553  7.58636  7.97460  0.71290  0.59722  -1.22243 106 DC X "C2'" 
744 C "C1'" . DC D 2  ? 7.78267  7.93416  8.02069  0.46405  0.58481  -1.21741 106 DC X "C1'" 
745 N N1    . DC D 2  ? 7.14093  7.34722  7.35579  0.38492  0.53184  -0.92627 106 DC X N1    
746 C C2    . DC D 2  ? 7.32600  7.89186  7.46492  0.16706  0.50534  -0.85688 106 DC X C2    
747 O O2    . DC D 2  ? 7.43029  8.25784  7.51813  0.04975  0.52742  -1.03579 106 DC X O2    
748 N N3    . DC D 2  ? 7.33316  7.95368  7.45522  0.09713  0.45776  -0.59042 106 DC X N3    
749 C C4    . DC D 2  ? 7.22430  7.55563  7.40077  0.23480  0.43959  -0.40059 106 DC X C4    
750 N N4    . DC D 2  ? 7.18683  7.58595  7.34723  0.16071  0.39552  -0.13924 106 DC X N4    
751 C C5    . DC D 2  ? 7.03999  6.99978  7.28823  0.45954  0.46765  -0.46731 106 DC X C5    
752 C C6    . DC D 2  ? 6.98245  6.89376  7.24794  0.52655  0.51183  -0.73012 106 DC X C6    
753 P P     . DC D 3  ? 6.95045  6.94937  7.30457  0.91443  0.68721  -1.72267 107 DC X P     
754 O OP1   . DC D 3  ? 7.03295  7.23377  7.37936  0.86716  0.73470  -1.98033 107 DC X OP1   
755 O OP2   . DC D 3  ? 6.94192  6.54175  7.36782  1.14799  0.68460  -1.67135 107 DC X OP2   
756 O "O5'" . DC D 3  ? 6.73993  6.95843  7.05589  0.85841  0.63371  -1.45951 107 DC X "O5'" 
757 C "C5'" . DC D 3  ? 6.67764  7.27359  6.94841  0.72554  0.63645  -1.48927 107 DC X "C5'" 
758 C "C4'" . DC D 3  ? 6.75404  7.63042  6.94042  0.47481  0.63515  -1.49617 107 DC X "C4'" 
759 O "O4'" . DC D 3  ? 6.71682  7.50339  6.88515  0.42234  0.59081  -1.27132 107 DC X "O4'" 
760 C "C3'" . DC D 3  ? 6.66703  7.95608  6.79289  0.32205  0.62952  -1.45530 107 DC X "C3'" 
761 O "O3'" . DC D 3  ? 6.82443  8.35157  6.88339  0.14221  0.66441  -1.65077 107 DC X "O3'" 
762 C "C2'" . DC D 3  ? 6.53025  7.88898  6.62205  0.24692  0.57110  -1.15250 107 DC X "C2'" 
763 C "C1'" . DC D 3  ? 6.63868  7.75775  6.73500  0.23524  0.56082  -1.12803 107 DC X "C1'" 
764 N N1    . DC D 3  ? 6.56614  7.57762  6.66563  0.24675  0.50785  -0.83219 107 DC X N1    
765 C C2    . DC D 3  ? 6.63384  7.91766  6.66871  0.06530  0.47144  -0.65323 107 DC X C2    
766 O O2    . DC D 3  ? 6.71203  8.32880  6.68275  -0.10043 0.48203  -0.73608 107 DC X O2    
767 N N3    . DC D 3  ? 6.54796  7.72312  6.59164  0.08200  0.42692  -0.38786 107 DC X N3    
768 C C4    . DC D 3  ? 6.45416  7.26833  6.56154  0.26821  0.42031  -0.30174 107 DC X C4    
769 N N4    . DC D 3  ? 6.37542  7.09542  6.48794  0.28145  0.38026  -0.03692 107 DC X N4    
770 C C5    . DC D 3  ? 6.40143  6.93560  6.56894  0.45443  0.45638  -0.48067 107 DC X C5    
771 C C6    . DC D 3  ? 6.49486  7.13874  6.65866  0.43530  0.49813  -0.74141 107 DC X C6    
772 P P     . DT D 4  ? 6.58437  8.55270  6.54561  -0.08576 0.65402  -1.58641 108 DT X P     
773 O OP1   . DT D 4  ? 6.58900  8.59448  6.49704  -0.22414 0.60819  -1.41164 108 DT X OP1   
774 O OP2   . DT D 4  ? 6.73416  8.89777  6.65657  -0.16483 0.71142  -1.86128 108 DT X OP2   
775 O "O5'" . DT D 4  ? 6.36825  8.47471  6.35797  -0.02221 0.63395  -1.41061 108 DT X "O5'" 
776 C "C5'" . DT D 4  ? 6.32389  8.82387  6.25514  -0.16792 0.64382  -1.39596 108 DT X "C5'" 
777 C "C4'" . DT D 4  ? 6.12953  8.75623  6.05165  -0.20279 0.59192  -1.09563 108 DT X "C4'" 
778 O "O4'" . DT D 4  ? 6.11988  8.55918  6.03461  -0.20529 0.54346  -0.90665 108 DT X "O4'" 
779 C "C3'" . DT D 4  ? 5.95459  8.48402  5.96411  -0.03008 0.57771  -0.98743 108 DT X "C3'" 
780 O "O3'" . DT D 4  ? 5.91556  8.73779  5.92941  -0.07497 0.60974  -1.06118 108 DT X "O3'" 
781 C "C2'" . DT D 4  ? 5.83748  8.34858  5.83556  -0.04685 0.51591  -0.67134 108 DT X "C2'" 
782 C "C1'" . DT D 4  ? 5.97953  8.45256  5.91199  -0.17161 0.49881  -0.63487 108 DT X "C1'" 
783 N N1    . DT D 4  ? 5.99398  8.13079  5.96491  -0.05654 0.45909  -0.46734 108 DT X N1    
784 C C2    . DT D 4  ? 5.93333  8.12566  5.86584  -0.15216 0.41391  -0.22629 108 DT X C2    
785 O O2    . DT D 4  ? 5.83063  8.33644  5.69770  -0.32753 0.40136  -0.13925 108 DT X O2    
786 N N3    . DT D 4  ? 5.92389  7.78985  5.89818  -0.03050 0.38572  -0.08703 108 DT X N3    
787 C C4    . DT D 4  ? 5.96234  7.46202  6.00538  0.17340  0.39767  -0.16069 108 DT X C4    
788 O O4    . DT D 4  ? 5.93991  7.16571  6.01237  0.27384  0.37410  -0.01751 108 DT X O4    
789 C C5    . DT D 4  ? 5.95426  7.41645  6.03278  0.26399  0.44217  -0.41503 108 DT X C5    
790 C C7    . DT D 4  ? 5.90667  6.98619  6.05900  0.48920  0.45730  -0.51057 108 DT X C7    
791 C C6    . DT D 4  ? 5.98471  7.76380  6.02876  0.14537  0.47072  -0.55538 108 DT X C6    
792 P P     . DG D 5  ? 5.46409  8.32270  5.55835  0.03689  0.58887  -0.91385 109 DG X P     
793 O OP1   . DG D 5  ? 5.49052  8.59611  5.60749  0.00855  0.64196  -1.08866 109 DG X OP1   
794 O OP2   . DG D 5  ? 5.39827  7.87112  5.57433  0.25559  0.55719  -0.85263 109 DG X OP2   
795 O "O5'" . DG D 5  ? 5.33666  8.41467  5.37453  -0.10025 0.54384  -0.62927 109 DG X "O5'" 
796 C "C5'" . DG D 5  ? 5.14892  8.16664  5.24348  -0.00632 0.49864  -0.39852 109 DG X "C5'" 
797 C "C4'" . DG D 5  ? 5.07003  8.17910  5.10194  -0.12132 0.45171  -0.13045 109 DG X "C4'" 
798 O "O4'" . DG D 5  ? 5.17559  8.10862  5.15797  -0.15509 0.43852  -0.13200 109 DG X "O4'" 
799 C "C3'" . DG D 5  ? 4.88993  7.84876  4.97689  0.00031  0.39876  0.12231  109 DG X "C3'" 
800 O "O3'" . DG D 5  ? 4.76865  8.00066  4.87682  -0.05280 0.39715  0.22439  109 DG X "O3'" 
801 C "C2'" . DG D 5  ? 4.88117  7.78017  4.90558  -0.07646 0.35863  0.32565  109 DG X "C2'" 
802 C "C1'" . DG D 5  ? 5.06744  7.87686  5.04640  -0.13271 0.38437  0.13756  109 DG X "C1'" 
803 N N9    . DG D 5  ? 5.10787  7.51527  5.12644  0.02648  0.37118  0.12550  109 DG X N9    
804 C C8    . DG D 5  ? 5.19411  7.34907  5.26611  0.17727  0.39953  -0.08149 109 DG X C8    
805 N N7    . DG D 5  ? 5.22000  7.03614  5.31577  0.29865  0.38219  -0.03236 109 DG X N7    
806 C C5    . DG D 5  ? 5.14403  6.99046  5.20242  0.22351  0.34009  0.22324  109 DG X C5    
807 C C6    . DG D 5  ? 5.13345  6.70629  5.19914  0.29546  0.31014  0.38703  109 DG X C6    
808 O O6    . DG D 5  ? 5.19269  6.42977  5.29804  0.44571  0.31585  0.33848  109 DG X O6    
809 N N1    . DG D 5  ? 5.04708  6.77143  5.07057  0.17673  0.27335  0.63313  109 DG X N1    
810 C C2    . DG D 5  ? 4.97988  7.07156  4.95737  0.01122  0.26531  0.71355  109 DG X C2    
811 N N2    . DG D 5  ? 4.90222  7.08757  4.84615  -0.08051 0.22800  0.96226  109 DG X N2    
812 N N3    . DG D 5  ? 4.99132  7.34207  4.95881  -0.05715 0.29463  0.56459  109 DG X N3    
813 C C4    . DG D 5  ? 5.07406  7.28274  5.08478  0.05570  0.33150  0.32215  109 DG X C4    
814 P P     . DT D 6  ? 4.85228  8.02135  5.07440  0.11121  0.39913  0.18170  110 DT X P     
815 O OP1   . DT D 6  ? 4.70337  8.11164  4.94364  0.04690  0.37826  0.38571  110 DT X OP1   
816 O OP2   . DT D 6  ? 4.96813  8.19207  5.21864  0.12708  0.45675  -0.10730 110 DT X OP2   
817 O "O5'" . DT D 6  ? 4.81173  7.54157  5.08674  0.33392  0.35641  0.24420  110 DT X "O5'" 
818 C "C5'" . DT D 6  ? 4.65791  7.27412  4.96705  0.42636  0.30154  0.48781  110 DT X "C5'" 
819 C "C4'" . DT D 6  ? 4.61201  7.32279  4.84370  0.29581  0.27173  0.72955  110 DT X "C4'" 
820 O "O4'" . DT D 6  ? 4.72028  7.23605  4.89623  0.28728  0.27088  0.70757  110 DT X "O4'" 
821 C "C3'" . DT D 6  ? 4.45761  7.04274  4.71721  0.39022  0.21557  0.99687  110 DT X "C3'" 
822 O "O3'" . DT D 6  ? 4.39882  7.20877  4.59836  0.22805  0.19888  1.21012  110 DT X "O3'" 
823 C "C2'" . DT D 6  ? 4.50007  6.68221  4.75661  0.54940  0.19309  1.01621  110 DT X "C2'" 
824 C "C1'" . DT D 6  ? 4.64982  6.86671  4.83791  0.42270  0.22486  0.89908  110 DT X "C1'" 
825 N N1    . DT D 6  ? 4.75895  6.63155  4.96270  0.56397  0.23561  0.75898  110 DT X N1    
826 C C2    . DT D 6  ? 4.78196  6.41710  4.95729  0.60418  0.21364  0.88838  110 DT X C2    
827 O O2    . DT D 6  ? 4.71448  6.40572  4.85264  0.53100  0.18396  1.11526  110 DT X O2    
828 N N3    . DT D 6  ? 4.88959  6.21674  5.08695  0.73677  0.23016  0.74596  110 DT X N3    
829 C C4    . DT D 6  ? 4.97555  6.20995  5.21761  0.83201  0.26456  0.48980  110 DT X C4    
830 O O4    . DT D 6  ? 5.07359  6.02338  5.33437  0.95120  0.27905  0.38070  110 DT X O4    
831 C C5    . DT D 6  ? 4.94417  6.44175  5.21476  0.78310  0.28498  0.36428  110 DT X C5    
832 C C7    . DT D 6  ? 5.03110  6.46046  5.35704  0.87971  0.32413  0.08937  110 DT X C7    
833 C C6    . DT D 6  ? 4.83878  6.63990  5.09021  0.65231  0.27059  0.50395  110 DT X C6    
834 P P     . DG D 7  ? 4.85157  7.86882  5.08671  0.19521  0.17409  1.41526  111 DG X P     
835 O OP1   . DG D 7  ? 4.85581  8.23650  5.02046  -0.03259 0.18884  1.50487  111 DG X OP1   
836 O OP2   . DG D 7  ? 4.81344  7.83311  5.14419  0.30316  0.18555  1.28270  111 DG X OP2   
837 O "O5'" . DG D 7  ? 4.75095  7.48940  4.99231  0.32551  0.11636  1.66631  111 DG X "O5'" 
838 C "C5'" . DG D 7  ? 4.70417  7.12952  5.01376  0.55042  0.08805  1.65836  111 DG X "C5'" 
839 C "C4'" . DG D 7  ? 4.69537  6.79582  4.97217  0.66512  0.05137  1.81978  111 DG X "C4'" 
840 O "O4'" . DG D 7  ? 4.91661  6.85576  5.15420  0.67000  0.07617  1.68029  111 DG X "O4'" 
841 C "C3'" . DG D 7  ? 4.63663  6.41121  4.96980  0.90510  0.01290  1.85965  111 DG X "C3'" 
842 O "O3'" . DG D 7  ? 4.51891  6.28551  4.88750  0.85216  0.00100  1.94552  111 DG X "O3'" 
843 C "C2'" . DG D 7  ? 4.70372  6.14764  4.99083  1.00186  0.00436  1.90670  111 DG X "C2'" 
844 C "C1'" . DG D 7  ? 4.83929  6.38850  5.08445  0.86562  0.05034  1.73959  111 DG X "C1'" 
845 N N9    . DG D 7  ? 4.95161  6.29848  5.22638  0.98292  0.07720  1.48914  111 DG X N9    
846 C C8    . DG D 7  ? 4.98344  6.41071  5.31206  1.01134  0.10278  1.26252  111 DG X C8    
847 N N7    . DG D 7  ? 5.09225  6.29181  5.43855  1.12526  0.12455  1.07047  111 DG X N7    
848 C C5    . DG D 7  ? 5.13543  6.08339  5.43842  1.17709  0.11335  1.17876  111 DG X C5    
849 C C6    . DG D 7  ? 5.25145  5.88672  5.55469  1.30021  0.12977  1.06914  111 DG X C6    
850 O O6    . DG D 7  ? 5.34216  5.85611  5.68200  1.39194  0.15700  0.84484  111 DG X O6    
851 N N1    . DG D 7  ? 5.25964  5.71764  5.52045  1.31399  0.11421  1.25146  111 DG X N1    
852 C C2    . DG D 7  ? 5.16601  5.73575  5.38825  1.22194  0.08516  1.50713  111 DG X C2    
853 N N2    . DG D 7  ? 5.19212  5.55758  5.38477  1.25552  0.07660  1.65675  111 DG X N2    
854 N N3    . DG D 7  ? 5.05734  5.91931  5.27564  1.10644  0.06840  1.61168  111 DG X N3    
855 C C4    . DG D 7  ? 5.04899  6.08506  5.30906  1.09061  0.08430  1.43702  111 DG X C4    
# 
